data_5KIE
# 
_entry.id   5KIE 
# 
_audit_conform.dict_name       mmcif_pdbx.dic 
_audit_conform.dict_version    5.391 
_audit_conform.dict_location   http://mmcif.pdb.org/dictionaries/ascii/mmcif_pdbx.dic 
# 
loop_
_database_2.database_id 
_database_2.database_code 
_database_2.pdbx_database_accession 
_database_2.pdbx_DOI 
PDB   5KIE         pdb_00005kie 10.2210/pdb5kie/pdb 
WWPDB D_1000222283 ?            ?                   
BMRB  30115        ?            10.13018/BMR30115   
# 
loop_
_pdbx_audit_revision_history.ordinal 
_pdbx_audit_revision_history.data_content_type 
_pdbx_audit_revision_history.major_revision 
_pdbx_audit_revision_history.minor_revision 
_pdbx_audit_revision_history.revision_date 
1 'Structure model' 1 0 2016-08-24 
2 'Structure model' 1 1 2016-09-21 
3 'Structure model' 1 2 2016-11-02 
4 'Structure model' 1 3 2024-05-01 
# 
_pdbx_audit_revision_details.ordinal             1 
_pdbx_audit_revision_details.revision_ordinal    1 
_pdbx_audit_revision_details.data_content_type   'Structure model' 
_pdbx_audit_revision_details.provider            repository 
_pdbx_audit_revision_details.type                'Initial release' 
_pdbx_audit_revision_details.description         ? 
_pdbx_audit_revision_details.details             ? 
# 
loop_
_pdbx_audit_revision_group.ordinal 
_pdbx_audit_revision_group.revision_ordinal 
_pdbx_audit_revision_group.data_content_type 
_pdbx_audit_revision_group.group 
1 2 'Structure model' 'Database references' 
2 3 'Structure model' 'Database references' 
3 4 'Structure model' 'Data collection'     
4 4 'Structure model' 'Database references' 
5 4 'Structure model' 'Structure summary'   
# 
loop_
_pdbx_audit_revision_category.ordinal 
_pdbx_audit_revision_category.revision_ordinal 
_pdbx_audit_revision_category.data_content_type 
_pdbx_audit_revision_category.category 
1 4 'Structure model' chem_comp_atom        
2 4 'Structure model' chem_comp_bond        
3 4 'Structure model' database_2            
4 4 'Structure model' entity                
5 4 'Structure model' pdbx_nmr_software     
6 4 'Structure model' pdbx_nmr_spectrometer 
# 
loop_
_pdbx_audit_revision_item.ordinal 
_pdbx_audit_revision_item.revision_ordinal 
_pdbx_audit_revision_item.data_content_type 
_pdbx_audit_revision_item.item 
1 4 'Structure model' '_database_2.pdbx_DOI'                
2 4 'Structure model' '_database_2.pdbx_database_accession' 
3 4 'Structure model' '_entity.pdbx_number_of_molecules'    
4 4 'Structure model' '_pdbx_nmr_software.name'             
5 4 'Structure model' '_pdbx_nmr_spectrometer.model'        
# 
_pdbx_database_status.status_code                     REL 
_pdbx_database_status.status_code_sf                  ? 
_pdbx_database_status.status_code_mr                  REL 
_pdbx_database_status.entry_id                        5KIE 
_pdbx_database_status.recvd_initial_deposition_date   2016-06-16 
_pdbx_database_status.SG_entry                        N 
_pdbx_database_status.deposit_site                    RCSB 
_pdbx_database_status.process_site                    RCSB 
_pdbx_database_status.status_code_cs                  REL 
_pdbx_database_status.methods_development_category    ? 
_pdbx_database_status.pdb_format_compatible           Y 
_pdbx_database_status.status_code_nmr_data            ? 
# 
loop_
_pdbx_database_related.db_name 
_pdbx_database_related.details 
_pdbx_database_related.db_id 
_pdbx_database_related.content_type 
BMRB . 30115 unspecified 
PDB  . 5KGV  unspecified 
PDB  . 5KI7  unspecified 
PDB  . 5KIB  unspecified 
PDB  . 5KIF  unspecified 
PDB  . 5KIH  unspecified 
# 
loop_
_audit_author.name 
_audit_author.pdbx_ordinal 
'Evich, M.'            1 
'Spring-Connell, A.M.' 2 
'Storici, F.'          3 
'Germann, M.W.'        4 
# 
_citation.abstract                  ? 
_citation.abstract_id_CAS           ? 
_citation.book_id_ISBN              ? 
_citation.book_publisher            ? 
_citation.book_publisher_city       ? 
_citation.book_title                ? 
_citation.coordinate_linkage        ? 
_citation.country                   GE 
_citation.database_id_Medline       ? 
_citation.details                   ? 
_citation.id                        primary 
_citation.journal_abbrev            Chembiochem 
_citation.journal_id_ASTM           ? 
_citation.journal_id_CSD            ? 
_citation.journal_id_ISSN           1439-7633 
_citation.journal_full              ? 
_citation.journal_issue             ? 
_citation.journal_volume            17 
_citation.language                  ? 
_citation.page_first                1968 
_citation.page_last                 1977 
_citation.title                     'Structural Impact of Single Ribonucleotide Residues in DNA.' 
_citation.year                      2016 
_citation.database_id_CSD           ? 
_citation.pdbx_database_id_DOI      10.1002/cbic.201600385 
_citation.pdbx_database_id_PubMed   27504600 
_citation.unpublished_flag          ? 
# 
loop_
_citation_author.citation_id 
_citation_author.name 
_citation_author.ordinal 
_citation_author.identifier_ORCID 
primary 'Evich, M.'            1 ? 
primary 'Spring-Connell, A.M.' 2 ? 
primary 'Storici, F.'          3 ? 
primary 'Germann, M.W.'        4 ? 
# 
loop_
_entity.id 
_entity.type 
_entity.src_method 
_entity.pdbx_description 
_entity.formula_weight 
_entity.pdbx_number_of_molecules 
_entity.pdbx_ec 
_entity.pdbx_mutation 
_entity.pdbx_fragment 
_entity.details 
1 polymer syn 
;DNA/RNA (5'-D(*AP*TP*GP*GP*A)-R(P*G)-D(P*CP*TP*C)-3')
;
2771.823 1 ? ? ? ? 
2 polymer syn 
;DNA (5'-D(*GP*AP*GP*CP*TP*CP*CP*AP*T)-3')
;
2715.799 1 ? ? ? ? 
# 
loop_
_entity_poly.entity_id 
_entity_poly.type 
_entity_poly.nstd_linkage 
_entity_poly.nstd_monomer 
_entity_poly.pdbx_seq_one_letter_code 
_entity_poly.pdbx_seq_one_letter_code_can 
_entity_poly.pdbx_strand_id 
_entity_poly.pdbx_target_identifier 
1 'polydeoxyribonucleotide/polyribonucleotide hybrid' no no '(DA)(DT)(DG)(DG)(DA)G(DC)(DT)(DC)'    ATGGAGCTC A ? 
2 polydeoxyribonucleotide                             no no '(DG)(DA)(DG)(DC)(DT)(DC)(DC)(DA)(DT)' GAGCTCCAT B ? 
# 
loop_
_entity_poly_seq.entity_id 
_entity_poly_seq.num 
_entity_poly_seq.mon_id 
_entity_poly_seq.hetero 
1 1 DA n 
1 2 DT n 
1 3 DG n 
1 4 DG n 
1 5 DA n 
1 6 G  n 
1 7 DC n 
1 8 DT n 
1 9 DC n 
2 1 DG n 
2 2 DA n 
2 3 DG n 
2 4 DC n 
2 5 DT n 
2 6 DC n 
2 7 DC n 
2 8 DA n 
2 9 DT n 
# 
loop_
_pdbx_entity_src_syn.entity_id 
_pdbx_entity_src_syn.pdbx_src_id 
_pdbx_entity_src_syn.pdbx_alt_source_flag 
_pdbx_entity_src_syn.pdbx_beg_seq_num 
_pdbx_entity_src_syn.pdbx_end_seq_num 
_pdbx_entity_src_syn.organism_scientific 
_pdbx_entity_src_syn.organism_common_name 
_pdbx_entity_src_syn.ncbi_taxonomy_id 
_pdbx_entity_src_syn.details 
1 1 sample 1 9 'synthetic construct' ? 32630 ? 
2 1 sample 1 9 'synthetic construct' ? 32630 ? 
# 
loop_
_chem_comp.id 
_chem_comp.type 
_chem_comp.mon_nstd_flag 
_chem_comp.name 
_chem_comp.pdbx_synonyms 
_chem_comp.formula 
_chem_comp.formula_weight 
DA 'DNA linking' y "2'-DEOXYADENOSINE-5'-MONOPHOSPHATE" ? 'C10 H14 N5 O6 P' 331.222 
DC 'DNA linking' y "2'-DEOXYCYTIDINE-5'-MONOPHOSPHATE"  ? 'C9 H14 N3 O7 P'  307.197 
DG 'DNA linking' y "2'-DEOXYGUANOSINE-5'-MONOPHOSPHATE" ? 'C10 H14 N5 O7 P' 347.221 
DT 'DNA linking' y "THYMIDINE-5'-MONOPHOSPHATE"         ? 'C10 H15 N2 O8 P' 322.208 
G  'RNA linking' y "GUANOSINE-5'-MONOPHOSPHATE"         ? 'C10 H14 N5 O8 P' 363.221 
# 
loop_
_pdbx_poly_seq_scheme.asym_id 
_pdbx_poly_seq_scheme.entity_id 
_pdbx_poly_seq_scheme.seq_id 
_pdbx_poly_seq_scheme.mon_id 
_pdbx_poly_seq_scheme.ndb_seq_num 
_pdbx_poly_seq_scheme.pdb_seq_num 
_pdbx_poly_seq_scheme.auth_seq_num 
_pdbx_poly_seq_scheme.pdb_mon_id 
_pdbx_poly_seq_scheme.auth_mon_id 
_pdbx_poly_seq_scheme.pdb_strand_id 
_pdbx_poly_seq_scheme.pdb_ins_code 
_pdbx_poly_seq_scheme.hetero 
A 1 1 DA 1 1  1  DA DA A . n 
A 1 2 DT 2 2  2  DT DT A . n 
A 1 3 DG 3 3  3  DG DG A . n 
A 1 4 DG 4 4  4  DG DG A . n 
A 1 5 DA 5 5  5  DA DA A . n 
A 1 6 G  6 6  6  G  G  A . n 
A 1 7 DC 7 7  7  DC DC A . n 
A 1 8 DT 8 8  8  DT DT A . n 
A 1 9 DC 9 9  9  DC DC A . n 
B 2 1 DG 1 10 10 DG DG B . n 
B 2 2 DA 2 11 11 DA DA B . n 
B 2 3 DG 3 12 12 DG DG B . n 
B 2 4 DC 4 13 13 DC DC B . n 
B 2 5 DT 5 14 14 DT DT B . n 
B 2 6 DC 6 15 15 DC DC B . n 
B 2 7 DC 7 16 16 DC DC B . n 
B 2 8 DA 8 17 17 DA DA B . n 
B 2 9 DT 9 18 18 DT DT B . n 
# 
_exptl.absorpt_coefficient_mu     ? 
_exptl.absorpt_correction_T_max   ? 
_exptl.absorpt_correction_T_min   ? 
_exptl.absorpt_correction_type    ? 
_exptl.absorpt_process_details    ? 
_exptl.entry_id                   5KIE 
_exptl.crystals_number            ? 
_exptl.details                    ? 
_exptl.method                     'SOLUTION NMR' 
_exptl.method_details             ? 
# 
_struct.entry_id                     5KIE 
_struct.title                        'Structural impact of single ribonucleotides in DNA' 
_struct.pdbx_model_details           ? 
_struct.pdbx_formula_weight          ? 
_struct.pdbx_formula_weight_method   ? 
_struct.pdbx_model_type_details      ? 
_struct.pdbx_CASP_flag               N 
# 
_struct_keywords.entry_id        5KIE 
_struct_keywords.text            'DNA, RNA, Ribonucleotides' 
_struct_keywords.pdbx_keywords   DNA 
# 
loop_
_struct_asym.id 
_struct_asym.pdbx_blank_PDB_chainid_flag 
_struct_asym.pdbx_modified 
_struct_asym.entity_id 
_struct_asym.details 
A N N 1 ? 
B N N 2 ? 
# 
loop_
_struct_ref.id 
_struct_ref.db_name 
_struct_ref.db_code 
_struct_ref.pdbx_db_accession 
_struct_ref.pdbx_db_isoform 
_struct_ref.entity_id 
_struct_ref.pdbx_seq_one_letter_code 
_struct_ref.pdbx_align_begin 
1 PDB 5KIE 5KIE ? 1 ? 1 
2 PDB 5KIE 5KIE ? 2 ? 1 
# 
loop_
_struct_ref_seq.align_id 
_struct_ref_seq.ref_id 
_struct_ref_seq.pdbx_PDB_id_code 
_struct_ref_seq.pdbx_strand_id 
_struct_ref_seq.seq_align_beg 
_struct_ref_seq.pdbx_seq_align_beg_ins_code 
_struct_ref_seq.seq_align_end 
_struct_ref_seq.pdbx_seq_align_end_ins_code 
_struct_ref_seq.pdbx_db_accession 
_struct_ref_seq.db_align_beg 
_struct_ref_seq.pdbx_db_align_beg_ins_code 
_struct_ref_seq.db_align_end 
_struct_ref_seq.pdbx_db_align_end_ins_code 
_struct_ref_seq.pdbx_auth_seq_align_beg 
_struct_ref_seq.pdbx_auth_seq_align_end 
1 1 5KIE A 1 ? 9 ? 5KIE 1  ? 9  ? 1  9  
2 2 5KIE B 1 ? 9 ? 5KIE 10 ? 18 ? 10 18 
# 
_pdbx_struct_assembly.id                   1 
_pdbx_struct_assembly.details              author_defined_assembly 
_pdbx_struct_assembly.method_details       ? 
_pdbx_struct_assembly.oligomeric_details   dimeric 
_pdbx_struct_assembly.oligomeric_count     2 
# 
loop_
_pdbx_struct_assembly_prop.biol_id 
_pdbx_struct_assembly_prop.type 
_pdbx_struct_assembly_prop.value 
_pdbx_struct_assembly_prop.details 
1 'ABSA (A^2)' 800  ? 
1 MORE         -6   ? 
1 'SSA (A^2)'  3620 ? 
# 
_pdbx_struct_assembly_gen.assembly_id       1 
_pdbx_struct_assembly_gen.oper_expression   1 
_pdbx_struct_assembly_gen.asym_id_list      A,B 
# 
_pdbx_struct_oper_list.id                   1 
_pdbx_struct_oper_list.type                 'identity operation' 
_pdbx_struct_oper_list.name                 1_555 
_pdbx_struct_oper_list.symmetry_operation   ? 
_pdbx_struct_oper_list.matrix[1][1]         1.0000000000 
_pdbx_struct_oper_list.matrix[1][2]         0.0000000000 
_pdbx_struct_oper_list.matrix[1][3]         0.0000000000 
_pdbx_struct_oper_list.vector[1]            0.0000000000 
_pdbx_struct_oper_list.matrix[2][1]         0.0000000000 
_pdbx_struct_oper_list.matrix[2][2]         1.0000000000 
_pdbx_struct_oper_list.matrix[2][3]         0.0000000000 
_pdbx_struct_oper_list.vector[2]            0.0000000000 
_pdbx_struct_oper_list.matrix[3][1]         0.0000000000 
_pdbx_struct_oper_list.matrix[3][2]         0.0000000000 
_pdbx_struct_oper_list.matrix[3][3]         1.0000000000 
_pdbx_struct_oper_list.vector[3]            0.0000000000 
# 
loop_
_struct_conn.id 
_struct_conn.conn_type_id 
_struct_conn.pdbx_leaving_atom_flag 
_struct_conn.pdbx_PDB_id 
_struct_conn.ptnr1_label_asym_id 
_struct_conn.ptnr1_label_comp_id 
_struct_conn.ptnr1_label_seq_id 
_struct_conn.ptnr1_label_atom_id 
_struct_conn.pdbx_ptnr1_label_alt_id 
_struct_conn.pdbx_ptnr1_PDB_ins_code 
_struct_conn.pdbx_ptnr1_standard_comp_id 
_struct_conn.ptnr1_symmetry 
_struct_conn.ptnr2_label_asym_id 
_struct_conn.ptnr2_label_comp_id 
_struct_conn.ptnr2_label_seq_id 
_struct_conn.ptnr2_label_atom_id 
_struct_conn.pdbx_ptnr2_label_alt_id 
_struct_conn.pdbx_ptnr2_PDB_ins_code 
_struct_conn.ptnr1_auth_asym_id 
_struct_conn.ptnr1_auth_comp_id 
_struct_conn.ptnr1_auth_seq_id 
_struct_conn.ptnr2_auth_asym_id 
_struct_conn.ptnr2_auth_comp_id 
_struct_conn.ptnr2_auth_seq_id 
_struct_conn.ptnr2_symmetry 
_struct_conn.pdbx_ptnr3_label_atom_id 
_struct_conn.pdbx_ptnr3_label_seq_id 
_struct_conn.pdbx_ptnr3_label_comp_id 
_struct_conn.pdbx_ptnr3_label_asym_id 
_struct_conn.pdbx_ptnr3_label_alt_id 
_struct_conn.pdbx_ptnr3_PDB_ins_code 
_struct_conn.details 
_struct_conn.pdbx_dist_value 
_struct_conn.pdbx_value_order 
_struct_conn.pdbx_role 
hydrog1  hydrog ? ? A DA 1 N1 ? ? ? 1_555 B DT 9 N3 ? ? A DA 1 B DT 18 1_555 ? ? ? ? ? ? WATSON-CRICK ? ? ? 
hydrog2  hydrog ? ? A DA 1 N6 ? ? ? 1_555 B DT 9 O4 ? ? A DA 1 B DT 18 1_555 ? ? ? ? ? ? WATSON-CRICK ? ? ? 
hydrog3  hydrog ? ? A DT 2 N3 ? ? ? 1_555 B DA 8 N1 ? ? A DT 2 B DA 17 1_555 ? ? ? ? ? ? WATSON-CRICK ? ? ? 
hydrog4  hydrog ? ? A DT 2 O4 ? ? ? 1_555 B DA 8 N6 ? ? A DT 2 B DA 17 1_555 ? ? ? ? ? ? WATSON-CRICK ? ? ? 
hydrog5  hydrog ? ? A DG 3 N1 ? ? ? 1_555 B DC 7 N3 ? ? A DG 3 B DC 16 1_555 ? ? ? ? ? ? WATSON-CRICK ? ? ? 
hydrog6  hydrog ? ? A DG 3 N2 ? ? ? 1_555 B DC 7 O2 ? ? A DG 3 B DC 16 1_555 ? ? ? ? ? ? WATSON-CRICK ? ? ? 
hydrog7  hydrog ? ? A DG 3 O6 ? ? ? 1_555 B DC 7 N4 ? ? A DG 3 B DC 16 1_555 ? ? ? ? ? ? WATSON-CRICK ? ? ? 
hydrog8  hydrog ? ? A DG 4 N1 ? ? ? 1_555 B DC 6 N3 ? ? A DG 4 B DC 15 1_555 ? ? ? ? ? ? WATSON-CRICK ? ? ? 
hydrog9  hydrog ? ? A DG 4 N2 ? ? ? 1_555 B DC 6 O2 ? ? A DG 4 B DC 15 1_555 ? ? ? ? ? ? WATSON-CRICK ? ? ? 
hydrog10 hydrog ? ? A DG 4 O6 ? ? ? 1_555 B DC 6 N4 ? ? A DG 4 B DC 15 1_555 ? ? ? ? ? ? WATSON-CRICK ? ? ? 
hydrog11 hydrog ? ? A DA 5 N1 ? ? ? 1_555 B DT 5 N3 ? ? A DA 5 B DT 14 1_555 ? ? ? ? ? ? WATSON-CRICK ? ? ? 
hydrog12 hydrog ? ? A DA 5 N6 ? ? ? 1_555 B DT 5 O4 ? ? A DA 5 B DT 14 1_555 ? ? ? ? ? ? WATSON-CRICK ? ? ? 
hydrog13 hydrog ? ? A G  6 N1 ? ? ? 1_555 B DC 4 N3 ? ? A G  6 B DC 13 1_555 ? ? ? ? ? ? WATSON-CRICK ? ? ? 
hydrog14 hydrog ? ? A G  6 N2 ? ? ? 1_555 B DC 4 O2 ? ? A G  6 B DC 13 1_555 ? ? ? ? ? ? WATSON-CRICK ? ? ? 
hydrog15 hydrog ? ? A G  6 O6 ? ? ? 1_555 B DC 4 N4 ? ? A G  6 B DC 13 1_555 ? ? ? ? ? ? WATSON-CRICK ? ? ? 
hydrog16 hydrog ? ? A DC 7 N3 ? ? ? 1_555 B DG 3 N1 ? ? A DC 7 B DG 12 1_555 ? ? ? ? ? ? WATSON-CRICK ? ? ? 
hydrog17 hydrog ? ? A DC 7 N4 ? ? ? 1_555 B DG 3 O6 ? ? A DC 7 B DG 12 1_555 ? ? ? ? ? ? WATSON-CRICK ? ? ? 
hydrog18 hydrog ? ? A DC 7 O2 ? ? ? 1_555 B DG 3 N2 ? ? A DC 7 B DG 12 1_555 ? ? ? ? ? ? WATSON-CRICK ? ? ? 
hydrog19 hydrog ? ? A DT 8 N3 ? ? ? 1_555 B DA 2 N1 ? ? A DT 8 B DA 11 1_555 ? ? ? ? ? ? WATSON-CRICK ? ? ? 
hydrog20 hydrog ? ? A DT 8 O4 ? ? ? 1_555 B DA 2 N6 ? ? A DT 8 B DA 11 1_555 ? ? ? ? ? ? WATSON-CRICK ? ? ? 
hydrog21 hydrog ? ? A DC 9 N3 ? ? ? 1_555 B DG 1 N1 ? ? A DC 9 B DG 10 1_555 ? ? ? ? ? ? WATSON-CRICK ? ? ? 
hydrog22 hydrog ? ? A DC 9 N4 ? ? ? 1_555 B DG 1 O6 ? ? A DC 9 B DG 10 1_555 ? ? ? ? ? ? WATSON-CRICK ? ? ? 
hydrog23 hydrog ? ? A DC 9 O2 ? ? ? 1_555 B DG 1 N2 ? ? A DC 9 B DG 10 1_555 ? ? ? ? ? ? WATSON-CRICK ? ? ? 
# 
_struct_conn_type.id          hydrog 
_struct_conn_type.criteria    ? 
_struct_conn_type.reference   ? 
# 
loop_
_pdbx_validate_rmsd_bond.id 
_pdbx_validate_rmsd_bond.PDB_model_num 
_pdbx_validate_rmsd_bond.auth_atom_id_1 
_pdbx_validate_rmsd_bond.auth_asym_id_1 
_pdbx_validate_rmsd_bond.auth_comp_id_1 
_pdbx_validate_rmsd_bond.auth_seq_id_1 
_pdbx_validate_rmsd_bond.PDB_ins_code_1 
_pdbx_validate_rmsd_bond.label_alt_id_1 
_pdbx_validate_rmsd_bond.auth_atom_id_2 
_pdbx_validate_rmsd_bond.auth_asym_id_2 
_pdbx_validate_rmsd_bond.auth_comp_id_2 
_pdbx_validate_rmsd_bond.auth_seq_id_2 
_pdbx_validate_rmsd_bond.PDB_ins_code_2 
_pdbx_validate_rmsd_bond.label_alt_id_2 
_pdbx_validate_rmsd_bond.bond_value 
_pdbx_validate_rmsd_bond.bond_target_value 
_pdbx_validate_rmsd_bond.bond_deviation 
_pdbx_validate_rmsd_bond.bond_standard_deviation 
_pdbx_validate_rmsd_bond.linker_flag 
1  1 "O3'" A DG 3  ? ? "C3'" A DG 3  ? ? 1.372 1.419 -0.047 0.006 N 
2  1 C6    A DG 3  ? ? N1    A DG 3  ? ? 1.341 1.391 -0.050 0.007 N 
3  1 "O3'" A DG 3  ? ? P     A DG 4  ? ? 1.490 1.607 -0.117 0.012 Y 
4  1 "C2'" A G  6  ? ? "C1'" A G  6  ? ? 1.474 1.526 -0.052 0.008 N 
5  1 "C3'" A DT 8  ? ? "C2'" A DT 8  ? ? 1.448 1.516 -0.068 0.008 N 
6  1 "O3'" A DT 8  ? ? "C3'" A DT 8  ? ? 1.381 1.419 -0.038 0.006 N 
7  1 "C3'" A DC 9  ? ? "C2'" A DC 9  ? ? 1.462 1.516 -0.054 0.008 N 
8  1 "C2'" B DG 12 ? ? "C1'" B DG 12 ? ? 1.417 1.518 -0.101 0.010 N 
9  1 C2    B DG 12 ? ? N2    B DG 12 ? ? 1.277 1.341 -0.064 0.010 N 
10 1 "O4'" B DC 16 ? ? "C4'" B DC 16 ? ? 1.383 1.446 -0.063 0.010 N 
11 1 N1    B DC 16 ? ? C6    B DC 16 ? ? 1.330 1.367 -0.037 0.006 N 
12 1 "O3'" B DT 18 ? ? "C3'" B DT 18 ? ? 1.382 1.419 -0.037 0.006 N 
13 2 C2    A DG 3  ? ? N2    A DG 3  ? ? 1.268 1.341 -0.073 0.010 N 
14 2 N1    A G  6  ? ? C2    A G  6  ? ? 1.321 1.373 -0.052 0.008 N 
15 2 C4    A DC 7  ? ? N4    A DC 7  ? ? 1.281 1.335 -0.054 0.009 N 
16 2 "O4'" A DT 8  ? ? "C4'" A DT 8  ? ? 1.379 1.446 -0.067 0.010 N 
17 2 C4    A DC 9  ? ? N4    A DC 9  ? ? 1.277 1.335 -0.058 0.009 N 
18 2 C2    B DG 10 ? ? N2    B DG 10 ? ? 1.278 1.341 -0.063 0.010 N 
19 2 "O3'" B DA 11 ? ? "C3'" B DA 11 ? ? 1.381 1.419 -0.038 0.006 N 
20 2 "C3'" B DG 12 ? ? "C2'" B DG 12 ? ? 1.407 1.516 -0.109 0.008 N 
21 2 "C2'" B DG 12 ? ? "C1'" B DG 12 ? ? 1.452 1.518 -0.066 0.010 N 
22 2 "O4'" B DG 12 ? ? "C1'" B DG 12 ? ? 1.334 1.418 -0.084 0.012 N 
23 2 "O3'" B DG 12 ? ? "C3'" B DG 12 ? ? 1.363 1.419 -0.056 0.006 N 
24 2 C2    B DG 12 ? ? N2    B DG 12 ? ? 1.276 1.341 -0.065 0.010 N 
25 2 C4    B DC 13 ? ? N4    B DC 13 ? ? 1.275 1.335 -0.060 0.009 N 
26 2 "O3'" B DA 17 ? ? P     B DT 18 ? ? 1.534 1.607 -0.073 0.012 Y 
27 2 "C3'" B DT 18 ? ? "C2'" B DT 18 ? ? 1.436 1.516 -0.080 0.008 N 
28 2 "O3'" B DT 18 ? ? "C3'" B DT 18 ? ? 1.353 1.419 -0.066 0.006 N 
29 3 "C3'" A DA 1  ? ? "C2'" A DA 1  ? ? 1.433 1.516 -0.083 0.008 N 
30 3 N9    A DA 1  ? ? C4    A DA 1  ? ? 1.336 1.374 -0.038 0.006 N 
31 3 C6    A DA 1  ? ? N6    A DA 1  ? ? 1.266 1.335 -0.069 0.008 N 
32 3 "C3'" A DT 2  ? ? "C2'" A DT 2  ? ? 1.468 1.516 -0.048 0.008 N 
33 3 C2    A G  6  ? ? N2    A G  6  ? ? 1.277 1.341 -0.064 0.010 N 
34 3 "C5'" A DC 9  ? ? "C4'" A DC 9  ? ? 1.560 1.512 0.048  0.007 N 
35 3 "O3'" A DC 9  ? ? "C3'" A DC 9  ? ? 1.375 1.419 -0.044 0.006 N 
36 3 "C3'" B DG 10 ? ? "C2'" B DG 10 ? ? 1.438 1.516 -0.078 0.008 N 
37 3 "O4'" B DG 10 ? ? "C4'" B DG 10 ? ? 1.349 1.446 -0.097 0.010 N 
38 3 C6    B DG 10 ? ? N1    B DG 10 ? ? 1.348 1.391 -0.043 0.007 N 
39 3 "C4'" B DA 11 ? ? "C3'" B DA 11 ? ? 1.436 1.521 -0.085 0.010 N 
40 3 "C3'" B DA 11 ? ? "C2'" B DA 11 ? ? 1.292 1.516 -0.224 0.008 N 
41 3 "C2'" B DA 11 ? ? "C1'" B DA 11 ? ? 1.320 1.518 -0.198 0.010 N 
42 3 "O4'" B DA 11 ? ? "C1'" B DA 11 ? ? 1.293 1.418 -0.125 0.012 N 
43 3 "O4'" B DA 11 ? ? "C4'" B DA 11 ? ? 1.381 1.446 -0.065 0.010 N 
44 3 "O3'" B DA 11 ? ? "C3'" B DA 11 ? ? 1.346 1.419 -0.073 0.006 N 
45 3 "C3'" B DG 12 ? ? "C2'" B DG 12 ? ? 1.220 1.516 -0.296 0.008 N 
46 3 "C2'" B DG 12 ? ? "C1'" B DG 12 ? ? 1.372 1.518 -0.146 0.010 N 
47 3 "O4'" B DG 12 ? ? "C1'" B DG 12 ? ? 1.306 1.418 -0.112 0.012 N 
48 3 "O3'" B DG 12 ? ? "C3'" B DG 12 ? ? 1.291 1.419 -0.128 0.006 N 
49 3 N3    B DC 15 ? ? C4    B DC 15 ? ? 1.286 1.335 -0.049 0.007 N 
50 3 "C3'" B DC 16 ? ? "C2'" B DC 16 ? ? 1.330 1.516 -0.186 0.008 N 
51 3 "C2'" B DC 16 ? ? "C1'" B DC 16 ? ? 1.385 1.518 -0.133 0.010 N 
52 3 "O4'" B DC 16 ? ? "C1'" B DC 16 ? ? 1.325 1.418 -0.093 0.012 N 
53 3 "O4'" B DC 16 ? ? "C4'" B DC 16 ? ? 1.337 1.446 -0.109 0.010 N 
54 3 "O3'" B DC 16 ? ? "C3'" B DC 16 ? ? 1.361 1.419 -0.058 0.006 N 
55 3 C4    B DC 16 ? ? N4    B DC 16 ? ? 1.262 1.335 -0.073 0.009 N 
56 3 C4    B DC 16 ? ? C5    B DC 16 ? ? 1.368 1.425 -0.057 0.008 N 
57 3 C5    B DC 16 ? ? C6    B DC 16 ? ? 1.275 1.339 -0.064 0.008 N 
58 3 "C3'" B DA 17 ? ? "C2'" B DA 17 ? ? 1.345 1.516 -0.171 0.008 N 
59 3 "C2'" B DA 17 ? ? "C1'" B DA 17 ? ? 1.430 1.518 -0.088 0.010 N 
60 3 "O4'" B DA 17 ? ? "C1'" B DA 17 ? ? 1.299 1.418 -0.119 0.012 N 
61 3 "O3'" B DA 17 ? ? "C3'" B DA 17 ? ? 1.303 1.419 -0.116 0.006 N 
62 3 C4    B DA 17 ? ? C5    B DA 17 ? ? 1.330 1.383 -0.053 0.007 N 
63 3 C6    B DA 17 ? ? N1    B DA 17 ? ? 1.291 1.351 -0.060 0.007 N 
64 3 "O3'" B DA 17 ? ? P     B DT 18 ? ? 1.475 1.607 -0.132 0.012 Y 
# 
loop_
_pdbx_validate_rmsd_angle.id 
_pdbx_validate_rmsd_angle.PDB_model_num 
_pdbx_validate_rmsd_angle.auth_atom_id_1 
_pdbx_validate_rmsd_angle.auth_asym_id_1 
_pdbx_validate_rmsd_angle.auth_comp_id_1 
_pdbx_validate_rmsd_angle.auth_seq_id_1 
_pdbx_validate_rmsd_angle.PDB_ins_code_1 
_pdbx_validate_rmsd_angle.label_alt_id_1 
_pdbx_validate_rmsd_angle.auth_atom_id_2 
_pdbx_validate_rmsd_angle.auth_asym_id_2 
_pdbx_validate_rmsd_angle.auth_comp_id_2 
_pdbx_validate_rmsd_angle.auth_seq_id_2 
_pdbx_validate_rmsd_angle.PDB_ins_code_2 
_pdbx_validate_rmsd_angle.label_alt_id_2 
_pdbx_validate_rmsd_angle.auth_atom_id_3 
_pdbx_validate_rmsd_angle.auth_asym_id_3 
_pdbx_validate_rmsd_angle.auth_comp_id_3 
_pdbx_validate_rmsd_angle.auth_seq_id_3 
_pdbx_validate_rmsd_angle.PDB_ins_code_3 
_pdbx_validate_rmsd_angle.label_alt_id_3 
_pdbx_validate_rmsd_angle.angle_value 
_pdbx_validate_rmsd_angle.angle_target_value 
_pdbx_validate_rmsd_angle.angle_deviation 
_pdbx_validate_rmsd_angle.angle_standard_deviation 
_pdbx_validate_rmsd_angle.linker_flag 
1   1 C4    A DA 1  ? ? C5    A DA 1  ? ? C6    A DA 1  ? ? 112.85 117.00 -4.15 0.50 N 
2   1 C5    A DA 1  ? ? C6    A DA 1  ? ? N1    A DA 1  ? ? 122.35 117.70 4.65  0.50 N 
3   1 N1    A DA 1  ? ? C6    A DA 1  ? ? N6    A DA 1  ? ? 111.63 118.60 -6.97 0.60 N 
4   1 "O4'" A DT 2  ? ? "C1'" A DT 2  ? ? N1    A DT 2  ? ? 112.88 108.30 4.58  0.30 N 
5   1 N1    A DT 2  ? ? C2    A DT 2  ? ? N3    A DT 2  ? ? 118.37 114.60 3.77  0.60 N 
6   1 N3    A DT 2  ? ? C2    A DT 2  ? ? O2    A DT 2  ? ? 117.03 122.30 -5.27 0.60 N 
7   1 C6    A DT 2  ? ? C5    A DT 2  ? ? C7    A DT 2  ? ? 118.12 122.90 -4.78 0.60 N 
8   1 "O4'" A DG 3  ? ? "C4'" A DG 3  ? ? "C3'" A DG 3  ? ? 109.76 106.00 3.76  0.60 N 
9   1 "O4'" A DG 3  ? ? "C1'" A DG 3  ? ? N9    A DG 3  ? ? 112.66 108.30 4.36  0.30 N 
10  1 C5    A DG 3  ? ? C6    A DG 3  ? ? N1    A DG 3  ? ? 114.71 111.50 3.21  0.50 N 
11  1 "C3'" A DG 3  ? ? "O3'" A DG 3  ? ? P     A DG 4  ? ? 134.75 119.70 15.05 1.20 Y 
12  1 N1    A DG 4  ? ? C6    A DG 4  ? ? O6    A DG 4  ? ? 115.98 119.90 -3.92 0.60 N 
13  1 C4    A DA 5  ? ? C5    A DA 5  ? ? C6    A DA 5  ? ? 113.27 117.00 -3.73 0.50 N 
14  1 N1    A DA 5  ? ? C6    A DA 5  ? ? N6    A DA 5  ? ? 112.15 118.60 -6.45 0.60 N 
15  1 "O4'" A G  6  ? ? "C1'" A G  6  ? ? N9    A G  6  ? ? 117.62 108.50 9.12  0.70 N 
16  1 C4    A G  6  ? ? C5    A G  6  ? ? N7    A G  6  ? ? 108.27 110.80 -2.53 0.40 N 
17  1 "O4'" A DC 7  ? ? "C1'" A DC 7  ? ? N1    A DC 7  ? ? 111.65 108.30 3.35  0.30 N 
18  1 "C3'" A DT 8  ? ? "C2'" A DT 8  ? ? "C1'" A DT 8  ? ? 110.56 102.50 8.06  1.20 N 
19  1 "O4'" A DT 8  ? ? "C1'" A DT 8  ? ? N1    A DT 8  ? ? 113.76 108.30 5.46  0.30 N 
20  1 C4    A DT 8  ? ? C5    A DT 8  ? ? C7    A DT 8  ? ? 123.37 119.00 4.37  0.60 N 
21  1 C6    A DT 8  ? ? C5    A DT 8  ? ? C7    A DT 8  ? ? 115.91 122.90 -6.99 0.60 N 
22  1 "O4'" A DC 9  ? ? "C1'" A DC 9  ? ? N1    A DC 9  ? ? 111.64 108.30 3.34  0.30 N 
23  1 "O4'" B DG 10 ? ? "C1'" B DG 10 ? ? N9    B DG 10 ? ? 113.44 108.30 5.14  0.30 N 
24  1 N1    B DG 10 ? ? C6    B DG 10 ? ? O6    B DG 10 ? ? 116.14 119.90 -3.76 0.60 N 
25  1 "O4'" B DA 11 ? ? "C1'" B DA 11 ? ? N9    B DA 11 ? ? 111.21 108.30 2.91  0.30 N 
26  1 C5    B DA 11 ? ? C6    B DA 11 ? ? N1    B DA 11 ? ? 121.52 117.70 3.82  0.50 N 
27  1 "C3'" B DG 12 ? ? "C2'" B DG 12 ? ? "C1'" B DG 12 ? ? 111.50 102.50 9.00  1.20 N 
28  1 "O4'" B DG 12 ? ? "C1'" B DG 12 ? ? "C2'" B DG 12 ? ? 100.45 105.90 -5.45 0.80 N 
29  1 "O4'" B DG 12 ? ? "C1'" B DG 12 ? ? N9    B DG 12 ? ? 116.27 108.30 7.97  0.30 N 
30  1 C4    B DG 12 ? ? C5    B DG 12 ? ? N7    B DG 12 ? ? 108.00 110.80 -2.80 0.40 N 
31  1 C6    B DG 12 ? ? C5    B DG 12 ? ? N7    B DG 12 ? ? 134.27 130.40 3.87  0.60 N 
32  1 "O4'" B DC 13 ? ? "C1'" B DC 13 ? ? N1    B DC 13 ? ? 110.34 108.30 2.04  0.30 N 
33  1 C6    B DT 14 ? ? C5    B DT 14 ? ? C7    B DT 14 ? ? 118.02 122.90 -4.88 0.60 N 
34  1 "O4'" B DC 16 ? ? "C1'" B DC 16 ? ? N1    B DC 16 ? ? 111.32 108.30 3.02  0.30 N 
35  1 "O4'" B DA 17 ? ? "C1'" B DA 17 ? ? N9    B DA 17 ? ? 112.87 108.30 4.57  0.30 N 
36  1 N7    B DA 17 ? ? C8    B DA 17 ? ? N9    B DA 17 ? ? 117.38 113.80 3.58  0.50 N 
37  1 C8    B DA 17 ? ? N9    B DA 17 ? ? C4    B DA 17 ? ? 103.03 105.80 -2.77 0.40 N 
38  1 N1    B DA 17 ? ? C6    B DA 17 ? ? N6    B DA 17 ? ? 112.25 118.60 -6.35 0.60 N 
39  1 "O4'" B DT 18 ? ? "C1'" B DT 18 ? ? N1    B DT 18 ? ? 110.53 108.30 2.23  0.30 N 
40  1 N3    B DT 18 ? ? C2    B DT 18 ? ? O2    B DT 18 ? ? 116.75 122.30 -5.55 0.60 N 
41  1 N3    B DT 18 ? ? C4    B DT 18 ? ? O4    B DT 18 ? ? 116.24 119.90 -3.66 0.60 N 
42  1 C6    B DT 18 ? ? C5    B DT 18 ? ? C7    B DT 18 ? ? 119.10 122.90 -3.80 0.60 N 
43  2 C4    A DA 1  ? ? C5    A DA 1  ? ? C6    A DA 1  ? ? 113.00 117.00 -4.00 0.50 N 
44  2 C5    A DA 1  ? ? C6    A DA 1  ? ? N1    A DA 1  ? ? 120.85 117.70 3.15  0.50 N 
45  2 N9    A DA 1  ? ? C4    A DA 1  ? ? C5    A DA 1  ? ? 108.22 105.80 2.42  0.40 N 
46  2 C6    A DA 1  ? ? C5    A DA 1  ? ? N7    A DA 1  ? ? 137.24 132.30 4.94  0.70 N 
47  2 N1    A DA 1  ? ? C6    A DA 1  ? ? N6    A DA 1  ? ? 112.55 118.60 -6.05 0.60 N 
48  2 "O4'" A DT 2  ? ? "C1'" A DT 2  ? ? N1    A DT 2  ? ? 110.69 108.30 2.39  0.30 N 
49  2 "O4'" A DG 4  ? ? "C1'" A DG 4  ? ? N9    A DG 4  ? ? 111.11 108.30 2.81  0.30 N 
50  2 "C5'" A DA 5  ? ? "C4'" A DA 5  ? ? "O4'" A DA 5  ? ? 116.67 109.80 6.87  1.10 N 
51  2 N1    A DA 5  ? ? C6    A DA 5  ? ? N6    A DA 5  ? ? 113.33 118.60 -5.27 0.60 N 
52  2 "O4'" A G  6  ? ? "C1'" A G  6  ? ? N9    A G  6  ? ? 113.59 108.50 5.09  0.70 N 
53  2 "O4'" A DC 7  ? ? "C1'" A DC 7  ? ? N1    A DC 7  ? ? 113.55 108.30 5.25  0.30 N 
54  2 "O4'" A DT 8  ? ? "C1'" A DT 8  ? ? N1    A DT 8  ? ? 115.28 108.30 6.98  0.30 N 
55  2 N1    A DT 8  ? ? C2    A DT 8  ? ? N3    A DT 8  ? ? 118.49 114.60 3.89  0.60 N 
56  2 N3    A DT 8  ? ? C2    A DT 8  ? ? O2    A DT 8  ? ? 116.65 122.30 -5.65 0.60 N 
57  2 C6    A DT 8  ? ? C5    A DT 8  ? ? C7    A DT 8  ? ? 118.41 122.90 -4.49 0.60 N 
58  2 "O4'" A DC 9  ? ? "C1'" A DC 9  ? ? N1    A DC 9  ? ? 113.90 108.30 5.60  0.30 N 
59  2 "O4'" B DG 10 ? ? "C1'" B DG 10 ? ? N9    B DG 10 ? ? 112.87 108.30 4.57  0.30 N 
60  2 N3    B DG 10 ? ? C4    B DG 10 ? ? C5    B DG 10 ? ? 125.42 128.60 -3.18 0.50 N 
61  2 C4    B DG 10 ? ? C5    B DG 10 ? ? N7    B DG 10 ? ? 108.27 110.80 -2.53 0.40 N 
62  2 N1    B DG 10 ? ? C6    B DG 10 ? ? O6    B DG 10 ? ? 115.52 119.90 -4.38 0.60 N 
63  2 "O4'" B DA 11 ? ? "C1'" B DA 11 ? ? N9    B DA 11 ? ? 110.69 108.30 2.39  0.30 N 
64  2 C5    B DA 11 ? ? C6    B DA 11 ? ? N1    B DA 11 ? ? 121.18 117.70 3.48  0.50 N 
65  2 N9    B DA 11 ? ? C4    B DA 11 ? ? C5    B DA 11 ? ? 108.24 105.80 2.44  0.40 N 
66  2 C6    B DA 11 ? ? C5    B DA 11 ? ? N7    B DA 11 ? ? 136.71 132.30 4.41  0.70 N 
67  2 N1    B DA 11 ? ? C6    B DA 11 ? ? N6    B DA 11 ? ? 112.99 118.60 -5.61 0.60 N 
68  2 "C3'" B DG 12 ? ? "C2'" B DG 12 ? ? "C1'" B DG 12 ? ? 109.88 102.50 7.38  1.20 N 
69  2 "O4'" B DG 12 ? ? "C1'" B DG 12 ? ? N9    B DG 12 ? ? 111.38 108.30 3.08  0.30 N 
70  2 C8    B DG 12 ? ? N9    B DG 12 ? ? C4    B DG 12 ? ? 103.64 106.40 -2.76 0.40 N 
71  2 N9    B DG 12 ? ? C4    B DG 12 ? ? C5    B DG 12 ? ? 108.32 105.40 2.92  0.40 N 
72  2 C2    B DC 13 ? ? N3    B DC 13 ? ? C4    B DC 13 ? ? 116.09 119.90 -3.81 0.50 N 
73  2 "O4'" B DC 15 ? ? "C4'" B DC 15 ? ? "C3'" B DC 15 ? ? 109.65 106.00 3.65  0.60 N 
74  2 "O4'" B DC 15 ? ? "C1'" B DC 15 ? ? N1    B DC 15 ? ? 112.84 108.30 4.54  0.30 N 
75  2 N3    B DC 15 ? ? C4    B DC 15 ? ? C5    B DC 15 ? ? 124.37 121.90 2.47  0.40 N 
76  2 N1    B DC 15 ? ? C2    B DC 15 ? ? O2    B DC 15 ? ? 122.59 118.90 3.69  0.60 N 
77  2 N3    B DC 15 ? ? C2    B DC 15 ? ? O2    B DC 15 ? ? 116.90 121.90 -5.00 0.70 N 
78  2 "O4'" B DC 16 ? ? "C1'" B DC 16 ? ? N1    B DC 16 ? ? 110.70 108.30 2.40  0.30 N 
79  2 "O4'" B DA 17 ? ? "C1'" B DA 17 ? ? N9    B DA 17 ? ? 114.85 108.30 6.55  0.30 N 
80  2 C5    B DA 17 ? ? C6    B DA 17 ? ? N1    B DA 17 ? ? 121.75 117.70 4.05  0.50 N 
81  2 N1    B DA 17 ? ? C6    B DA 17 ? ? N6    B DA 17 ? ? 112.26 118.60 -6.34 0.60 N 
82  2 "C3'" B DT 18 ? ? "C2'" B DT 18 ? ? "C1'" B DT 18 ? ? 110.34 102.50 7.84  1.20 N 
83  2 "O4'" B DT 18 ? ? "C1'" B DT 18 ? ? N1    B DT 18 ? ? 111.12 108.30 2.82  0.30 N 
84  2 C5    B DT 18 ? ? C6    B DT 18 ? ? N1    B DT 18 ? ? 119.96 123.70 -3.74 0.60 N 
85  3 "O4'" A DA 1  ? ? "C1'" A DA 1  ? ? N9    A DA 1  ? ? 111.94 108.30 3.64  0.30 N 
86  3 C2    A DA 1  ? ? N3    A DA 1  ? ? C4    A DA 1  ? ? 113.70 110.60 3.10  0.50 N 
87  3 C5    A DA 1  ? ? C6    A DA 1  ? ? N1    A DA 1  ? ? 121.73 117.70 4.03  0.50 N 
88  3 N1    A DA 1  ? ? C6    A DA 1  ? ? N6    A DA 1  ? ? 111.80 118.60 -6.80 0.60 N 
89  3 "O4'" A DT 2  ? ? "C1'" A DT 2  ? ? N1    A DT 2  ? ? 115.93 108.30 7.63  0.30 N 
90  3 "O4'" A DG 3  ? ? "C4'" A DG 3  ? ? "C3'" A DG 3  ? ? 110.20 106.00 4.20  0.60 N 
91  3 "O4'" A DG 3  ? ? "C1'" A DG 3  ? ? N9    A DG 3  ? ? 113.37 108.30 5.07  0.30 N 
92  3 C5    A DG 3  ? ? C6    A DG 3  ? ? N1    A DG 3  ? ? 114.53 111.50 3.03  0.50 N 
93  3 C6    A DG 3  ? ? C5    A DG 3  ? ? N7    A DG 3  ? ? 134.30 130.40 3.90  0.60 N 
94  3 "O4'" A DG 4  ? ? "C1'" A DG 4  ? ? N9    A DG 4  ? ? 110.52 108.30 2.22  0.30 N 
95  3 C4    A DA 5  ? ? C5    A DA 5  ? ? C6    A DA 5  ? ? 113.87 117.00 -3.13 0.50 N 
96  3 C5    A DA 5  ? ? C6    A DA 5  ? ? N1    A DA 5  ? ? 122.16 117.70 4.46  0.50 N 
97  3 N1    A DA 5  ? ? C6    A DA 5  ? ? N6    A DA 5  ? ? 113.07 118.60 -5.53 0.60 N 
98  3 "O4'" A DC 7  ? ? "C1'" A DC 7  ? ? N1    A DC 7  ? ? 110.61 108.30 2.31  0.30 N 
99  3 "O4'" A DT 8  ? ? "C1'" A DT 8  ? ? N1    A DT 8  ? ? 114.31 108.30 6.01  0.30 N 
100 3 C4    A DT 8  ? ? C5    A DT 8  ? ? C6    A DT 8  ? ? 122.33 118.00 4.33  0.60 N 
101 3 C5    A DT 8  ? ? C6    A DT 8  ? ? N1    A DT 8  ? ? 118.89 123.70 -4.81 0.60 N 
102 3 C5    A DT 8  ? ? C4    A DT 8  ? ? O4    A DT 8  ? ? 129.17 124.90 4.27  0.70 N 
103 3 C6    A DT 8  ? ? C5    A DT 8  ? ? C7    A DT 8  ? ? 115.92 122.90 -6.98 0.60 N 
104 3 "O4'" A DC 9  ? ? "C1'" A DC 9  ? ? N1    A DC 9  ? ? 111.60 108.30 3.30  0.30 N 
105 3 "O4'" B DG 10 ? ? "C1'" B DG 10 ? ? N9    B DG 10 ? ? 110.81 108.30 2.51  0.30 N 
106 3 C5    B DG 10 ? ? C6    B DG 10 ? ? N1    B DG 10 ? ? 114.61 111.50 3.11  0.50 N 
107 3 N1    B DG 10 ? ? C6    B DG 10 ? ? O6    B DG 10 ? ? 115.55 119.90 -4.35 0.60 N 
108 3 "C4'" B DA 11 ? ? "C3'" B DA 11 ? ? "C2'" B DA 11 ? ? 96.27  102.20 -5.93 0.70 N 
109 3 "C3'" B DA 11 ? ? "C2'" B DA 11 ? ? "C1'" B DA 11 ? ? 123.97 102.50 21.47 1.20 N 
110 3 "O4'" B DA 11 ? ? "C1'" B DA 11 ? ? "C2'" B DA 11 ? ? 99.40  105.90 -6.50 0.80 N 
111 3 "O4'" B DA 11 ? ? "C1'" B DA 11 ? ? N9    B DA 11 ? ? 116.53 108.30 8.23  0.30 N 
112 3 N1    B DA 11 ? ? C2    B DA 11 ? ? N3    B DA 11 ? ? 126.27 129.30 -3.03 0.50 N 
113 3 C2    B DA 11 ? ? N3    B DA 11 ? ? C4    B DA 11 ? ? 114.11 110.60 3.51  0.50 N 
114 3 C5    B DA 11 ? ? C6    B DA 11 ? ? N1    B DA 11 ? ? 121.45 117.70 3.75  0.50 N 
115 3 N1    B DA 11 ? ? C6    B DA 11 ? ? N6    B DA 11 ? ? 112.48 118.60 -6.12 0.60 N 
116 3 "O4'" B DG 12 ? ? "C4'" B DG 12 ? ? "C3'" B DG 12 ? ? 109.88 106.00 3.88  0.60 N 
117 3 "C4'" B DG 12 ? ? "C3'" B DG 12 ? ? "C2'" B DG 12 ? ? 97.07  102.20 -5.13 0.70 N 
118 3 "C3'" B DG 12 ? ? "C2'" B DG 12 ? ? "C1'" B DG 12 ? ? 120.64 102.50 18.14 1.20 N 
119 3 "O4'" B DG 12 ? ? "C1'" B DG 12 ? ? N9    B DG 12 ? ? 117.50 108.30 9.20  0.30 N 
120 3 "O4'" B DC 13 ? ? "C1'" B DC 13 ? ? N1    B DC 13 ? ? 111.11 108.30 2.81  0.30 N 
121 3 N1    B DC 13 ? ? C2    B DC 13 ? ? O2    B DC 13 ? ? 123.10 118.90 4.20  0.60 N 
122 3 N3    B DC 13 ? ? C2    B DC 13 ? ? O2    B DC 13 ? ? 117.67 121.90 -4.23 0.70 N 
123 3 "C3'" B DC 13 ? ? "O3'" B DC 13 ? ? P     B DT 14 ? ? 127.61 119.70 7.91  1.20 Y 
124 3 C4    B DT 14 ? ? C5    B DT 14 ? ? C6    B DT 14 ? ? 121.83 118.00 3.83  0.60 N 
125 3 C5    B DT 14 ? ? C6    B DT 14 ? ? N1    B DT 14 ? ? 119.46 123.70 -4.24 0.60 N 
126 3 C6    B DT 14 ? ? C5    B DT 14 ? ? C7    B DT 14 ? ? 118.38 122.90 -4.52 0.60 N 
127 3 "O4'" B DC 15 ? ? "C1'" B DC 15 ? ? N1    B DC 15 ? ? 111.75 108.30 3.45  0.30 N 
128 3 C6    B DC 15 ? ? N1    B DC 15 ? ? C2    B DC 15 ? ? 116.62 120.30 -3.68 0.40 N 
129 3 N3    B DC 15 ? ? C2    B DC 15 ? ? O2    B DC 15 ? ? 115.33 121.90 -6.57 0.70 N 
130 3 "C3'" B DC 16 ? ? "C2'" B DC 16 ? ? "C1'" B DC 16 ? ? 112.47 102.50 9.97  1.20 N 
131 3 "O4'" B DC 16 ? ? "C1'" B DC 16 ? ? N1    B DC 16 ? ? 113.75 108.30 5.45  0.30 N 
132 3 N3    B DC 16 ? ? C2    B DC 16 ? ? O2    B DC 16 ? ? 116.52 121.90 -5.38 0.70 N 
133 3 "C3'" B DA 17 ? ? "C2'" B DA 17 ? ? "C1'" B DA 17 ? ? 115.46 102.50 12.96 1.20 N 
134 3 "O4'" B DA 17 ? ? "C1'" B DA 17 ? ? N9    B DA 17 ? ? 116.83 108.30 8.53  0.30 N 
135 3 N1    B DA 17 ? ? C6    B DA 17 ? ? N6    B DA 17 ? ? 114.72 118.60 -3.88 0.60 N 
136 3 "C3'" B DA 17 ? ? "O3'" B DA 17 ? ? P     B DT 18 ? ? 137.67 119.70 17.97 1.20 Y 
137 3 "O4'" B DT 18 ? ? "C1'" B DT 18 ? ? N1    B DT 18 ? ? 110.59 108.30 2.29  0.30 N 
138 3 N3    B DT 18 ? ? C2    B DT 18 ? ? O2    B DT 18 ? ? 117.75 122.30 -4.55 0.60 N 
139 3 C6    B DT 18 ? ? C5    B DT 18 ? ? C7    B DT 18 ? ? 117.46 122.90 -5.44 0.60 N 
# 
loop_
_pdbx_validate_planes.id 
_pdbx_validate_planes.PDB_model_num 
_pdbx_validate_planes.auth_comp_id 
_pdbx_validate_planes.auth_asym_id 
_pdbx_validate_planes.auth_seq_id 
_pdbx_validate_planes.PDB_ins_code 
_pdbx_validate_planes.label_alt_id 
_pdbx_validate_planes.rmsd 
_pdbx_validate_planes.type 
1  1 DT A 2  ? ? 0.066 'SIDE CHAIN' 
2  1 DG A 3  ? ? 0.061 'SIDE CHAIN' 
3  1 G  A 6  ? ? 0.065 'SIDE CHAIN' 
4  1 DG B 10 ? ? 0.067 'SIDE CHAIN' 
5  1 DC B 13 ? ? 0.074 'SIDE CHAIN' 
6  1 DT B 14 ? ? 0.092 'SIDE CHAIN' 
7  1 DC B 16 ? ? 0.090 'SIDE CHAIN' 
8  1 DT B 18 ? ? 0.064 'SIDE CHAIN' 
9  2 DT A 2  ? ? 0.067 'SIDE CHAIN' 
10 2 DG A 4  ? ? 0.058 'SIDE CHAIN' 
11 2 G  A 6  ? ? 0.083 'SIDE CHAIN' 
12 2 DC A 7  ? ? 0.061 'SIDE CHAIN' 
13 2 DT A 8  ? ? 0.060 'SIDE CHAIN' 
14 2 DG B 12 ? ? 0.057 'SIDE CHAIN' 
15 2 DC B 13 ? ? 0.106 'SIDE CHAIN' 
16 3 DA A 1  ? ? 0.066 'SIDE CHAIN' 
17 3 DG A 4  ? ? 0.065 'SIDE CHAIN' 
18 3 G  A 6  ? ? 0.057 'SIDE CHAIN' 
19 3 DT A 8  ? ? 0.110 'SIDE CHAIN' 
20 3 DG B 10 ? ? 0.061 'SIDE CHAIN' 
21 3 DC B 13 ? ? 0.112 'SIDE CHAIN' 
# 
_pdbx_nmr_ensemble.entry_id                                      5KIE 
_pdbx_nmr_ensemble.conformers_calculated_total_number            8 
_pdbx_nmr_ensemble.conformers_submitted_total_number             3 
_pdbx_nmr_ensemble.conformer_selection_criteria                  'structures with the lowest energy' 
_pdbx_nmr_ensemble.representative_conformer                      ? 
_pdbx_nmr_ensemble.average_constraints_per_residue               ? 
_pdbx_nmr_ensemble.average_constraint_violations_per_residue     ? 
_pdbx_nmr_ensemble.maximum_distance_constraint_violation         ? 
_pdbx_nmr_ensemble.average_distance_constraint_violation         ? 
_pdbx_nmr_ensemble.maximum_upper_distance_constraint_violation   ? 
_pdbx_nmr_ensemble.maximum_lower_distance_constraint_violation   ? 
_pdbx_nmr_ensemble.distance_constraint_violation_method          ? 
_pdbx_nmr_ensemble.maximum_torsion_angle_constraint_violation    ? 
_pdbx_nmr_ensemble.average_torsion_angle_constraint_violation    ? 
_pdbx_nmr_ensemble.torsion_angle_constraint_violation_method     ? 
# 
_pdbx_nmr_representative.entry_id             5KIE 
_pdbx_nmr_representative.conformer_id         1 
_pdbx_nmr_representative.selection_criteria   'closest to the average' 
# 
loop_
_pdbx_nmr_sample_details.solution_id 
_pdbx_nmr_sample_details.contents 
_pdbx_nmr_sample_details.solvent_system 
_pdbx_nmr_sample_details.label 
_pdbx_nmr_sample_details.type 
_pdbx_nmr_sample_details.details 
1 
;1 mM DNA/RNA (5'-D(*AP*TP*GP*GP*A)-R(P*G)-D(P*CP*TP*C)-3'), 1 mM DNA (5'-D(*GP*AP*GP*CP*TP*CP*CP*AP*T)-3'), 100 % 100% deuterium D2O, 100 mM sodium chloride, 10 mM sodium phosphate, 100% D2O
;
'100% D2O'        D2O_sample solution '100% D2O, pH 6.6'         
2 
;1 mM DNA/RNA (5'-D(*AP*TP*GP*GP*A)-R(P*G)-D(P*CP*TP*C)-3'), 1 mM DNA (5'-D(*GP*AP*GP*CP*TP*CP*CP*AP*T)-3'), 100 mM sodium chloride, 10 mM sodium phosphate, 10 % 100% deuterium D2O, 90% H2O/10% D2O
;
'90% H2O/10% D2O' H2O_sample solution '90% H2O, 10% D2O, pH 7.0' 
# 
loop_
_pdbx_nmr_exptl_sample.solution_id 
_pdbx_nmr_exptl_sample.component 
_pdbx_nmr_exptl_sample.concentration 
_pdbx_nmr_exptl_sample.concentration_range 
_pdbx_nmr_exptl_sample.concentration_units 
_pdbx_nmr_exptl_sample.isotopic_labeling 
1 
;DNA/RNA (5'-D(*AP*TP*GP*GP*A)-R(P*G)-D(P*CP*TP*C)-3')
;
1   ? mM 'natural abundance' 
1 
;DNA (5'-D(*GP*AP*GP*CP*TP*CP*CP*AP*T)-3')
;
1   ? mM 'natural abundance' 
1 D2O                                                     100 ? %  '100% deuterium'    
1 'sodium chloride'                                       100 ? mM 'natural abundance' 
1 'sodium phosphate'                                      10  ? mM 'natural abundance' 
2 
;DNA/RNA (5'-D(*AP*TP*GP*GP*A)-R(P*G)-D(P*CP*TP*C)-3')
;
1   ? mM 'natural abundance' 
2 
;DNA (5'-D(*GP*AP*GP*CP*TP*CP*CP*AP*T)-3')
;
1   ? mM 'natural abundance' 
2 'sodium chloride'                                       100 ? mM 'natural abundance' 
2 'sodium phosphate'                                      10  ? mM 'natural abundance' 
2 D2O                                                     10  ? %  '100% deuterium'    
# 
loop_
_pdbx_nmr_exptl_sample_conditions.conditions_id 
_pdbx_nmr_exptl_sample_conditions.temperature 
_pdbx_nmr_exptl_sample_conditions.pressure_units 
_pdbx_nmr_exptl_sample_conditions.pressure 
_pdbx_nmr_exptl_sample_conditions.pH 
_pdbx_nmr_exptl_sample_conditions.ionic_strength 
_pdbx_nmr_exptl_sample_conditions.details 
_pdbx_nmr_exptl_sample_conditions.ionic_strength_err 
_pdbx_nmr_exptl_sample_conditions.ionic_strength_units 
_pdbx_nmr_exptl_sample_conditions.label 
_pdbx_nmr_exptl_sample_conditions.pH_err 
_pdbx_nmr_exptl_sample_conditions.pH_units 
_pdbx_nmr_exptl_sample_conditions.pressure_err 
_pdbx_nmr_exptl_sample_conditions.temperature_err 
_pdbx_nmr_exptl_sample_conditions.temperature_units 
1 294 atm ambient 6.6 110 ? ? mM D2O_conditions ? pH ? ? K 
2 294 atm ambient 7.0 110 ? ? mM H2O_conditions ? pH ? ? K 
# 
loop_
_pdbx_nmr_exptl.experiment_id 
_pdbx_nmr_exptl.conditions_id 
_pdbx_nmr_exptl.solution_id 
_pdbx_nmr_exptl.type 
_pdbx_nmr_exptl.spectrometer_id 
_pdbx_nmr_exptl.sample_state 
1  1 1 '2D NOESY 250 ms'           1 isotropic   
2  2 2 '2D NOESY'                  1 isotropic   
3  1 1 '2D Low Flip COSY'          1 isotropic   
4  1 1 '2D 1H-13C HSQC'            2 isotropic   
5  1 1 '2D constant time NOESY'    1 isotropic   
10 1 1 '2D 1H-31P CORR'            1 isotropic   
9  1 1 '2D NOESY 150  ms'          1 isotropic   
8  1 1 '1D 1H'                     1 isotropic   
7  1 1 '1D 31P'                    1 isotropic   
6  2 2 '1D 1H 1-1 jump and return' 1 anisotropic 
# 
_pdbx_nmr_refine.entry_id           5KIE 
_pdbx_nmr_refine.method             'matrix relaxation, molecular dynamics' 
_pdbx_nmr_refine.details            ? 
_pdbx_nmr_refine.software_ordinal   5 
# 
loop_
_pdbx_nmr_software.ordinal 
_pdbx_nmr_software.classification 
_pdbx_nmr_software.name 
_pdbx_nmr_software.version 
_pdbx_nmr_software.authors 
1 'structure calculation'     Amber     9    'Case, Darden, Cheatham III, Simmerling, Wang, Duke, Luo, ... and Kollman' 
2 'chemical shift assignment' Sparky    3.33 Goddard                                                                    
3 collection                  TopSpin   ?    'Bruker Biospin'                                                           
4 refinement                  CORMA     ?    'Thomas James'                                                             
5 refinement                  MARDIGRAS ?    'Thomas James'                                                             
# 
loop_
_chem_comp_atom.comp_id 
_chem_comp_atom.atom_id 
_chem_comp_atom.type_symbol 
_chem_comp_atom.pdbx_aromatic_flag 
_chem_comp_atom.pdbx_stereo_config 
_chem_comp_atom.pdbx_ordinal 
DA OP3    O N N 1   
DA P      P N N 2   
DA OP1    O N N 3   
DA OP2    O N N 4   
DA "O5'"  O N N 5   
DA "C5'"  C N N 6   
DA "C4'"  C N R 7   
DA "O4'"  O N N 8   
DA "C3'"  C N S 9   
DA "O3'"  O N N 10  
DA "C2'"  C N N 11  
DA "C1'"  C N R 12  
DA N9     N Y N 13  
DA C8     C Y N 14  
DA N7     N Y N 15  
DA C5     C Y N 16  
DA C6     C Y N 17  
DA N6     N N N 18  
DA N1     N Y N 19  
DA C2     C Y N 20  
DA N3     N Y N 21  
DA C4     C Y N 22  
DA HOP3   H N N 23  
DA HOP2   H N N 24  
DA "H5'"  H N N 25  
DA "H5''" H N N 26  
DA "H4'"  H N N 27  
DA "H3'"  H N N 28  
DA "HO3'" H N N 29  
DA "H2'"  H N N 30  
DA "H2''" H N N 31  
DA "H1'"  H N N 32  
DA H8     H N N 33  
DA H61    H N N 34  
DA H62    H N N 35  
DA H2     H N N 36  
DC OP3    O N N 37  
DC P      P N N 38  
DC OP1    O N N 39  
DC OP2    O N N 40  
DC "O5'"  O N N 41  
DC "C5'"  C N N 42  
DC "C4'"  C N R 43  
DC "O4'"  O N N 44  
DC "C3'"  C N S 45  
DC "O3'"  O N N 46  
DC "C2'"  C N N 47  
DC "C1'"  C N R 48  
DC N1     N N N 49  
DC C2     C N N 50  
DC O2     O N N 51  
DC N3     N N N 52  
DC C4     C N N 53  
DC N4     N N N 54  
DC C5     C N N 55  
DC C6     C N N 56  
DC HOP3   H N N 57  
DC HOP2   H N N 58  
DC "H5'"  H N N 59  
DC "H5''" H N N 60  
DC "H4'"  H N N 61  
DC "H3'"  H N N 62  
DC "HO3'" H N N 63  
DC "H2'"  H N N 64  
DC "H2''" H N N 65  
DC "H1'"  H N N 66  
DC H41    H N N 67  
DC H42    H N N 68  
DC H5     H N N 69  
DC H6     H N N 70  
DG OP3    O N N 71  
DG P      P N N 72  
DG OP1    O N N 73  
DG OP2    O N N 74  
DG "O5'"  O N N 75  
DG "C5'"  C N N 76  
DG "C4'"  C N R 77  
DG "O4'"  O N N 78  
DG "C3'"  C N S 79  
DG "O3'"  O N N 80  
DG "C2'"  C N N 81  
DG "C1'"  C N R 82  
DG N9     N Y N 83  
DG C8     C Y N 84  
DG N7     N Y N 85  
DG C5     C Y N 86  
DG C6     C N N 87  
DG O6     O N N 88  
DG N1     N N N 89  
DG C2     C N N 90  
DG N2     N N N 91  
DG N3     N N N 92  
DG C4     C Y N 93  
DG HOP3   H N N 94  
DG HOP2   H N N 95  
DG "H5'"  H N N 96  
DG "H5''" H N N 97  
DG "H4'"  H N N 98  
DG "H3'"  H N N 99  
DG "HO3'" H N N 100 
DG "H2'"  H N N 101 
DG "H2''" H N N 102 
DG "H1'"  H N N 103 
DG H8     H N N 104 
DG H1     H N N 105 
DG H21    H N N 106 
DG H22    H N N 107 
DT OP3    O N N 108 
DT P      P N N 109 
DT OP1    O N N 110 
DT OP2    O N N 111 
DT "O5'"  O N N 112 
DT "C5'"  C N N 113 
DT "C4'"  C N R 114 
DT "O4'"  O N N 115 
DT "C3'"  C N S 116 
DT "O3'"  O N N 117 
DT "C2'"  C N N 118 
DT "C1'"  C N R 119 
DT N1     N N N 120 
DT C2     C N N 121 
DT O2     O N N 122 
DT N3     N N N 123 
DT C4     C N N 124 
DT O4     O N N 125 
DT C5     C N N 126 
DT C7     C N N 127 
DT C6     C N N 128 
DT HOP3   H N N 129 
DT HOP2   H N N 130 
DT "H5'"  H N N 131 
DT "H5''" H N N 132 
DT "H4'"  H N N 133 
DT "H3'"  H N N 134 
DT "HO3'" H N N 135 
DT "H2'"  H N N 136 
DT "H2''" H N N 137 
DT "H1'"  H N N 138 
DT H3     H N N 139 
DT H71    H N N 140 
DT H72    H N N 141 
DT H73    H N N 142 
DT H6     H N N 143 
G  OP3    O N N 144 
G  P      P N N 145 
G  OP1    O N N 146 
G  OP2    O N N 147 
G  "O5'"  O N N 148 
G  "C5'"  C N N 149 
G  "C4'"  C N R 150 
G  "O4'"  O N N 151 
G  "C3'"  C N S 152 
G  "O3'"  O N N 153 
G  "C2'"  C N R 154 
G  "O2'"  O N N 155 
G  "C1'"  C N R 156 
G  N9     N Y N 157 
G  C8     C Y N 158 
G  N7     N Y N 159 
G  C5     C Y N 160 
G  C6     C N N 161 
G  O6     O N N 162 
G  N1     N N N 163 
G  C2     C N N 164 
G  N2     N N N 165 
G  N3     N N N 166 
G  C4     C Y N 167 
G  HOP3   H N N 168 
G  HOP2   H N N 169 
G  "H5'"  H N N 170 
G  "H5''" H N N 171 
G  "H4'"  H N N 172 
G  "H3'"  H N N 173 
G  "HO3'" H N N 174 
G  "H2'"  H N N 175 
G  "HO2'" H N N 176 
G  "H1'"  H N N 177 
G  H8     H N N 178 
G  H1     H N N 179 
G  H21    H N N 180 
G  H22    H N N 181 
# 
loop_
_chem_comp_bond.comp_id 
_chem_comp_bond.atom_id_1 
_chem_comp_bond.atom_id_2 
_chem_comp_bond.value_order 
_chem_comp_bond.pdbx_aromatic_flag 
_chem_comp_bond.pdbx_stereo_config 
_chem_comp_bond.pdbx_ordinal 
DA OP3   P      sing N N 1   
DA OP3   HOP3   sing N N 2   
DA P     OP1    doub N N 3   
DA P     OP2    sing N N 4   
DA P     "O5'"  sing N N 5   
DA OP2   HOP2   sing N N 6   
DA "O5'" "C5'"  sing N N 7   
DA "C5'" "C4'"  sing N N 8   
DA "C5'" "H5'"  sing N N 9   
DA "C5'" "H5''" sing N N 10  
DA "C4'" "O4'"  sing N N 11  
DA "C4'" "C3'"  sing N N 12  
DA "C4'" "H4'"  sing N N 13  
DA "O4'" "C1'"  sing N N 14  
DA "C3'" "O3'"  sing N N 15  
DA "C3'" "C2'"  sing N N 16  
DA "C3'" "H3'"  sing N N 17  
DA "O3'" "HO3'" sing N N 18  
DA "C2'" "C1'"  sing N N 19  
DA "C2'" "H2'"  sing N N 20  
DA "C2'" "H2''" sing N N 21  
DA "C1'" N9     sing N N 22  
DA "C1'" "H1'"  sing N N 23  
DA N9    C8     sing Y N 24  
DA N9    C4     sing Y N 25  
DA C8    N7     doub Y N 26  
DA C8    H8     sing N N 27  
DA N7    C5     sing Y N 28  
DA C5    C6     sing Y N 29  
DA C5    C4     doub Y N 30  
DA C6    N6     sing N N 31  
DA C6    N1     doub Y N 32  
DA N6    H61    sing N N 33  
DA N6    H62    sing N N 34  
DA N1    C2     sing Y N 35  
DA C2    N3     doub Y N 36  
DA C2    H2     sing N N 37  
DA N3    C4     sing Y N 38  
DC OP3   P      sing N N 39  
DC OP3   HOP3   sing N N 40  
DC P     OP1    doub N N 41  
DC P     OP2    sing N N 42  
DC P     "O5'"  sing N N 43  
DC OP2   HOP2   sing N N 44  
DC "O5'" "C5'"  sing N N 45  
DC "C5'" "C4'"  sing N N 46  
DC "C5'" "H5'"  sing N N 47  
DC "C5'" "H5''" sing N N 48  
DC "C4'" "O4'"  sing N N 49  
DC "C4'" "C3'"  sing N N 50  
DC "C4'" "H4'"  sing N N 51  
DC "O4'" "C1'"  sing N N 52  
DC "C3'" "O3'"  sing N N 53  
DC "C3'" "C2'"  sing N N 54  
DC "C3'" "H3'"  sing N N 55  
DC "O3'" "HO3'" sing N N 56  
DC "C2'" "C1'"  sing N N 57  
DC "C2'" "H2'"  sing N N 58  
DC "C2'" "H2''" sing N N 59  
DC "C1'" N1     sing N N 60  
DC "C1'" "H1'"  sing N N 61  
DC N1    C2     sing N N 62  
DC N1    C6     sing N N 63  
DC C2    O2     doub N N 64  
DC C2    N3     sing N N 65  
DC N3    C4     doub N N 66  
DC C4    N4     sing N N 67  
DC C4    C5     sing N N 68  
DC N4    H41    sing N N 69  
DC N4    H42    sing N N 70  
DC C5    C6     doub N N 71  
DC C5    H5     sing N N 72  
DC C6    H6     sing N N 73  
DG OP3   P      sing N N 74  
DG OP3   HOP3   sing N N 75  
DG P     OP1    doub N N 76  
DG P     OP2    sing N N 77  
DG P     "O5'"  sing N N 78  
DG OP2   HOP2   sing N N 79  
DG "O5'" "C5'"  sing N N 80  
DG "C5'" "C4'"  sing N N 81  
DG "C5'" "H5'"  sing N N 82  
DG "C5'" "H5''" sing N N 83  
DG "C4'" "O4'"  sing N N 84  
DG "C4'" "C3'"  sing N N 85  
DG "C4'" "H4'"  sing N N 86  
DG "O4'" "C1'"  sing N N 87  
DG "C3'" "O3'"  sing N N 88  
DG "C3'" "C2'"  sing N N 89  
DG "C3'" "H3'"  sing N N 90  
DG "O3'" "HO3'" sing N N 91  
DG "C2'" "C1'"  sing N N 92  
DG "C2'" "H2'"  sing N N 93  
DG "C2'" "H2''" sing N N 94  
DG "C1'" N9     sing N N 95  
DG "C1'" "H1'"  sing N N 96  
DG N9    C8     sing Y N 97  
DG N9    C4     sing Y N 98  
DG C8    N7     doub Y N 99  
DG C8    H8     sing N N 100 
DG N7    C5     sing Y N 101 
DG C5    C6     sing N N 102 
DG C5    C4     doub Y N 103 
DG C6    O6     doub N N 104 
DG C6    N1     sing N N 105 
DG N1    C2     sing N N 106 
DG N1    H1     sing N N 107 
DG C2    N2     sing N N 108 
DG C2    N3     doub N N 109 
DG N2    H21    sing N N 110 
DG N2    H22    sing N N 111 
DG N3    C4     sing N N 112 
DT OP3   P      sing N N 113 
DT OP3   HOP3   sing N N 114 
DT P     OP1    doub N N 115 
DT P     OP2    sing N N 116 
DT P     "O5'"  sing N N 117 
DT OP2   HOP2   sing N N 118 
DT "O5'" "C5'"  sing N N 119 
DT "C5'" "C4'"  sing N N 120 
DT "C5'" "H5'"  sing N N 121 
DT "C5'" "H5''" sing N N 122 
DT "C4'" "O4'"  sing N N 123 
DT "C4'" "C3'"  sing N N 124 
DT "C4'" "H4'"  sing N N 125 
DT "O4'" "C1'"  sing N N 126 
DT "C3'" "O3'"  sing N N 127 
DT "C3'" "C2'"  sing N N 128 
DT "C3'" "H3'"  sing N N 129 
DT "O3'" "HO3'" sing N N 130 
DT "C2'" "C1'"  sing N N 131 
DT "C2'" "H2'"  sing N N 132 
DT "C2'" "H2''" sing N N 133 
DT "C1'" N1     sing N N 134 
DT "C1'" "H1'"  sing N N 135 
DT N1    C2     sing N N 136 
DT N1    C6     sing N N 137 
DT C2    O2     doub N N 138 
DT C2    N3     sing N N 139 
DT N3    C4     sing N N 140 
DT N3    H3     sing N N 141 
DT C4    O4     doub N N 142 
DT C4    C5     sing N N 143 
DT C5    C7     sing N N 144 
DT C5    C6     doub N N 145 
DT C7    H71    sing N N 146 
DT C7    H72    sing N N 147 
DT C7    H73    sing N N 148 
DT C6    H6     sing N N 149 
G  OP3   P      sing N N 150 
G  OP3   HOP3   sing N N 151 
G  P     OP1    doub N N 152 
G  P     OP2    sing N N 153 
G  P     "O5'"  sing N N 154 
G  OP2   HOP2   sing N N 155 
G  "O5'" "C5'"  sing N N 156 
G  "C5'" "C4'"  sing N N 157 
G  "C5'" "H5'"  sing N N 158 
G  "C5'" "H5''" sing N N 159 
G  "C4'" "O4'"  sing N N 160 
G  "C4'" "C3'"  sing N N 161 
G  "C4'" "H4'"  sing N N 162 
G  "O4'" "C1'"  sing N N 163 
G  "C3'" "O3'"  sing N N 164 
G  "C3'" "C2'"  sing N N 165 
G  "C3'" "H3'"  sing N N 166 
G  "O3'" "HO3'" sing N N 167 
G  "C2'" "O2'"  sing N N 168 
G  "C2'" "C1'"  sing N N 169 
G  "C2'" "H2'"  sing N N 170 
G  "O2'" "HO2'" sing N N 171 
G  "C1'" N9     sing N N 172 
G  "C1'" "H1'"  sing N N 173 
G  N9    C8     sing Y N 174 
G  N9    C4     sing Y N 175 
G  C8    N7     doub Y N 176 
G  C8    H8     sing N N 177 
G  N7    C5     sing Y N 178 
G  C5    C6     sing N N 179 
G  C5    C4     doub Y N 180 
G  C6    O6     doub N N 181 
G  C6    N1     sing N N 182 
G  N1    C2     sing N N 183 
G  N1    H1     sing N N 184 
G  C2    N2     sing N N 185 
G  C2    N3     doub N N 186 
G  N2    H21    sing N N 187 
G  N2    H22    sing N N 188 
G  N3    C4     sing N N 189 
# 
loop_
_ndb_struct_conf_na.entry_id 
_ndb_struct_conf_na.feature 
5KIE 'double helix'        
5KIE 'b-form double helix' 
# 
loop_
_ndb_struct_na_base_pair.model_number 
_ndb_struct_na_base_pair.i_label_asym_id 
_ndb_struct_na_base_pair.i_label_comp_id 
_ndb_struct_na_base_pair.i_label_seq_id 
_ndb_struct_na_base_pair.i_symmetry 
_ndb_struct_na_base_pair.j_label_asym_id 
_ndb_struct_na_base_pair.j_label_comp_id 
_ndb_struct_na_base_pair.j_label_seq_id 
_ndb_struct_na_base_pair.j_symmetry 
_ndb_struct_na_base_pair.shear 
_ndb_struct_na_base_pair.stretch 
_ndb_struct_na_base_pair.stagger 
_ndb_struct_na_base_pair.buckle 
_ndb_struct_na_base_pair.propeller 
_ndb_struct_na_base_pair.opening 
_ndb_struct_na_base_pair.pair_number 
_ndb_struct_na_base_pair.pair_name 
_ndb_struct_na_base_pair.i_auth_asym_id 
_ndb_struct_na_base_pair.i_auth_seq_id 
_ndb_struct_na_base_pair.i_PDB_ins_code 
_ndb_struct_na_base_pair.j_auth_asym_id 
_ndb_struct_na_base_pair.j_auth_seq_id 
_ndb_struct_na_base_pair.j_PDB_ins_code 
_ndb_struct_na_base_pair.hbond_type_28 
_ndb_struct_na_base_pair.hbond_type_12 
1 A DA 1 1_555 B DT 9 1_555 0.228  0.147  -0.090 -14.580 -9.677  6.187 1 A_DA1:DT18_B A 1 ? B 18 ? 20 1 
1 A DT 2 1_555 B DA 8 1_555 -0.056 -0.043 -0.030 -8.122  -4.305  3.713 2 A_DT2:DA17_B A 2 ? B 17 ? 20 1 
1 A DG 3 1_555 B DC 7 1_555 -0.283 -0.117 -0.038 -5.814  -18.175 3.874 3 A_DG3:DC16_B A 3 ? B 16 ? 19 1 
1 A DG 4 1_555 B DC 6 1_555 -0.191 -0.062 -0.529 -11.437 -20.953 4.424 4 A_DG4:DC15_B A 4 ? B 15 ? 19 1 
1 A DA 5 1_555 B DT 5 1_555 0.086  -0.041 -0.505 -18.448 -4.232  0.887 5 A_DA5:DT14_B A 5 ? B 14 ? 20 1 
1 A G  6 1_555 B DC 4 1_555 -0.156 -0.020 -0.205 -10.475 -14.526 0.166 6 A_G6:DC13_B  A 6 ? B 13 ? 19 1 
1 A DC 7 1_555 B DG 3 1_555 -0.006 0.115  0.065  -6.951  -2.078  3.912 7 A_DC7:DG12_B A 7 ? B 12 ? 19 1 
1 A DT 8 1_555 B DA 2 1_555 -0.050 -0.041 0.185  -1.791  -3.600  1.144 8 A_DT8:DA11_B A 8 ? B 11 ? 20 1 
1 A DC 9 1_555 B DG 1 1_555 0.250  -0.048 -0.014 9.763   -5.064  0.002 9 A_DC9:DG10_B A 9 ? B 10 ? 19 1 
# 
loop_
_ndb_struct_na_base_pair_step.model_number 
_ndb_struct_na_base_pair_step.i_label_asym_id_1 
_ndb_struct_na_base_pair_step.i_label_comp_id_1 
_ndb_struct_na_base_pair_step.i_label_seq_id_1 
_ndb_struct_na_base_pair_step.i_symmetry_1 
_ndb_struct_na_base_pair_step.j_label_asym_id_1 
_ndb_struct_na_base_pair_step.j_label_comp_id_1 
_ndb_struct_na_base_pair_step.j_label_seq_id_1 
_ndb_struct_na_base_pair_step.j_symmetry_1 
_ndb_struct_na_base_pair_step.i_label_asym_id_2 
_ndb_struct_na_base_pair_step.i_label_comp_id_2 
_ndb_struct_na_base_pair_step.i_label_seq_id_2 
_ndb_struct_na_base_pair_step.i_symmetry_2 
_ndb_struct_na_base_pair_step.j_label_asym_id_2 
_ndb_struct_na_base_pair_step.j_label_comp_id_2 
_ndb_struct_na_base_pair_step.j_label_seq_id_2 
_ndb_struct_na_base_pair_step.j_symmetry_2 
_ndb_struct_na_base_pair_step.shift 
_ndb_struct_na_base_pair_step.slide 
_ndb_struct_na_base_pair_step.rise 
_ndb_struct_na_base_pair_step.tilt 
_ndb_struct_na_base_pair_step.roll 
_ndb_struct_na_base_pair_step.twist 
_ndb_struct_na_base_pair_step.x_displacement 
_ndb_struct_na_base_pair_step.y_displacement 
_ndb_struct_na_base_pair_step.helical_rise 
_ndb_struct_na_base_pair_step.inclination 
_ndb_struct_na_base_pair_step.tip 
_ndb_struct_na_base_pair_step.helical_twist 
_ndb_struct_na_base_pair_step.step_number 
_ndb_struct_na_base_pair_step.step_name 
_ndb_struct_na_base_pair_step.i_auth_asym_id_1 
_ndb_struct_na_base_pair_step.i_auth_seq_id_1 
_ndb_struct_na_base_pair_step.i_PDB_ins_code_1 
_ndb_struct_na_base_pair_step.j_auth_asym_id_1 
_ndb_struct_na_base_pair_step.j_auth_seq_id_1 
_ndb_struct_na_base_pair_step.j_PDB_ins_code_1 
_ndb_struct_na_base_pair_step.i_auth_asym_id_2 
_ndb_struct_na_base_pair_step.i_auth_seq_id_2 
_ndb_struct_na_base_pair_step.i_PDB_ins_code_2 
_ndb_struct_na_base_pair_step.j_auth_asym_id_2 
_ndb_struct_na_base_pair_step.j_auth_seq_id_2 
_ndb_struct_na_base_pair_step.j_PDB_ins_code_2 
1 A DA 1 1_555 B DT 9 1_555 A DT 2 1_555 B DA 8 1_555 0.071  -0.658 3.325 -0.208 -3.069 33.088 -0.624 -0.160 3.370 -5.374  0.364   
33.227 1 AA_DA1DT2:DA17DT18_BB A 1 ? B 18 ? A 2 ? B 17 ? 
1 A DT 2 1_555 B DA 8 1_555 A DG 3 1_555 B DC 7 1_555 -0.584 -1.114 3.347 -1.491 12.214 19.850 -6.675 0.967  2.314 31.785  3.879   
23.322 2 AA_DT2DG3:DC16DA17_BB A 2 ? B 17 ? A 3 ? B 16 ? 
1 A DG 3 1_555 B DC 7 1_555 A DG 4 1_555 B DC 6 1_555 0.746  0.115  3.497 8.817  10.824 38.757 -1.132 -0.007 3.488 15.704  -12.791 
41.103 3 AA_DG3DG4:DC15DC16_BB A 3 ? B 16 ? A 4 ? B 15 ? 
1 A DG 4 1_555 B DC 6 1_555 A DA 5 1_555 B DT 5 1_555 -0.351 -0.298 3.561 -4.599 11.824 32.086 -2.498 -0.183 3.270 20.423  7.943   
34.442 4 AA_DG4DA5:DT14DC15_BB A 4 ? B 15 ? A 5 ? B 14 ? 
1 A DA 5 1_555 B DT 5 1_555 A G  6 1_555 B DC 4 1_555 0.843  -0.426 3.431 -8.338 18.194 23.951 -4.195 -3.131 2.186 36.707  16.821  
31.118 5 AA_DA5G6:DC13DT14_BB  A 5 ? B 14 ? A 6 ? B 13 ? 
1 A G  6 1_555 B DC 4 1_555 A DC 7 1_555 B DG 3 1_555 0.208  -0.772 3.419 -3.931 -6.985 37.456 -0.245 -0.842 3.464 -10.727 6.037   
38.274 6 AA_G6DC7:DG12DC13_BB  A 6 ? B 13 ? A 7 ? B 12 ? 
1 A DC 7 1_555 B DG 3 1_555 A DT 8 1_555 B DA 2 1_555 -0.302 -1.344 3.297 0.180  2.999  28.579 -3.374 0.648  3.140 6.055   -0.363  
28.733 7 AA_DC7DT8:DA11DG12_BB A 7 ? B 12 ? A 8 ? B 11 ? 
1 A DT 8 1_555 B DA 2 1_555 A DC 9 1_555 B DG 1 1_555 -0.147 -1.525 3.181 0.654  3.052  31.041 -3.388 0.392  3.017 5.685   -1.219  
31.194 8 AA_DT8DC9:DG10DA11_BB A 8 ? B 11 ? A 9 ? B 10 ? 
# 
loop_
_pdbx_nmr_spectrometer.spectrometer_id 
_pdbx_nmr_spectrometer.model 
_pdbx_nmr_spectrometer.type 
_pdbx_nmr_spectrometer.manufacturer 
_pdbx_nmr_spectrometer.field_strength 
_pdbx_nmr_spectrometer.details 
1 AVANCE       ? Bruker 600 ? 
2 'AVANCE III' ? Bruker 850 ? 
# 
_atom_sites.entry_id                    5KIE 
_atom_sites.fract_transf_matrix[1][1]   1.000000 
_atom_sites.fract_transf_matrix[1][2]   0.000000 
_atom_sites.fract_transf_matrix[1][3]   0.000000 
_atom_sites.fract_transf_matrix[2][1]   0.000000 
_atom_sites.fract_transf_matrix[2][2]   1.000000 
_atom_sites.fract_transf_matrix[2][3]   0.000000 
_atom_sites.fract_transf_matrix[3][1]   0.000000 
_atom_sites.fract_transf_matrix[3][2]   0.000000 
_atom_sites.fract_transf_matrix[3][3]   1.000000 
_atom_sites.fract_transf_vector[1]      0.00000 
_atom_sites.fract_transf_vector[2]      0.00000 
_atom_sites.fract_transf_vector[3]      0.00000 
# 
loop_
_atom_type.symbol 
C 
H 
N 
O 
P 
# 
loop_
_atom_site.group_PDB 
_atom_site.id 
_atom_site.type_symbol 
_atom_site.label_atom_id 
_atom_site.label_alt_id 
_atom_site.label_comp_id 
_atom_site.label_asym_id 
_atom_site.label_entity_id 
_atom_site.label_seq_id 
_atom_site.pdbx_PDB_ins_code 
_atom_site.Cartn_x 
_atom_site.Cartn_y 
_atom_site.Cartn_z 
_atom_site.occupancy 
_atom_site.B_iso_or_equiv 
_atom_site.pdbx_formal_charge 
_atom_site.auth_seq_id 
_atom_site.auth_comp_id 
_atom_site.auth_asym_id 
_atom_site.auth_atom_id 
_atom_site.pdbx_PDB_model_num 
ATOM 1    O "O5'"  . DA A 1 1 ? 2.472   -0.504  15.127  1.00 0.00 ? 1  DA A "O5'"  1 
ATOM 2    C "C5'"  . DA A 1 1 ? 2.537   0.642   15.898  1.00 0.00 ? 1  DA A "C5'"  1 
ATOM 3    C "C4'"  . DA A 1 1 ? 2.584   1.918   15.080  1.00 0.00 ? 1  DA A "C4'"  1 
ATOM 4    O "O4'"  . DA A 1 1 ? 3.686   1.934   14.218  1.00 0.00 ? 1  DA A "O4'"  1 
ATOM 5    C "C3'"  . DA A 1 1 ? 1.356   2.210   14.209  1.00 0.00 ? 1  DA A "C3'"  1 
ATOM 6    O "O3'"  . DA A 1 1 ? 0.803   3.431   14.574  1.00 0.00 ? 1  DA A "O3'"  1 
ATOM 7    C "C2'"  . DA A 1 1 ? 1.949   2.257   12.839  1.00 0.00 ? 1  DA A "C2'"  1 
ATOM 8    C "C1'"  . DA A 1 1 ? 3.383   2.577   13.042  1.00 0.00 ? 1  DA A "C1'"  1 
ATOM 9    N N9     . DA A 1 1 ? 4.330   2.155   11.970  1.00 0.00 ? 1  DA A N9     1 
ATOM 10   C C8     . DA A 1 1 ? 4.679   0.874   11.603  1.00 0.00 ? 1  DA A C8     1 
ATOM 11   N N7     . DA A 1 1 ? 5.649   0.816   10.740  1.00 0.00 ? 1  DA A N7     1 
ATOM 12   C C5     . DA A 1 1 ? 5.902   2.149   10.480  1.00 0.00 ? 1  DA A C5     1 
ATOM 13   C C6     . DA A 1 1 ? 6.822   2.845   9.636   1.00 0.00 ? 1  DA A C6     1 
ATOM 14   N N6     . DA A 1 1 ? 7.751   2.292   8.885   1.00 0.00 ? 1  DA A N6     1 
ATOM 15   N N1     . DA A 1 1 ? 6.882   4.168   9.592   1.00 0.00 ? 1  DA A N1     1 
ATOM 16   C C2     . DA A 1 1 ? 6.028   4.838   10.362  1.00 0.00 ? 1  DA A C2     1 
ATOM 17   N N3     . DA A 1 1 ? 5.126   4.355   11.206  1.00 0.00 ? 1  DA A N3     1 
ATOM 18   C C4     . DA A 1 1 ? 5.116   2.981   11.197  1.00 0.00 ? 1  DA A C4     1 
ATOM 19   H "H5'"  . DA A 1 1 ? 3.389   0.616   16.523  1.00 0.00 ? 1  DA A "H5'"  1 
ATOM 20   H "H5''" . DA A 1 1 ? 1.730   0.703   16.587  1.00 0.00 ? 1  DA A "H5''" 1 
ATOM 21   H "H4'"  . DA A 1 1 ? 2.721   2.674   15.800  1.00 0.00 ? 1  DA A "H4'"  1 
ATOM 22   H "H3'"  . DA A 1 1 ? 0.638   1.416   14.279  1.00 0.00 ? 1  DA A "H3'"  1 
ATOM 23   H "H2'"  . DA A 1 1 ? 1.875   1.310   12.438  1.00 0.00 ? 1  DA A "H2'"  1 
ATOM 24   H "H2''" . DA A 1 1 ? 1.471   2.943   12.207  1.00 0.00 ? 1  DA A "H2''" 1 
ATOM 25   H "H1'"  . DA A 1 1 ? 3.493   3.611   13.165  1.00 0.00 ? 1  DA A "H1'"  1 
ATOM 26   H H8     . DA A 1 1 ? 4.224   -0.016  12.005  1.00 0.00 ? 1  DA A H8     1 
ATOM 27   H H61    . DA A 1 1 ? 8.390   2.905   8.412   1.00 0.00 ? 1  DA A H61    1 
ATOM 28   H H62    . DA A 1 1 ? 7.835   1.306   8.848   1.00 0.00 ? 1  DA A H62    1 
ATOM 29   H H2     . DA A 1 1 ? 6.061   5.909   10.241  1.00 0.00 ? 1  DA A H2     1 
ATOM 30   H H5T    . DA A 1 1 ? 1.985   -0.532  14.527  1.00 0.00 ? 1  DA A H5T    1 
ATOM 31   P P      . DT A 1 2 ? -0.588  3.968   13.962  1.00 0.00 ? 2  DT A P      1 
ATOM 32   O OP1    . DT A 1 2 ? -1.301  4.700   15.030  1.00 0.00 ? 2  DT A OP1    1 
ATOM 33   O OP2    . DT A 1 2 ? -1.266  2.864   13.307  1.00 0.00 ? 2  DT A OP2    1 
ATOM 34   O "O5'"  . DT A 1 2 ? -0.157  5.026   12.849  1.00 0.00 ? 2  DT A "O5'"  1 
ATOM 35   C "C5'"  . DT A 1 2 ? 0.564   6.186   13.107  1.00 0.00 ? 2  DT A "C5'"  1 
ATOM 36   C "C4'"  . DT A 1 2 ? 0.954   6.936   11.844  1.00 0.00 ? 2  DT A "C4'"  1 
ATOM 37   O "O4'"  . DT A 1 2 ? 2.013   6.288   11.177  1.00 0.00 ? 2  DT A "O4'"  1 
ATOM 38   C "C3'"  . DT A 1 2 ? -0.167  7.175   10.834  1.00 0.00 ? 2  DT A "C3'"  1 
ATOM 39   O "O3'"  . DT A 1 2 ? -0.322  8.559   10.584  1.00 0.00 ? 2  DT A "O3'"  1 
ATOM 40   C "C2'"  . DT A 1 2 ? 0.339   6.482   9.602   1.00 0.00 ? 2  DT A "C2'"  1 
ATOM 41   C "C1'"  . DT A 1 2 ? 1.836   6.441   9.791   1.00 0.00 ? 2  DT A "C1'"  1 
ATOM 42   N N1     . DT A 1 2 ? 2.495   5.367   9.002   1.00 0.00 ? 2  DT A N1     1 
ATOM 43   C C2     . DT A 1 2 ? 3.489   5.747   8.111   1.00 0.00 ? 2  DT A C2     1 
ATOM 44   O O2     . DT A 1 2 ? 3.777   6.908   7.842   1.00 0.00 ? 2  DT A O2     1 
ATOM 45   N N3     . DT A 1 2 ? 4.221   4.768   7.497   1.00 0.00 ? 2  DT A N3     1 
ATOM 46   C C4     . DT A 1 2 ? 3.983   3.423   7.647   1.00 0.00 ? 2  DT A C4     1 
ATOM 47   O O4     . DT A 1 2 ? 4.723   2.614   7.116   1.00 0.00 ? 2  DT A O4     1 
ATOM 48   C C5     . DT A 1 2 ? 2.871   3.069   8.532   1.00 0.00 ? 2  DT A C5     1 
ATOM 49   C C7     . DT A 1 2 ? 2.434   1.626   8.754   1.00 0.00 ? 2  DT A C7     1 
ATOM 50   C C6     . DT A 1 2 ? 2.185   4.055   9.178   1.00 0.00 ? 2  DT A C6     1 
ATOM 51   H "H5'"  . DT A 1 2 ? 1.447   5.904   13.618  1.00 0.00 ? 2  DT A "H5'"  1 
ATOM 52   H "H5''" . DT A 1 2 ? 0.011   6.835   13.728  1.00 0.00 ? 2  DT A "H5''" 1 
ATOM 53   H "H4'"  . DT A 1 2 ? 1.312   7.889   12.208  1.00 0.00 ? 2  DT A "H4'"  1 
ATOM 54   H "H3'"  . DT A 1 2 ? -1.109  6.755   11.143  1.00 0.00 ? 2  DT A "H3'"  1 
ATOM 55   H "H2'"  . DT A 1 2 ? -0.079  5.502   9.563   1.00 0.00 ? 2  DT A "H2'"  1 
ATOM 56   H "H2''" . DT A 1 2 ? 0.044   7.013   8.722   1.00 0.00 ? 2  DT A "H2''" 1 
ATOM 57   H "H1'"  . DT A 1 2 ? 2.228   7.410   9.512   1.00 0.00 ? 2  DT A "H1'"  1 
ATOM 58   H H3     . DT A 1 2 ? 4.992   4.999   6.898   1.00 0.00 ? 2  DT A H3     1 
ATOM 59   H H71    . DT A 1 2 ? 2.696   1.040   8.419   1.00 0.00 ? 2  DT A H71    1 
ATOM 60   H H72    . DT A 1 2 ? 2.533   1.351   9.311   1.00 0.00 ? 2  DT A H72    1 
ATOM 61   H H73    . DT A 1 2 ? 1.843   1.387   8.674   1.00 0.00 ? 2  DT A H73    1 
ATOM 62   H H6     . DT A 1 2 ? 1.350   3.813   9.810   1.00 0.00 ? 2  DT A H6     1 
ATOM 63   P P      . DG A 1 3 ? -1.687  9.163   10.015  1.00 0.00 ? 3  DG A P      1 
ATOM 64   O OP1    . DG A 1 3 ? -1.707  10.628  10.241  1.00 0.00 ? 3  DG A OP1    1 
ATOM 65   O OP2    . DG A 1 3 ? -2.821  8.380   10.554  1.00 0.00 ? 3  DG A OP2    1 
ATOM 66   O "O5'"  . DG A 1 3 ? -1.696  8.934   8.410   1.00 0.00 ? 3  DG A "O5'"  1 
ATOM 67   C "C5'"  . DG A 1 3 ? -0.938  9.747   7.554   1.00 0.00 ? 3  DG A "C5'"  1 
ATOM 68   C "C4'"  . DG A 1 3 ? -0.635  9.173   6.174   1.00 0.00 ? 3  DG A "C4'"  1 
ATOM 69   O "O4'"  . DG A 1 3 ? 0.428   8.242   6.222   1.00 0.00 ? 3  DG A "O4'"  1 
ATOM 70   C "C3'"  . DG A 1 3 ? -1.786  8.602   5.343   1.00 0.00 ? 3  DG A "C3'"  1 
ATOM 71   O "O3'"  . DG A 1 3 ? -2.023  9.418   4.266   1.00 0.00 ? 3  DG A "O3'"  1 
ATOM 72   C "C2'"  . DG A 1 3 ? -1.186  7.311   4.902   1.00 0.00 ? 3  DG A "C2'"  1 
ATOM 73   C "C1'"  . DG A 1 3 ? 0.302   7.493   5.045   1.00 0.00 ? 3  DG A "C1'"  1 
ATOM 74   N N9     . DG A 1 3 ? 1.097   6.247   5.075   1.00 0.00 ? 3  DG A N9     1 
ATOM 75   C C8     . DG A 1 3 ? 0.757   5.073   5.672   1.00 0.00 ? 3  DG A C8     1 
ATOM 76   N N7     . DG A 1 3 ? 1.532   4.077   5.367   1.00 0.00 ? 3  DG A N7     1 
ATOM 77   C C5     . DG A 1 3 ? 2.418   4.649   4.448   1.00 0.00 ? 3  DG A C5     1 
ATOM 78   C C6     . DG A 1 3 ? 3.543   4.108   3.743   1.00 0.00 ? 3  DG A C6     1 
ATOM 79   O O6     . DG A 1 3 ? 4.009   2.987   3.798   1.00 0.00 ? 3  DG A O6     1 
ATOM 80   N N1     . DG A 1 3 ? 4.139   4.962   2.898   1.00 0.00 ? 3  DG A N1     1 
ATOM 81   C C2     . DG A 1 3 ? 3.827   6.275   2.795   1.00 0.00 ? 3  DG A C2     1 
ATOM 82   N N2     . DG A 1 3 ? 4.472   6.953   1.887   1.00 0.00 ? 3  DG A N2     1 
ATOM 83   N N3     . DG A 1 3 ? 2.855   6.872   3.502   1.00 0.00 ? 3  DG A N3     1 
ATOM 84   C C4     . DG A 1 3 ? 2.168   5.987   4.268   1.00 0.00 ? 3  DG A C4     1 
ATOM 85   H "H5'"  . DG A 1 3 ? 0.011   9.911   8.056   1.00 0.00 ? 3  DG A "H5'"  1 
ATOM 86   H "H5''" . DG A 1 3 ? -1.435  10.685  7.405   1.00 0.00 ? 3  DG A "H5''" 1 
ATOM 87   H "H4'"  . DG A 1 3 ? -0.248  10.023  5.638   1.00 0.00 ? 3  DG A "H4'"  1 
ATOM 88   H "H3'"  . DG A 1 3 ? -2.655  8.446   5.932   1.00 0.00 ? 3  DG A "H3'"  1 
ATOM 89   H "H2'"  . DG A 1 3 ? -1.546  6.620   5.545   1.00 0.00 ? 3  DG A "H2'"  1 
ATOM 90   H "H2''" . DG A 1 3 ? -1.470  7.063   3.958   1.00 0.00 ? 3  DG A "H2''" 1 
ATOM 91   H "H1'"  . DG A 1 3 ? 0.639   8.087   4.211   1.00 0.00 ? 3  DG A "H1'"  1 
ATOM 92   H H8     . DG A 1 3 ? -0.075  5.020   6.331   1.00 0.00 ? 3  DG A H8     1 
ATOM 93   H H1     . DG A 1 3 ? 4.949   4.629   2.406   1.00 0.00 ? 3  DG A H1     1 
ATOM 94   H H21    . DG A 1 3 ? 5.122   6.448   1.316   1.00 0.00 ? 3  DG A H21    1 
ATOM 95   H H22    . DG A 1 3 ? 4.341   7.920   1.834   1.00 0.00 ? 3  DG A H22    1 
ATOM 96   P P      . DG A 1 4 ? -3.012  9.425   3.152   1.00 0.00 ? 4  DG A P      1 
ATOM 97   O OP1    . DG A 1 4 ? -3.546  10.705  3.132   1.00 0.00 ? 4  DG A OP1    1 
ATOM 98   O OP2    . DG A 1 4 ? -3.952  8.365   3.327   1.00 0.00 ? 4  DG A OP2    1 
ATOM 99   O "O5'"  . DG A 1 4 ? -2.136  9.227   1.891   1.00 0.00 ? 4  DG A "O5'"  1 
ATOM 100  C "C5'"  . DG A 1 4 ? -1.073  10.123  1.613   1.00 0.00 ? 4  DG A "C5'"  1 
ATOM 101  C "C4'"  . DG A 1 4 ? -0.090  9.647   0.554   1.00 0.00 ? 4  DG A "C4'"  1 
ATOM 102  O "O4'"  . DG A 1 4 ? 0.562   8.479   1.004   1.00 0.00 ? 4  DG A "O4'"  1 
ATOM 103  C "C3'"  . DG A 1 4 ? -0.810  9.356   -0.763  1.00 0.00 ? 4  DG A "C3'"  1 
ATOM 104  O "O3'"  . DG A 1 4 ? -0.292  10.204  -1.761  1.00 0.00 ? 4  DG A "O3'"  1 
ATOM 105  C "C2'"  . DG A 1 4 ? -0.460  7.931   -0.983  1.00 0.00 ? 4  DG A "C2'"  1 
ATOM 106  C "C1'"  . DG A 1 4 ? 0.692   7.602   -0.026  1.00 0.00 ? 4  DG A "C1'"  1 
ATOM 107  N N9     . DG A 1 4 ? 0.687   6.224   0.490   1.00 0.00 ? 4  DG A N9     1 
ATOM 108  C C8     . DG A 1 4 ? -0.203  5.717   1.390   1.00 0.00 ? 4  DG A C8     1 
ATOM 109  N N7     . DG A 1 4 ? 0.054   4.520   1.785   1.00 0.00 ? 4  DG A N7     1 
ATOM 110  C C5     . DG A 1 4 ? 1.202   4.177   1.057   1.00 0.00 ? 4  DG A C5     1 
ATOM 111  C C6     . DG A 1 4 ? 1.993   2.978   0.977   1.00 0.00 ? 4  DG A C6     1 
ATOM 112  O O6     . DG A 1 4 ? 1.919   1.941   1.621   1.00 0.00 ? 4  DG A O6     1 
ATOM 113  N N1     . DG A 1 4 ? 2.971   3.012   -0.021  1.00 0.00 ? 4  DG A N1     1 
ATOM 114  C C2     . DG A 1 4 ? 3.244   4.103   -0.746  1.00 0.00 ? 4  DG A C2     1 
ATOM 115  N N2     . DG A 1 4 ? 4.191   3.969   -1.616  1.00 0.00 ? 4  DG A N2     1 
ATOM 116  N N3     . DG A 1 4 ? 2.574   5.233   -0.661  1.00 0.00 ? 4  DG A N3     1 
ATOM 117  C C4     . DG A 1 4 ? 1.551   5.206   0.231   1.00 0.00 ? 4  DG A C4     1 
ATOM 118  H "H5'"  . DG A 1 4 ? -0.485  10.306  2.486   1.00 0.00 ? 4  DG A "H5'"  1 
ATOM 119  H "H5''" . DG A 1 4 ? -1.499  11.037  1.265   1.00 0.00 ? 4  DG A "H5''" 1 
ATOM 120  H "H4'"  . DG A 1 4 ? 0.653   10.422  0.413   1.00 0.00 ? 4  DG A "H4'"  1 
ATOM 121  H "H3'"  . DG A 1 4 ? -1.874  9.506   -0.659  1.00 0.00 ? 4  DG A "H3'"  1 
ATOM 122  H "H2'"  . DG A 1 4 ? -1.300  7.307   -0.776  1.00 0.00 ? 4  DG A "H2'"  1 
ATOM 123  H "H2''" . DG A 1 4 ? -0.192  7.763   -1.998  1.00 0.00 ? 4  DG A "H2''" 1 
ATOM 124  H "H1'"  . DG A 1 4 ? 1.624   7.794   -0.511  1.00 0.00 ? 4  DG A "H1'"  1 
ATOM 125  H H8     . DG A 1 4 ? -1.012  6.316   1.750   1.00 0.00 ? 4  DG A H8     1 
ATOM 126  H H1     . DG A 1 4 ? 3.547   2.205   -0.153  1.00 0.00 ? 4  DG A H1     1 
ATOM 127  H H21    . DG A 1 4 ? 4.653   3.101   -1.813  1.00 0.00 ? 4  DG A H21    1 
ATOM 128  H H22    . DG A 1 4 ? 4.294   4.704   -2.271  1.00 0.00 ? 4  DG A H22    1 
ATOM 129  P P      . DA A 1 5 ? -1.042  10.473  -3.151  1.00 0.00 ? 5  DA A P      1 
ATOM 130  O OP1    . DA A 1 5 ? -0.387  11.639  -3.775  1.00 0.00 ? 5  DA A OP1    1 
ATOM 131  O OP2    . DA A 1 5 ? -2.483  10.489  -2.908  1.00 0.00 ? 5  DA A OP2    1 
ATOM 132  O "O5'"  . DA A 1 5 ? -0.727  9.192   -4.043  1.00 0.00 ? 5  DA A "O5'"  1 
ATOM 133  C "C5'"  . DA A 1 5 ? 0.547   9.007   -4.609  1.00 0.00 ? 5  DA A "C5'"  1 
ATOM 134  C "C4'"  . DA A 1 5 ? 0.784   7.620   -5.177  1.00 0.00 ? 5  DA A "C4'"  1 
ATOM 135  O "O4'"  . DA A 1 5 ? 0.869   6.578   -4.220  1.00 0.00 ? 5  DA A "O4'"  1 
ATOM 136  C "C3'"  . DA A 1 5 ? -0.157  7.123   -6.265  1.00 0.00 ? 5  DA A "C3'"  1 
ATOM 137  O "O3'"  . DA A 1 5 ? 0.646   6.971   -7.439  1.00 0.00 ? 5  DA A "O3'"  1 
ATOM 138  C "C2'"  . DA A 1 5 ? -0.720  5.791   -5.736  1.00 0.00 ? 5  DA A "C2'"  1 
ATOM 139  C "C1'"  . DA A 1 5 ? 0.410   5.380   -4.783  1.00 0.00 ? 5  DA A "C1'"  1 
ATOM 140  N N9     . DA A 1 5 ? -0.076  4.588   -3.652  1.00 0.00 ? 5  DA A N9     1 
ATOM 141  C C8     . DA A 1 5 ? -0.991  4.919   -2.701  1.00 0.00 ? 5  DA A C8     1 
ATOM 142  N N7     . DA A 1 5 ? -1.191  4.002   -1.795  1.00 0.00 ? 5  DA A N7     1 
ATOM 143  C C5     . DA A 1 5 ? -0.289  2.994   -2.150  1.00 0.00 ? 5  DA A C5     1 
ATOM 144  C C6     . DA A 1 5 ? 0.135   1.744   -1.603  1.00 0.00 ? 5  DA A C6     1 
ATOM 145  N N6     . DA A 1 5 ? -0.298  1.172   -0.516  1.00 0.00 ? 5  DA A N6     1 
ATOM 146  N N1     . DA A 1 5 ? 1.096   1.058   -2.174  1.00 0.00 ? 5  DA A N1     1 
ATOM 147  C C2     . DA A 1 5 ? 1.675   1.538   -3.268  1.00 0.00 ? 5  DA A C2     1 
ATOM 148  N N3     . DA A 1 5 ? 1.411   2.658   -3.892  1.00 0.00 ? 5  DA A N3     1 
ATOM 149  C C4     . DA A 1 5 ? 0.412   3.358   -3.298  1.00 0.00 ? 5  DA A C4     1 
ATOM 150  H "H5'"  . DA A 1 5 ? 1.337   9.132   -3.884  1.00 0.00 ? 5  DA A "H5'"  1 
ATOM 151  H "H5''" . DA A 1 5 ? 0.712   9.641   -5.466  1.00 0.00 ? 5  DA A "H5''" 1 
ATOM 152  H "H4'"  . DA A 1 5 ? 1.789   7.661   -5.581  1.00 0.00 ? 5  DA A "H4'"  1 
ATOM 153  H "H3'"  . DA A 1 5 ? -0.975  7.807   -6.405  1.00 0.00 ? 5  DA A "H3'"  1 
ATOM 154  H "H2'"  . DA A 1 5 ? -1.603  6.023   -5.172  1.00 0.00 ? 5  DA A "H2'"  1 
ATOM 155  H "H2''" . DA A 1 5 ? -0.859  5.048   -6.510  1.00 0.00 ? 5  DA A "H2''" 1 
ATOM 156  H "H1'"  . DA A 1 5 ? 1.128   4.827   -5.373  1.00 0.00 ? 5  DA A "H1'"  1 
ATOM 157  H H8     . DA A 1 5 ? -1.435  5.898   -2.723  1.00 0.00 ? 5  DA A H8     1 
ATOM 158  H H61    . DA A 1 5 ? 0.132   0.323   -0.197  1.00 0.00 ? 5  DA A H61    1 
ATOM 159  H H62    . DA A 1 5 ? -0.884  1.701   0.096   1.00 0.00 ? 5  DA A H62    1 
ATOM 160  H H2     . DA A 1 5 ? 2.442   0.935   -3.712  1.00 0.00 ? 5  DA A H2     1 
ATOM 161  P P      . G  A 1 6 ? 0.010   6.536   -8.831  1.00 0.00 ? 6  G  A P      1 
ATOM 162  O OP1    . G  A 1 6 ? 0.917   6.965   -9.886  1.00 0.00 ? 6  G  A OP1    1 
ATOM 163  O OP2    . G  A 1 6 ? -1.394  6.956   -8.880  1.00 0.00 ? 6  G  A OP2    1 
ATOM 164  O "O5'"  . G  A 1 6 ? 0.019   4.946   -8.690  1.00 0.00 ? 6  G  A "O5'"  1 
ATOM 165  C "C5'"  . G  A 1 6 ? 1.178   4.127   -8.798  1.00 0.00 ? 6  G  A "C5'"  1 
ATOM 166  C "C4'"  . G  A 1 6 ? 0.873   2.648   -8.672  1.00 0.00 ? 6  G  A "C4'"  1 
ATOM 167  O "O4'"  . G  A 1 6 ? 0.644   2.321   -7.334  1.00 0.00 ? 6  G  A "O4'"  1 
ATOM 168  C "C3'"  . G  A 1 6 ? -0.415  2.291   -9.445  1.00 0.00 ? 6  G  A "C3'"  1 
ATOM 169  O "O3'"  . G  A 1 6 ? -0.202  1.044   -10.142 1.00 0.00 ? 6  G  A "O3'"  1 
ATOM 170  C "C2'"  . G  A 1 6 ? -1.412  2.211   -8.295  1.00 0.00 ? 6  G  A "C2'"  1 
ATOM 171  O "O2'"  . G  A 1 6 ? -2.625  1.562   -8.557  1.00 0.00 ? 6  G  A "O2'"  1 
ATOM 172  C "C1'"  . G  A 1 6 ? -0.572  1.614   -7.242  1.00 0.00 ? 6  G  A "C1'"  1 
ATOM 173  N N9     . G  A 1 6 ? -1.207  1.517   -5.915  1.00 0.00 ? 6  G  A N9     1 
ATOM 174  C C8     . G  A 1 6 ? -2.129  2.330   -5.346  1.00 0.00 ? 6  G  A C8     1 
ATOM 175  N N7     . G  A 1 6 ? -2.691  1.844   -4.286  1.00 0.00 ? 6  G  A N7     1 
ATOM 176  C C5     . G  A 1 6 ? -2.074  0.621   -4.070  1.00 0.00 ? 6  G  A C5     1 
ATOM 177  C C6     . G  A 1 6 ? -2.172  -0.364  -3.036  1.00 0.00 ? 6  G  A C6     1 
ATOM 178  O O6     . G  A 1 6 ? -2.947  -0.391  -2.082  1.00 0.00 ? 6  G  A O6     1 
ATOM 179  N N1     . G  A 1 6 ? -1.305  -1.410  -3.190  1.00 0.00 ? 6  G  A N1     1 
ATOM 180  C C2     . G  A 1 6 ? -0.427  -1.525  -4.207  1.00 0.00 ? 6  G  A C2     1 
ATOM 181  N N2     . G  A 1 6 ? 0.295   -2.613  -4.247  1.00 0.00 ? 6  G  A N2     1 
ATOM 182  N N3     . G  A 1 6 ? -0.274  -0.604  -5.154  1.00 0.00 ? 6  G  A N3     1 
ATOM 183  C C4     . G  A 1 6 ? -1.135  0.428   -5.066  1.00 0.00 ? 6  G  A C4     1 
ATOM 184  H "H5'"  . G  A 1 6 ? 1.902   4.426   -8.057  1.00 0.00 ? 6  G  A "H5'"  1 
ATOM 185  H "H5''" . G  A 1 6 ? 1.636   4.346   -9.745  1.00 0.00 ? 6  G  A "H5''" 1 
ATOM 186  H "H4'"  . G  A 1 6 ? 1.719   2.084   -9.034  1.00 0.00 ? 6  G  A "H4'"  1 
ATOM 187  H "H3'"  . G  A 1 6 ? -0.684  3.090   -10.129 1.00 0.00 ? 6  G  A "H3'"  1 
ATOM 188  H "H2'"  . G  A 1 6 ? -1.632  3.204   -7.942  1.00 0.00 ? 6  G  A "H2'"  1 
ATOM 189  H "HO2'" . G  A 1 6 ? -2.650  1.405   -9.485  1.00 0.00 ? 6  G  A "HO2'" 1 
ATOM 190  H "H1'"  . G  A 1 6 ? -0.401  0.596   -7.528  1.00 0.00 ? 6  G  A "H1'"  1 
ATOM 191  H H8     . G  A 1 6 ? -2.362  3.288   -5.774  1.00 0.00 ? 6  G  A H8     1 
ATOM 192  H H1     . G  A 1 6 ? -1.412  -2.128  -2.498  1.00 0.00 ? 6  G  A H1     1 
ATOM 193  H H21    . G  A 1 6 ? 0.052   -3.353  -3.610  1.00 0.00 ? 6  G  A H21    1 
ATOM 194  H H22    . G  A 1 6 ? 0.965   -2.725  -4.985  1.00 0.00 ? 6  G  A H22    1 
ATOM 195  P P      . DC A 1 7 ? -1.182  0.583   -11.337 1.00 0.00 ? 7  DC A P      1 
ATOM 196  O OP1    . DC A 1 7 ? -0.450  0.715   -12.594 1.00 0.00 ? 7  DC A OP1    1 
ATOM 197  O OP2    . DC A 1 7 ? -2.448  1.288   -11.151 1.00 0.00 ? 7  DC A OP2    1 
ATOM 198  O "O5'"  . DC A 1 7 ? -1.457  -0.954  -11.076 1.00 0.00 ? 7  DC A "O5'"  1 
ATOM 199  C "C5'"  . DC A 1 7 ? -0.410  -1.875  -11.274 1.00 0.00 ? 7  DC A "C5'"  1 
ATOM 200  C "C4'"  . DC A 1 7 ? -0.504  -3.059  -10.321 1.00 0.00 ? 7  DC A "C4'"  1 
ATOM 201  O "O4'"  . DC A 1 7 ? -0.432  -2.680  -8.967  1.00 0.00 ? 7  DC A "O4'"  1 
ATOM 202  C "C3'"  . DC A 1 7 ? -1.757  -3.965  -10.447 1.00 0.00 ? 7  DC A "C3'"  1 
ATOM 203  O "O3'"  . DC A 1 7 ? -1.528  -4.945  -11.442 1.00 0.00 ? 7  DC A "O3'"  1 
ATOM 204  C "C2'"  . DC A 1 7 ? -1.748  -4.626  -9.099  1.00 0.00 ? 7  DC A "C2'"  1 
ATOM 205  C "C1'"  . DC A 1 7 ? -1.114  -3.611  -8.182  1.00 0.00 ? 7  DC A "C1'"  1 
ATOM 206  N N1     . DC A 1 7 ? -2.151  -2.950  -7.309  1.00 0.00 ? 7  DC A N1     1 
ATOM 207  C C2     . DC A 1 7 ? -2.633  -3.626  -6.185  1.00 0.00 ? 7  DC A C2     1 
ATOM 208  O O2     . DC A 1 7 ? -2.239  -4.758  -5.871  1.00 0.00 ? 7  DC A O2     1 
ATOM 209  N N3     . DC A 1 7 ? -3.591  -3.065  -5.429  1.00 0.00 ? 7  DC A N3     1 
ATOM 210  C C4     . DC A 1 7 ? -3.987  -1.831  -5.697  1.00 0.00 ? 7  DC A C4     1 
ATOM 211  N N4     . DC A 1 7 ? -4.875  -1.314  -4.909  1.00 0.00 ? 7  DC A N4     1 
ATOM 212  C C5     . DC A 1 7 ? -3.489  -1.101  -6.794  1.00 0.00 ? 7  DC A C5     1 
ATOM 213  C C6     . DC A 1 7 ? -2.614  -1.699  -7.611  1.00 0.00 ? 7  DC A C6     1 
ATOM 214  H "H5'"  . DC A 1 7 ? 0.543   -1.391  -11.095 1.00 0.00 ? 7  DC A "H5'"  1 
ATOM 215  H "H5''" . DC A 1 7 ? -0.387  -2.212  -12.301 1.00 0.00 ? 7  DC A "H5''" 1 
ATOM 216  H "H4'"  . DC A 1 7 ? 0.351   -3.700  -10.501 1.00 0.00 ? 7  DC A "H4'"  1 
ATOM 217  H "H3'"  . DC A 1 7 ? -2.683  -3.411  -10.519 1.00 0.00 ? 7  DC A "H3'"  1 
ATOM 218  H "H2'"  . DC A 1 7 ? -2.710  -4.873  -8.736  1.00 0.00 ? 7  DC A "H2'"  1 
ATOM 219  H "H2''" . DC A 1 7 ? -1.156  -5.490  -9.121  1.00 0.00 ? 7  DC A "H2''" 1 
ATOM 220  H "H1'"  . DC A 1 7 ? -0.400  -4.062  -7.526  1.00 0.00 ? 7  DC A "H1'"  1 
ATOM 221  H H41    . DC A 1 7 ? -5.150  -1.918  -4.151  1.00 0.00 ? 7  DC A H41    1 
ATOM 222  H H42    . DC A 1 7 ? -5.341  -0.443  -5.099  1.00 0.00 ? 7  DC A H42    1 
ATOM 223  H H5     . DC A 1 7 ? -3.819  -0.106  -7.010  1.00 0.00 ? 7  DC A H5     1 
ATOM 224  H H6     . DC A 1 7 ? -2.259  -1.201  -8.486  1.00 0.00 ? 7  DC A H6     1 
ATOM 225  P P      . DT A 1 8 ? -2.667  -5.668  -12.278 1.00 0.00 ? 8  DT A P      1 
ATOM 226  O OP1    . DT A 1 8 ? -2.021  -6.462  -13.308 1.00 0.00 ? 8  DT A OP1    1 
ATOM 227  O OP2    . DT A 1 8 ? -3.633  -4.616  -12.661 1.00 0.00 ? 8  DT A OP2    1 
ATOM 228  O "O5'"  . DT A 1 8 ? -3.380  -6.728  -11.305 1.00 0.00 ? 8  DT A "O5'"  1 
ATOM 229  C "C5'"  . DT A 1 8 ? -2.749  -7.903  -10.882 1.00 0.00 ? 8  DT A "C5'"  1 
ATOM 230  C "C4'"  . DT A 1 8 ? -3.399  -8.525  -9.662  1.00 0.00 ? 8  DT A "C4'"  1 
ATOM 231  O "O4'"  . DT A 1 8 ? -3.340  -7.662  -8.541  1.00 0.00 ? 8  DT A "O4'"  1 
ATOM 232  C "C3'"  . DT A 1 8 ? -4.862  -8.873  -9.885  1.00 0.00 ? 8  DT A "C3'"  1 
ATOM 233  O "O3'"  . DT A 1 8 ? -5.062  -10.158 -10.352 1.00 0.00 ? 8  DT A "O3'"  1 
ATOM 234  C "C2'"  . DT A 1 8 ? -5.375  -8.743  -8.537  1.00 0.00 ? 8  DT A "C2'"  1 
ATOM 235  C "C1'"  . DT A 1 8 ? -4.477  -7.899  -7.720  1.00 0.00 ? 8  DT A "C1'"  1 
ATOM 236  N N1     . DT A 1 8 ? -5.154  -6.684  -7.292  1.00 0.00 ? 8  DT A N1     1 
ATOM 237  C C2     . DT A 1 8 ? -5.775  -6.688  -6.058  1.00 0.00 ? 8  DT A C2     1 
ATOM 238  O O2     . DT A 1 8 ? -5.794  -7.644  -5.329  1.00 0.00 ? 8  DT A O2     1 
ATOM 239  N N3     . DT A 1 8 ? -6.388  -5.551  -5.678  1.00 0.00 ? 8  DT A N3     1 
ATOM 240  C C4     . DT A 1 8 ? -6.515  -4.416  -6.421  1.00 0.00 ? 8  DT A C4     1 
ATOM 241  O O4     . DT A 1 8 ? -7.142  -3.493  -5.919  1.00 0.00 ? 8  DT A O4     1 
ATOM 242  C C5     . DT A 1 8 ? -5.885  -4.484  -7.722  1.00 0.00 ? 8  DT A C5     1 
ATOM 243  C C7     . DT A 1 8 ? -5.912  -3.363  -8.707  1.00 0.00 ? 8  DT A C7     1 
ATOM 244  C C6     . DT A 1 8 ? -5.274  -5.600  -8.126  1.00 0.00 ? 8  DT A C6     1 
ATOM 245  H "H5'"  . DT A 1 8 ? -1.718  -7.720  -10.712 1.00 0.00 ? 8  DT A "H5'"  1 
ATOM 246  H "H5''" . DT A 1 8 ? -2.812  -8.617  -11.659 1.00 0.00 ? 8  DT A "H5''" 1 
ATOM 247  H "H4'"  . DT A 1 8 ? -2.888  -9.446  -9.411  1.00 0.00 ? 8  DT A "H4'"  1 
ATOM 248  H "H3'"  . DT A 1 8 ? -5.287  -8.205  -10.488 1.00 0.00 ? 8  DT A "H3'"  1 
ATOM 249  H "H2'"  . DT A 1 8 ? -6.249  -8.346  -8.577  1.00 0.00 ? 8  DT A "H2'"  1 
ATOM 250  H "H2''" . DT A 1 8 ? -5.414  -9.652  -8.219  1.00 0.00 ? 8  DT A "H2''" 1 
ATOM 251  H "H1'"  . DT A 1 8 ? -4.220  -8.427  -6.855  1.00 0.00 ? 8  DT A "H1'"  1 
ATOM 252  H H3     . DT A 1 8 ? -6.898  -5.609  -4.816  1.00 0.00 ? 8  DT A H3     1 
ATOM 253  H H71    . DT A 1 8 ? -5.826  -2.591  -8.286  1.00 0.00 ? 8  DT A H71    1 
ATOM 254  H H72    . DT A 1 8 ? -5.239  -3.408  -9.304  1.00 0.00 ? 8  DT A H72    1 
ATOM 255  H H73    . DT A 1 8 ? -6.670  -3.300  -9.232  1.00 0.00 ? 8  DT A H73    1 
ATOM 256  H H6     . DT A 1 8 ? -4.817  -5.630  -9.095  1.00 0.00 ? 8  DT A H6     1 
ATOM 257  P P      . DC A 1 9 ? -6.433  -10.566 -11.005 1.00 0.00 ? 9  DC A P      1 
ATOM 258  O OP1    . DC A 1 9 ? -6.183  -11.755 -11.784 1.00 0.00 ? 9  DC A OP1    1 
ATOM 259  O OP2    . DC A 1 9 ? -7.005  -9.413  -11.665 1.00 0.00 ? 9  DC A OP2    1 
ATOM 260  O "O5'"  . DC A 1 9 ? -7.330  -10.916 -9.758  1.00 0.00 ? 9  DC A "O5'"  1 
ATOM 261  C "C5'"  . DC A 1 9 ? -7.096  -12.005 -8.941  1.00 0.00 ? 9  DC A "C5'"  1 
ATOM 262  C "C4'"  . DC A 1 9 ? -8.022  -11.999 -7.765  1.00 0.00 ? 9  DC A "C4'"  1 
ATOM 263  O "O4'"  . DC A 1 9 ? -7.755  -10.933 -6.909  1.00 0.00 ? 9  DC A "O4'"  1 
ATOM 264  C "C3'"  . DC A 1 9 ? -9.487  -11.971 -8.060  1.00 0.00 ? 9  DC A "C3'"  1 
ATOM 265  O "O3'"  . DC A 1 9 ? -10.011 -13.263 -8.317  1.00 0.00 ? 9  DC A "O3'"  1 
ATOM 266  C "C2'"  . DC A 1 9 ? -9.957  -11.500 -6.759  1.00 0.00 ? 9  DC A "C2'"  1 
ATOM 267  C "C1'"  . DC A 1 9 ? -8.907  -10.620 -6.219  1.00 0.00 ? 9  DC A "C1'"  1 
ATOM 268  N N1     . DC A 1 9 ? -9.241  -9.185  -6.338  1.00 0.00 ? 9  DC A N1     1 
ATOM 269  C C2     . DC A 1 9 ? -9.847  -8.494  -5.286  1.00 0.00 ? 9  DC A C2     1 
ATOM 270  O O2     . DC A 1 9 ? -10.150 -9.066  -4.261  1.00 0.00 ? 9  DC A O2     1 
ATOM 271  N N3     . DC A 1 9 ? -10.154 -7.180  -5.390  1.00 0.00 ? 9  DC A N3     1 
ATOM 272  C C4     . DC A 1 9 ? -9.811  -6.560  -6.501  1.00 0.00 ? 9  DC A C4     1 
ATOM 273  N N4     . DC A 1 9 ? -10.083 -5.297  -6.574  1.00 0.00 ? 9  DC A N4     1 
ATOM 274  C C5     . DC A 1 9 ? -9.166  -7.214  -7.606  1.00 0.00 ? 9  DC A C5     1 
ATOM 275  C C6     . DC A 1 9 ? -8.933  -8.525  -7.476  1.00 0.00 ? 9  DC A C6     1 
ATOM 276  H "H5'"  . DC A 1 9 ? -6.086  -12.034 -8.606  1.00 0.00 ? 9  DC A "H5'"  1 
ATOM 277  H "H5''" . DC A 1 9 ? -7.210  -12.897 -9.492  1.00 0.00 ? 9  DC A "H5''" 1 
ATOM 278  H "H4'"  . DC A 1 9 ? -7.910  -12.907 -7.254  1.00 0.00 ? 9  DC A "H4'"  1 
ATOM 279  H "H3'"  . DC A 1 9 ? -9.716  -11.266 -8.804  1.00 0.00 ? 9  DC A "H3'"  1 
ATOM 280  H "HO3'" . DC A 1 9 ? -10.053 -13.449 -9.214  1.00 0.00 ? 9  DC A "HO3'" 1 
ATOM 281  H "H2'"  . DC A 1 9 ? -10.825 -10.956 -6.818  1.00 0.00 ? 9  DC A "H2'"  1 
ATOM 282  H "H2''" . DC A 1 9 ? -10.058 -12.280 -6.145  1.00 0.00 ? 9  DC A "H2''" 1 
ATOM 283  H "H1'"  . DC A 1 9 ? -8.790  -10.817 -5.208  1.00 0.00 ? 9  DC A "H1'"  1 
ATOM 284  H H41    . DC A 1 9 ? -10.579 -4.881  -5.813  1.00 0.00 ? 9  DC A H41    1 
ATOM 285  H H42    . DC A 1 9 ? -9.796  -4.770  -7.370  1.00 0.00 ? 9  DC A H42    1 
ATOM 286  H H5     . DC A 1 9 ? -8.951  -6.752  -8.523  1.00 0.00 ? 9  DC A H5     1 
ATOM 287  H H6     . DC A 1 9 ? -8.546  -9.122  -8.270  1.00 0.00 ? 9  DC A H6     1 
ATOM 288  O "O5'"  . DG B 2 1 ? -17.293 -2.392  1.942   1.00 0.00 ? 10 DG B "O5'"  1 
ATOM 289  C "C5'"  . DG B 2 1 ? -17.899 -3.638  2.091   1.00 0.00 ? 10 DG B "C5'"  1 
ATOM 290  C "C4'"  . DG B 2 1 ? -16.942 -4.782  1.944   1.00 0.00 ? 10 DG B "C4'"  1 
ATOM 291  O "O4'"  . DG B 2 1 ? -16.661 -4.878  0.588   1.00 0.00 ? 10 DG B "O4'"  1 
ATOM 292  C "C3'"  . DG B 2 1 ? -15.616 -4.652  2.728   1.00 0.00 ? 10 DG B "C3'"  1 
ATOM 293  O "O3'"  . DG B 2 1 ? -15.354 -5.790  3.515   1.00 0.00 ? 10 DG B "O3'"  1 
ATOM 294  C "C2'"  . DG B 2 1 ? -14.604 -4.506  1.590   1.00 0.00 ? 10 DG B "C2'"  1 
ATOM 295  C "C1'"  . DG B 2 1 ? -15.298 -5.175  0.411   1.00 0.00 ? 10 DG B "C1'"  1 
ATOM 296  N N9     . DG B 2 1 ? -14.765 -4.712  -0.863  1.00 0.00 ? 10 DG B N9     1 
ATOM 297  C C8     . DG B 2 1 ? -14.923 -3.500  -1.476  1.00 0.00 ? 10 DG B C8     1 
ATOM 298  N N7     . DG B 2 1 ? -14.138 -3.309  -2.491  1.00 0.00 ? 10 DG B N7     1 
ATOM 299  C C5     . DG B 2 1 ? -13.463 -4.518  -2.585  1.00 0.00 ? 10 DG B C5     1 
ATOM 300  C C6     . DG B 2 1 ? -12.418 -4.936  -3.483  1.00 0.00 ? 10 DG B C6     1 
ATOM 301  O O6     . DG B 2 1 ? -11.884 -4.341  -4.420  1.00 0.00 ? 10 DG B O6     1 
ATOM 302  N N1     . DG B 2 1 ? -12.051 -6.231  -3.311  1.00 0.00 ? 10 DG B N1     1 
ATOM 303  C C2     . DG B 2 1 ? -12.451 -7.008  -2.265  1.00 0.00 ? 10 DG B C2     1 
ATOM 304  N N2     . DG B 2 1 ? -11.894 -8.188  -2.199  1.00 0.00 ? 10 DG B N2     1 
ATOM 305  N N3     . DG B 2 1 ? -13.389 -6.655  -1.410  1.00 0.00 ? 10 DG B N3     1 
ATOM 306  C C4     . DG B 2 1 ? -13.843 -5.395  -1.591  1.00 0.00 ? 10 DG B C4     1 
ATOM 307  H "H5'"  . DG B 2 1 ? -18.678 -3.797  1.372   1.00 0.00 ? 10 DG B "H5'"  1 
ATOM 308  H "H5''" . DG B 2 1 ? -18.302 -3.725  3.073   1.00 0.00 ? 10 DG B "H5''" 1 
ATOM 309  H "H4'"  . DG B 2 1 ? -17.418 -5.666  2.278   1.00 0.00 ? 10 DG B "H4'"  1 
ATOM 310  H "H3'"  . DG B 2 1 ? -15.574 -3.766  3.349   1.00 0.00 ? 10 DG B "H3'"  1 
ATOM 311  H "H2'"  . DG B 2 1 ? -14.463 -3.440  1.458   1.00 0.00 ? 10 DG B "H2'"  1 
ATOM 312  H "H2''" . DG B 2 1 ? -13.646 -4.973  1.810   1.00 0.00 ? 10 DG B "H2''" 1 
ATOM 313  H "H1'"  . DG B 2 1 ? -15.146 -6.246  0.453   1.00 0.00 ? 10 DG B "H1'"  1 
ATOM 314  H H8     . DG B 2 1 ? -15.588 -2.764  -1.079  1.00 0.00 ? 10 DG B H8     1 
ATOM 315  H H1     . DG B 2 1 ? -11.400 -6.560  -4.003  1.00 0.00 ? 10 DG B H1     1 
ATOM 316  H H21    . DG B 2 1 ? -11.234 -8.476  -2.895  1.00 0.00 ? 10 DG B H21    1 
ATOM 317  H H22    . DG B 2 1 ? -12.211 -8.818  -1.504  1.00 0.00 ? 10 DG B H22    1 
ATOM 318  H H5T    . DG B 2 1 ? -17.116 -2.089  2.813   1.00 0.00 ? 10 DG B H5T    1 
ATOM 319  P P      . DA B 2 2 ? -14.163 -5.850  4.559   1.00 0.00 ? 11 DA B P      1 
ATOM 320  O OP1    . DA B 2 2 ? -14.571 -6.771  5.635   1.00 0.00 ? 11 DA B OP1    1 
ATOM 321  O OP2    . DA B 2 2 ? -13.788 -4.461  4.932   1.00 0.00 ? 11 DA B OP2    1 
ATOM 322  O "O5'"  . DA B 2 2 ? -12.899 -6.467  3.793   1.00 0.00 ? 11 DA B "O5'"  1 
ATOM 323  C "C5'"  . DA B 2 2 ? -12.922 -7.788  3.321   1.00 0.00 ? 11 DA B "C5'"  1 
ATOM 324  C "C4'"  . DA B 2 2 ? -11.662 -8.264  2.622   1.00 0.00 ? 11 DA B "C4'"  1 
ATOM 325  O "O4'"  . DA B 2 2 ? -11.554 -7.705  1.344   1.00 0.00 ? 11 DA B "O4'"  1 
ATOM 326  C "C3'"  . DA B 2 2 ? -10.354 -7.968  3.372   1.00 0.00 ? 11 DA B "C3'"  1 
ATOM 327  O "O3'"  . DA B 2 2 ? -9.736  -9.163  3.774   1.00 0.00 ? 11 DA B "O3'"  1 
ATOM 328  C "C2'"  . DA B 2 2 ? -9.613  -7.130  2.378   1.00 0.00 ? 11 DA B "C2'"  1 
ATOM 329  C "C1'"  . DA B 2 2 ? -10.219 -7.470  1.072   1.00 0.00 ? 11 DA B "C1'"  1 
ATOM 330  N N9     . DA B 2 2 ? -10.058 -6.385  0.085   1.00 0.00 ? 11 DA B N9     1 
ATOM 331  C C8     . DA B 2 2 ? -10.614 -5.126  0.140   1.00 0.00 ? 11 DA B C8     1 
ATOM 332  N N7     . DA B 2 2 ? -10.230 -4.328  -0.811  1.00 0.00 ? 11 DA B N7     1 
ATOM 333  C C5     . DA B 2 2 ? -9.328  -5.112  -1.566  1.00 0.00 ? 11 DA B C5     1 
ATOM 334  C C6     . DA B 2 2 ? -8.540  -4.894  -2.682  1.00 0.00 ? 11 DA B C6     1 
ATOM 335  N N6     . DA B 2 2 ? -8.560  -3.771  -3.358  1.00 0.00 ? 11 DA B N6     1 
ATOM 336  N N1     . DA B 2 2 ? -7.787  -5.849  -3.190  1.00 0.00 ? 11 DA B N1     1 
ATOM 337  C C2     . DA B 2 2 ? -7.774  -7.024  -2.565  1.00 0.00 ? 11 DA B C2     1 
ATOM 338  N N3     . DA B 2 2 ? -8.451  -7.398  -1.478  1.00 0.00 ? 11 DA B N3     1 
ATOM 339  C C4     . DA B 2 2 ? -9.210  -6.372  -1.001  1.00 0.00 ? 11 DA B C4     1 
ATOM 340  H "H5'"  . DA B 2 2 ? -13.740 -7.909  2.668   1.00 0.00 ? 11 DA B "H5'"  1 
ATOM 341  H "H5''" . DA B 2 2 ? -13.057 -8.489  4.103   1.00 0.00 ? 11 DA B "H5''" 1 
ATOM 342  H "H4'"  . DA B 2 2 ? -11.688 -9.342  2.552   1.00 0.00 ? 11 DA B "H4'"  1 
ATOM 343  H "H3'"  . DA B 2 2 ? -10.594 -7.381  4.220   1.00 0.00 ? 11 DA B "H3'"  1 
ATOM 344  H "H2'"  . DA B 2 2 ? -9.799  -6.108  2.549   1.00 0.00 ? 11 DA B "H2'"  1 
ATOM 345  H "H2''" . DA B 2 2 ? -8.583  -7.365  2.374   1.00 0.00 ? 11 DA B "H2''" 1 
ATOM 346  H "H1'"  . DA B 2 2 ? -9.769  -8.342  0.675   1.00 0.00 ? 11 DA B "H1'"  1 
ATOM 347  H H8     . DA B 2 2 ? -11.281 -4.838  0.923   1.00 0.00 ? 11 DA B H8     1 
ATOM 348  H H61    . DA B 2 2 ? -8.011  -3.700  -4.190  1.00 0.00 ? 11 DA B H61    1 
ATOM 349  H H62    . DA B 2 2 ? -9.100  -2.999  -3.060  1.00 0.00 ? 11 DA B H62    1 
ATOM 350  H H2     . DA B 2 2 ? -7.117  -7.774  -2.953  1.00 0.00 ? 11 DA B H2     1 
ATOM 351  P P      . DG B 2 3 ? -8.520  -9.145  4.818   1.00 0.00 ? 12 DG B P      1 
ATOM 352  O OP1    . DG B 2 3 ? -8.399  -10.512 5.338   1.00 0.00 ? 12 DG B OP1    1 
ATOM 353  O OP2    . DG B 2 3 ? -8.762  -8.024  5.751   1.00 0.00 ? 12 DG B OP2    1 
ATOM 354  O "O5'"  . DG B 2 3 ? -7.216  -8.847  3.942   1.00 0.00 ? 12 DG B "O5'"  1 
ATOM 355  C "C5'"  . DG B 2 3 ? -6.756  -9.833  3.066   1.00 0.00 ? 12 DG B "C5'"  1 
ATOM 356  C "C4'"  . DG B 2 3 ? -5.561  -9.414  2.257   1.00 0.00 ? 12 DG B "C4'"  1 
ATOM 357  O "O4'"  . DG B 2 3 ? -5.885  -8.502  1.237   1.00 0.00 ? 12 DG B "O4'"  1 
ATOM 358  C "C3'"  . DG B 2 3 ? -4.410  -8.803  2.980   1.00 0.00 ? 12 DG B "C3'"  1 
ATOM 359  O "O3'"  . DG B 2 3 ? -3.244  -9.559  2.851   1.00 0.00 ? 12 DG B "O3'"  1 
ATOM 360  C "C2'"  . DG B 2 3 ? -4.269  -7.542  2.240   1.00 0.00 ? 12 DG B "C2'"  1 
ATOM 361  C "C1'"  . DG B 2 3 ? -4.901  -7.609  0.973   1.00 0.00 ? 12 DG B "C1'"  1 
ATOM 362  N N9     . DG B 2 3 ? -5.320  -6.342  0.383   1.00 0.00 ? 12 DG B N9     1 
ATOM 363  C C8     . DG B 2 3 ? -6.111  -5.404  0.933   1.00 0.00 ? 12 DG B C8     1 
ATOM 364  N N7     . DG B 2 3 ? -6.245  -4.338  0.183   1.00 0.00 ? 12 DG B N7     1 
ATOM 365  C C5     . DG B 2 3 ? -5.482  -4.607  -0.960  1.00 0.00 ? 12 DG B C5     1 
ATOM 366  C C6     . DG B 2 3 ? -5.187  -3.884  -2.154  1.00 0.00 ? 12 DG B C6     1 
ATOM 367  O O6     . DG B 2 3 ? -5.528  -2.755  -2.500  1.00 0.00 ? 12 DG B O6     1 
ATOM 368  N N1     . DG B 2 3 ? -4.357  -4.565  -3.014  1.00 0.00 ? 12 DG B N1     1 
ATOM 369  C C2     . DG B 2 3 ? -3.857  -5.791  -2.753  1.00 0.00 ? 12 DG B C2     1 
ATOM 370  N N2     . DG B 2 3 ? -3.050  -6.291  -3.607  1.00 0.00 ? 12 DG B N2     1 
ATOM 371  N N3     . DG B 2 3 ? -4.116  -6.480  -1.669  1.00 0.00 ? 12 DG B N3     1 
ATOM 372  C C4     . DG B 2 3 ? -4.919  -5.851  -0.811  1.00 0.00 ? 12 DG B C4     1 
ATOM 373  H "H5'"  . DG B 2 3 ? -7.517  -10.102 2.379   1.00 0.00 ? 12 DG B "H5'"  1 
ATOM 374  H "H5''" . DG B 2 3 ? -6.482  -10.705 3.622   1.00 0.00 ? 12 DG B "H5''" 1 
ATOM 375  H "H4'"  . DG B 2 3 ? -5.222  -10.328 1.842   1.00 0.00 ? 12 DG B "H4'"  1 
ATOM 376  H "H3'"  . DG B 2 3 ? -4.677  -8.668  3.992   1.00 0.00 ? 12 DG B "H3'"  1 
ATOM 377  H "H2'"  . DG B 2 3 ? -4.632  -6.797  2.678   1.00 0.00 ? 12 DG B "H2'"  1 
ATOM 378  H "H2''" . DG B 2 3 ? -3.389  -7.437  2.048   1.00 0.00 ? 12 DG B "H2''" 1 
ATOM 379  H "H1'"  . DG B 2 3 ? -4.272  -8.053  0.378   1.00 0.00 ? 12 DG B "H1'"  1 
ATOM 380  H H8     . DG B 2 3 ? -6.520  -5.548  1.906   1.00 0.00 ? 12 DG B H8     1 
ATOM 381  H H1     . DG B 2 3 ? -4.123  -4.070  -3.858  1.00 0.00 ? 12 DG B H1     1 
ATOM 382  H H21    . DG B 2 3 ? -2.792  -5.751  -4.398  1.00 0.00 ? 12 DG B H21    1 
ATOM 383  H H22    . DG B 2 3 ? -2.646  -7.182  -3.396  1.00 0.00 ? 12 DG B H22    1 
ATOM 384  P P      . DC B 2 4 ? -1.892  -9.231  3.636   1.00 0.00 ? 13 DC B P      1 
ATOM 385  O OP1    . DC B 2 4 ? -1.365  -10.499 4.112   1.00 0.00 ? 13 DC B OP1    1 
ATOM 386  O OP2    . DC B 2 4 ? -2.217  -8.184  4.617   1.00 0.00 ? 13 DC B OP2    1 
ATOM 387  O "O5'"  . DC B 2 4 ? -0.891  -8.649  2.571   1.00 0.00 ? 13 DC B "O5'"  1 
ATOM 388  C "C5'"  . DC B 2 4 ? -0.336  -9.484  1.552   1.00 0.00 ? 13 DC B "C5'"  1 
ATOM 389  C "C4'"  . DC B 2 4 ? 0.520   -8.856  0.426   1.00 0.00 ? 13 DC B "C4'"  1 
ATOM 390  O "O4'"  . DC B 2 4 ? -0.294  -8.137  -0.469  1.00 0.00 ? 13 DC B "O4'"  1 
ATOM 391  C "C3'"  . DC B 2 4 ? 1.670   -7.957  0.900   1.00 0.00 ? 13 DC B "C3'"  1 
ATOM 392  O "O3'"  . DC B 2 4 ? 2.882   -8.449  0.367   1.00 0.00 ? 13 DC B "O3'"  1 
ATOM 393  C "C2'"  . DC B 2 4 ? 1.320   -6.630  0.331   1.00 0.00 ? 13 DC B "C2'"  1 
ATOM 394  C "C1'"  . DC B 2 4 ? 0.277   -6.866  -0.709  1.00 0.00 ? 13 DC B "C1'"  1 
ATOM 395  N N1     . DC B 2 4 ? -0.742  -5.810  -0.564  1.00 0.00 ? 13 DC B N1     1 
ATOM 396  C C2     . DC B 2 4 ? -0.814  -4.753  -1.504  1.00 0.00 ? 13 DC B C2     1 
ATOM 397  O O2     . DC B 2 4 ? -0.204  -4.814  -2.563  1.00 0.00 ? 13 DC B O2     1 
ATOM 398  N N3     . DC B 2 4 ? -1.523  -3.650  -1.244  1.00 0.00 ? 13 DC B N3     1 
ATOM 399  C C4     . DC B 2 4 ? -2.130  -3.582  -0.078  1.00 0.00 ? 13 DC B C4     1 
ATOM 400  N N4     . DC B 2 4 ? -2.793  -2.498  0.120   1.00 0.00 ? 13 DC B N4     1 
ATOM 401  C C5     . DC B 2 4 ? -2.041  -4.571  0.920   1.00 0.00 ? 13 DC B C5     1 
ATOM 402  C C6     . DC B 2 4 ? -1.371  -5.700  0.638   1.00 0.00 ? 13 DC B C6     1 
ATOM 403  H "H5'"  . DC B 2 4 ? -1.175  -9.945  1.061   1.00 0.00 ? 13 DC B "H5'"  1 
ATOM 404  H "H5''" . DC B 2 4 ? 0.266   -10.231 2.039   1.00 0.00 ? 13 DC B "H5''" 1 
ATOM 405  H "H4'"  . DC B 2 4 ? 0.943   -9.689  -0.109  1.00 0.00 ? 13 DC B "H4'"  1 
ATOM 406  H "H3'"  . DC B 2 4 ? 1.651   -7.939  1.946   1.00 0.00 ? 13 DC B "H3'"  1 
ATOM 407  H "H2'"  . DC B 2 4 ? 0.992   -5.921  1.007   1.00 0.00 ? 13 DC B "H2'"  1 
ATOM 408  H "H2''" . DC B 2 4 ? 2.147   -6.258  -0.204  1.00 0.00 ? 13 DC B "H2''" 1 
ATOM 409  H "H1'"  . DC B 2 4 ? 0.688   -6.841  -1.701  1.00 0.00 ? 13 DC B "H1'"  1 
ATOM 410  H H41    . DC B 2 4 ? -2.875  -1.762  -0.555  1.00 0.00 ? 13 DC B H41    1 
ATOM 411  H H42    . DC B 2 4 ? -3.213  -2.380  1.020   1.00 0.00 ? 13 DC B H42    1 
ATOM 412  H H5     . DC B 2 4 ? -2.410  -4.464  1.920   1.00 0.00 ? 13 DC B H5     1 
ATOM 413  H H6     . DC B 2 4 ? -1.265  -6.498  1.332   1.00 0.00 ? 13 DC B H6     1 
ATOM 414  P P      . DT B 2 5 ? 4.298   -7.818  0.634   1.00 0.00 ? 14 DT B P      1 
ATOM 415  O OP1    . DT B 2 5 ? 5.270   -8.922  0.527   1.00 0.00 ? 14 DT B OP1    1 
ATOM 416  O OP2    . DT B 2 5 ? 4.263   -6.993  1.829   1.00 0.00 ? 14 DT B OP2    1 
ATOM 417  O "O5'"  . DT B 2 5 ? 4.598   -6.837  -0.536  1.00 0.00 ? 14 DT B "O5'"  1 
ATOM 418  C "C5'"  . DT B 2 5 ? 4.490   -7.291  -1.901  1.00 0.00 ? 14 DT B "C5'"  1 
ATOM 419  C "C4'"  . DT B 2 5 ? 4.936   -6.261  -2.925  1.00 0.00 ? 14 DT B "C4'"  1 
ATOM 420  O "O4'"  . DT B 2 5 ? 4.080   -5.122  -2.908  1.00 0.00 ? 14 DT B "O4'"  1 
ATOM 421  C "C3'"  . DT B 2 5 ? 6.346   -5.749  -2.683  1.00 0.00 ? 14 DT B "C3'"  1 
ATOM 422  O "O3'"  . DT B 2 5 ? 6.960   -5.487  -3.909  1.00 0.00 ? 14 DT B "O3'"  1 
ATOM 423  C "C2'"  . DT B 2 5 ? 6.116   -4.462  -1.917  1.00 0.00 ? 14 DT B "C2'"  1 
ATOM 424  C "C1'"  . DT B 2 5 ? 4.807   -3.986  -2.489  1.00 0.00 ? 14 DT B "C1'"  1 
ATOM 425  N N1     . DT B 2 5 ? 3.921   -3.172  -1.605  1.00 0.00 ? 14 DT B N1     1 
ATOM 426  C C2     . DT B 2 5 ? 3.306   -2.061  -2.163  1.00 0.00 ? 14 DT B C2     1 
ATOM 427  O O2     . DT B 2 5 ? 3.529   -1.618  -3.264  1.00 0.00 ? 14 DT B O2     1 
ATOM 428  N N3     . DT B 2 5 ? 2.313   -1.507  -1.408  1.00 0.00 ? 14 DT B N3     1 
ATOM 429  C C4     . DT B 2 5 ? 1.866   -1.907  -0.198  1.00 0.00 ? 14 DT B C4     1 
ATOM 430  O O4     . DT B 2 5 ? 0.890   -1.349  0.267   1.00 0.00 ? 14 DT B O4     1 
ATOM 431  C C5     . DT B 2 5 ? 2.590   -3.035  0.358   1.00 0.00 ? 14 DT B C5     1 
ATOM 432  C C7     . DT B 2 5 ? 2.272   -3.567  1.711   1.00 0.00 ? 14 DT B C7     1 
ATOM 433  C C6     . DT B 2 5 ? 3.578   -3.626  -0.338  1.00 0.00 ? 14 DT B C6     1 
ATOM 434  H "H5'"  . DT B 2 5 ? 3.466   -7.526  -2.142  1.00 0.00 ? 14 DT B "H5'"  1 
ATOM 435  H "H5''" . DT B 2 5 ? 5.087   -8.168  -2.062  1.00 0.00 ? 14 DT B "H5''" 1 
ATOM 436  H "H4'"  . DT B 2 5 ? 4.896   -6.780  -3.876  1.00 0.00 ? 14 DT B "H4'"  1 
ATOM 437  H "H3'"  . DT B 2 5 ? 6.878   -6.446  -2.063  1.00 0.00 ? 14 DT B "H3'"  1 
ATOM 438  H "H2'"  . DT B 2 5 ? 5.968   -4.636  -0.864  1.00 0.00 ? 14 DT B "H2'"  1 
ATOM 439  H "H2''" . DT B 2 5 ? 6.877   -3.715  -2.065  1.00 0.00 ? 14 DT B "H2''" 1 
ATOM 440  H "H1'"  . DT B 2 5 ? 5.071   -3.413  -3.366  1.00 0.00 ? 14 DT B "H1'"  1 
ATOM 441  H H3     . DT B 2 5 ? 1.908   -0.665  -1.763  1.00 0.00 ? 14 DT B H3     1 
ATOM 442  H H71    . DT B 2 5 ? 2.534   -2.833  2.411   1.00 0.00 ? 14 DT B H71    1 
ATOM 443  H H72    . DT B 2 5 ? 1.230   -3.754  1.774   1.00 0.00 ? 14 DT B H72    1 
ATOM 444  H H73    . DT B 2 5 ? 2.780   -4.455  1.942   1.00 0.00 ? 14 DT B H73    1 
ATOM 445  H H6     . DT B 2 5 ? 4.125   -4.448  0.052   1.00 0.00 ? 14 DT B H6     1 
ATOM 446  P P      . DC B 2 6 ? 8.555   -5.191  -4.073  1.00 0.00 ? 15 DC B P      1 
ATOM 447  O OP1    . DC B 2 6 ? 8.934   -5.576  -5.438  1.00 0.00 ? 15 DC B OP1    1 
ATOM 448  O OP2    . DC B 2 6 ? 9.249   -5.838  -2.969  1.00 0.00 ? 15 DC B OP2    1 
ATOM 449  O "O5'"  . DC B 2 6 ? 8.658   -3.607  -3.921  1.00 0.00 ? 15 DC B "O5'"  1 
ATOM 450  C "C5'"  . DC B 2 6 ? 8.280   -2.714  -4.976  1.00 0.00 ? 15 DC B "C5'"  1 
ATOM 451  C "C4'"  . DC B 2 6 ? 8.193   -1.263  -4.557  1.00 0.00 ? 15 DC B "C4'"  1 
ATOM 452  O "O4'"  . DC B 2 6 ? 7.150   -1.039  -3.598  1.00 0.00 ? 15 DC B "O4'"  1 
ATOM 453  C "C3'"  . DC B 2 6 ? 9.468   -0.784  -3.858  1.00 0.00 ? 15 DC B "C3'"  1 
ATOM 454  O "O3'"  . DC B 2 6 ? 9.971   0.388   -4.482  1.00 0.00 ? 15 DC B "O3'"  1 
ATOM 455  C "C2'"  . DC B 2 6 ? 8.977   -0.526  -2.464  1.00 0.00 ? 15 DC B "C2'"  1 
ATOM 456  C "C1'"  . DC B 2 6 ? 7.564   -0.166  -2.638  1.00 0.00 ? 15 DC B "C1'"  1 
ATOM 457  N N1     . DC B 2 6 ? 6.642   -0.225  -1.462  1.00 0.00 ? 15 DC B N1     1 
ATOM 458  C C2     . DC B 2 6 ? 5.564   0.627   -1.439  1.00 0.00 ? 15 DC B C2     1 
ATOM 459  O O2     . DC B 2 6 ? 5.417   1.423   -2.332  1.00 0.00 ? 15 DC B O2     1 
ATOM 460  N N3     . DC B 2 6 ? 4.709   0.645   -0.397  1.00 0.00 ? 15 DC B N3     1 
ATOM 461  C C4     . DC B 2 6 ? 4.865   -0.202  0.577   1.00 0.00 ? 15 DC B C4     1 
ATOM 462  N N4     . DC B 2 6 ? 4.038   -0.129  1.554   1.00 0.00 ? 15 DC B N4     1 
ATOM 463  C C5     . DC B 2 6 ? 5.960   -1.068  0.610   1.00 0.00 ? 15 DC B C5     1 
ATOM 464  C C6     . DC B 2 6 ? 6.846   -1.045  -0.384  1.00 0.00 ? 15 DC B C6     1 
ATOM 465  H "H5'"  . DC B 2 6 ? 7.318   -2.998  -5.361  1.00 0.00 ? 15 DC B "H5'"  1 
ATOM 466  H "H5''" . DC B 2 6 ? 9.011   -2.839  -5.751  1.00 0.00 ? 15 DC B "H5''" 1 
ATOM 467  H "H4'"  . DC B 2 6 ? 8.007   -0.674  -5.447  1.00 0.00 ? 15 DC B "H4'"  1 
ATOM 468  H "H3'"  . DC B 2 6 ? 10.195  -1.567  -3.931  1.00 0.00 ? 15 DC B "H3'"  1 
ATOM 469  H "H2'"  . DC B 2 6 ? 9.068   -1.408  -1.907  1.00 0.00 ? 15 DC B "H2'"  1 
ATOM 470  H "H2''" . DC B 2 6 ? 9.526   0.257   -2.026  1.00 0.00 ? 15 DC B "H2''" 1 
ATOM 471  H "H1'"  . DC B 2 6 ? 7.565   0.818   -3.018  1.00 0.00 ? 15 DC B "H1'"  1 
ATOM 472  H H41    . DC B 2 6 ? 3.274   0.503   1.506   1.00 0.00 ? 15 DC B H41    1 
ATOM 473  H H42    . DC B 2 6 ? 4.205   -0.715  2.331   1.00 0.00 ? 15 DC B H42    1 
ATOM 474  H H5     . DC B 2 6 ? 6.083   -1.721  1.445   1.00 0.00 ? 15 DC B H5     1 
ATOM 475  H H6     . DC B 2 6 ? 7.663   -1.715  -0.383  1.00 0.00 ? 15 DC B H6     1 
ATOM 476  P P      . DC B 2 7 ? 11.355  1.083   -4.103  1.00 0.00 ? 16 DC B P      1 
ATOM 477  O OP1    . DC B 2 7 ? 12.008  1.404   -5.374  1.00 0.00 ? 16 DC B OP1    1 
ATOM 478  O OP2    . DC B 2 7 ? 12.113  0.239   -3.197  1.00 0.00 ? 16 DC B OP2    1 
ATOM 479  O "O5'"  . DC B 2 7 ? 10.990  2.404   -3.332  1.00 0.00 ? 16 DC B "O5'"  1 
ATOM 480  C "C5'"  . DC B 2 7 ? 10.487  3.553   -4.042  1.00 0.00 ? 16 DC B "C5'"  1 
ATOM 481  C "C4'"  . DC B 2 7 ? 9.867   4.594   -3.147  1.00 0.00 ? 16 DC B "C4'"  1 
ATOM 482  O "O4'"  . DC B 2 7 ? 8.680   4.156   -2.589  1.00 0.00 ? 16 DC B "O4'"  1 
ATOM 483  C "C3'"  . DC B 2 7 ? 10.728  5.109   -1.994  1.00 0.00 ? 16 DC B "C3'"  1 
ATOM 484  O "O3'"  . DC B 2 7 ? 11.306  6.374   -2.314  1.00 0.00 ? 16 DC B "O3'"  1 
ATOM 485  C "C2'"  . DC B 2 7 ? 9.724   5.245   -0.842  1.00 0.00 ? 16 DC B "C2'"  1 
ATOM 486  C "C1'"  . DC B 2 7 ? 8.384   4.837   -1.402  1.00 0.00 ? 16 DC B "C1'"  1 
ATOM 487  N N1     . DC B 2 7 ? 7.748   3.954   -0.428  1.00 0.00 ? 16 DC B N1     1 
ATOM 488  C C2     . DC B 2 7 ? 6.704   4.406   0.377   1.00 0.00 ? 16 DC B C2     1 
ATOM 489  O O2     . DC B 2 7 ? 6.135   5.465   0.126   1.00 0.00 ? 16 DC B O2     1 
ATOM 490  N N3     . DC B 2 7 ? 6.330   3.708   1.459   1.00 0.00 ? 16 DC B N3     1 
ATOM 491  C C4     . DC B 2 7 ? 7.010   2.648   1.804   1.00 0.00 ? 16 DC B C4     1 
ATOM 492  N N4     . DC B 2 7 ? 6.565   2.033   2.854   1.00 0.00 ? 16 DC B N4     1 
ATOM 493  C C5     . DC B 2 7 ? 8.097   2.221   1.066   1.00 0.00 ? 16 DC B C5     1 
ATOM 494  C C6     . DC B 2 7 ? 8.375   2.828   -0.100  1.00 0.00 ? 16 DC B C6     1 
ATOM 495  H "H5'"  . DC B 2 7 ? 9.774   3.239   -4.793  1.00 0.00 ? 16 DC B "H5'"  1 
ATOM 496  H "H5''" . DC B 2 7 ? 11.298  3.981   -4.590  1.00 0.00 ? 16 DC B "H5''" 1 
ATOM 497  H "H4'"  . DC B 2 7 ? 9.612   5.449   -3.744  1.00 0.00 ? 16 DC B "H4'"  1 
ATOM 498  H "H3'"  . DC B 2 7 ? 11.456  4.349   -1.766  1.00 0.00 ? 16 DC B "H3'"  1 
ATOM 499  H "H2'"  . DC B 2 7 ? 10.058  4.589   -0.076  1.00 0.00 ? 16 DC B "H2'"  1 
ATOM 500  H "H2''" . DC B 2 7 ? 9.695   6.244   -0.489  1.00 0.00 ? 16 DC B "H2''" 1 
ATOM 501  H "H1'"  . DC B 2 7 ? 7.768   5.680   -1.638  1.00 0.00 ? 16 DC B "H1'"  1 
ATOM 502  H H41    . DC B 2 7 ? 5.730   2.359   3.271   1.00 0.00 ? 16 DC B H41    1 
ATOM 503  H H42    . DC B 2 7 ? 7.049   1.273   3.238   1.00 0.00 ? 16 DC B H42    1 
ATOM 504  H H5     . DC B 2 7 ? 8.707   1.405   1.340   1.00 0.00 ? 16 DC B H5     1 
ATOM 505  H H6     . DC B 2 7 ? 9.215   2.517   -0.672  1.00 0.00 ? 16 DC B H6     1 
ATOM 506  P P      . DA B 2 8 ? 12.466  7.029   -1.474  1.00 0.00 ? 17 DA B P      1 
ATOM 507  O OP1    . DA B 2 8 ? 13.030  8.107   -2.277  1.00 0.00 ? 17 DA B OP1    1 
ATOM 508  O OP2    . DA B 2 8 ? 13.388  5.986   -1.021  1.00 0.00 ? 17 DA B OP2    1 
ATOM 509  O "O5'"  . DA B 2 8 ? 11.748  7.661   -0.228  1.00 0.00 ? 17 DA B "O5'"  1 
ATOM 510  C "C5'"  . DA B 2 8 ? 10.991  8.826   -0.389  1.00 0.00 ? 17 DA B "C5'"  1 
ATOM 511  C "C4'"  . DA B 2 8 ? 10.369  9.373   0.889   1.00 0.00 ? 17 DA B "C4'"  1 
ATOM 512  O "O4'"  . DA B 2 8 ? 9.436   8.448   1.400   1.00 0.00 ? 17 DA B "O4'"  1 
ATOM 513  C "C3'"  . DA B 2 8 ? 11.367  9.680   1.979   1.00 0.00 ? 17 DA B "C3'"  1 
ATOM 514  O "O3'"  . DA B 2 8 ? 11.188  11.007  2.391   1.00 0.00 ? 17 DA B "O3'"  1 
ATOM 515  C "C2'"  . DA B 2 8 ? 11.029  8.659   3.018   1.00 0.00 ? 17 DA B "C2'"  1 
ATOM 516  C "C1'"  . DA B 2 8 ? 9.606   8.315   2.783   1.00 0.00 ? 17 DA B "C1'"  1 
ATOM 517  N N9     . DA B 2 8 ? 9.268   6.998   3.265   1.00 0.00 ? 17 DA B N9     1 
ATOM 518  C C8     . DA B 2 8 ? 9.893   5.826   3.004   1.00 0.00 ? 17 DA B C8     1 
ATOM 519  N N7     . DA B 2 8 ? 9.416   4.770   3.549   1.00 0.00 ? 17 DA B N7     1 
ATOM 520  C C5     . DA B 2 8 ? 8.322   5.266   4.232   1.00 0.00 ? 17 DA B C5     1 
ATOM 521  C C6     . DA B 2 8 ? 7.353   4.726   5.085   1.00 0.00 ? 17 DA B C6     1 
ATOM 522  N N6     . DA B 2 8 ? 7.262   3.491   5.500   1.00 0.00 ? 17 DA B N6     1 
ATOM 523  N N1     . DA B 2 8 ? 6.407   5.499   5.599   1.00 0.00 ? 17 DA B N1     1 
ATOM 524  C C2     . DA B 2 8 ? 6.444   6.777   5.358   1.00 0.00 ? 17 DA B C2     1 
ATOM 525  N N3     . DA B 2 8 ? 7.305   7.441   4.600   1.00 0.00 ? 17 DA B N3     1 
ATOM 526  C C4     . DA B 2 8 ? 8.223   6.621   4.056   1.00 0.00 ? 17 DA B C4     1 
ATOM 527  H "H5'"  . DA B 2 8 ? 10.180  8.657   -1.078  1.00 0.00 ? 17 DA B "H5'"  1 
ATOM 528  H "H5''" . DA B 2 8 ? 11.617  9.563   -0.789  1.00 0.00 ? 17 DA B "H5''" 1 
ATOM 529  H "H4'"  . DA B 2 8 ? 9.834   10.265  0.619   1.00 0.00 ? 17 DA B "H4'"  1 
ATOM 530  H "H3'"  . DA B 2 8 ? 12.357  9.519   1.583   1.00 0.00 ? 17 DA B "H3'"  1 
ATOM 531  H "H2'"  . DA B 2 8 ? 11.659  7.821   2.920   1.00 0.00 ? 17 DA B "H2'"  1 
ATOM 532  H "H2''" . DA B 2 8 ? 11.199  9.053   3.988   1.00 0.00 ? 17 DA B "H2''" 1 
ATOM 533  H "H1'"  . DA B 2 8 ? 8.969   8.945   3.341   1.00 0.00 ? 17 DA B "H1'"  1 
ATOM 534  H H8     . DA B 2 8 ? 10.785  5.839   2.428   1.00 0.00 ? 17 DA B H8     1 
ATOM 535  H H61    . DA B 2 8 ? 6.444   3.204   5.988   1.00 0.00 ? 17 DA B H61    1 
ATOM 536  H H62    . DA B 2 8 ? 7.883   2.807   5.147   1.00 0.00 ? 17 DA B H62    1 
ATOM 537  H H2     . DA B 2 8 ? 5.680   7.382   5.802   1.00 0.00 ? 17 DA B H2     1 
ATOM 538  P P      . DT B 2 9 ? 12.180  11.719  3.415   1.00 0.00 ? 18 DT B P      1 
ATOM 539  O OP1    . DT B 2 9 ? 12.181  13.139  3.086   1.00 0.00 ? 18 DT B OP1    1 
ATOM 540  O OP2    . DT B 2 9 ? 13.476  11.021  3.442   1.00 0.00 ? 18 DT B OP2    1 
ATOM 541  O "O5'"  . DT B 2 9 ? 11.414  11.474  4.789   1.00 0.00 ? 18 DT B "O5'"  1 
ATOM 542  C "C5'"  . DT B 2 9 ? 10.151  12.065  5.038   1.00 0.00 ? 18 DT B "C5'"  1 
ATOM 543  C "C4'"  . DT B 2 9 ? 9.442   11.434  6.225   1.00 0.00 ? 18 DT B "C4'"  1 
ATOM 544  O "O4'"  . DT B 2 9 ? 9.179   10.066  6.003   1.00 0.00 ? 18 DT B "O4'"  1 
ATOM 545  C "C3'"  . DT B 2 9 ? 10.228  11.497  7.513   1.00 0.00 ? 18 DT B "C3'"  1 
ATOM 546  O "O3'"  . DT B 2 9 ? 10.083  12.685  8.202   1.00 0.00 ? 18 DT B "O3'"  1 
ATOM 547  C "C2'"  . DT B 2 9 ? 9.650   10.360  8.301   1.00 0.00 ? 18 DT B "C2'"  1 
ATOM 548  C "C1'"  . DT B 2 9 ? 8.885   9.564   7.269   1.00 0.00 ? 18 DT B "C1'"  1 
ATOM 549  N N1     . DT B 2 9 ? 9.214   8.142   7.346   1.00 0.00 ? 18 DT B N1     1 
ATOM 550  C C2     . DT B 2 9 ? 8.321   7.303   7.981   1.00 0.00 ? 18 DT B C2     1 
ATOM 551  O O2     . DT B 2 9 ? 7.373   7.640   8.656   1.00 0.00 ? 18 DT B O2     1 
ATOM 552  N N3     . DT B 2 9 ? 8.653   5.971   8.004   1.00 0.00 ? 18 DT B N3     1 
ATOM 553  C C4     . DT B 2 9 ? 9.832   5.447   7.559   1.00 0.00 ? 18 DT B C4     1 
ATOM 554  O O4     . DT B 2 9 ? 10.028  4.275   7.812   1.00 0.00 ? 18 DT B O4     1 
ATOM 555  C C5     . DT B 2 9 ? 10.710  6.377   6.871   1.00 0.00 ? 18 DT B C5     1 
ATOM 556  C C7     . DT B 2 9 ? 12.009  5.929   6.285   1.00 0.00 ? 18 DT B C7     1 
ATOM 557  C C6     . DT B 2 9 ? 10.366  7.673   6.784   1.00 0.00 ? 18 DT B C6     1 
ATOM 558  H "H5'"  . DT B 2 9 ? 9.522   11.970  4.164   1.00 0.00 ? 18 DT B "H5'"  1 
ATOM 559  H "H5''" . DT B 2 9 ? 10.289  13.124  5.218   1.00 0.00 ? 18 DT B "H5''" 1 
ATOM 560  H "H4'"  . DT B 2 9 ? 8.509   11.945  6.423   1.00 0.00 ? 18 DT B "H4'"  1 
ATOM 561  H "H3'"  . DT B 2 9 ? 11.244  11.289  7.287   1.00 0.00 ? 18 DT B "H3'"  1 
ATOM 562  H "HO3'" . DT B 2 9 ? 10.551  12.703  8.964   1.00 0.00 ? 18 DT B "HO3'" 1 
ATOM 563  H "H2'"  . DT B 2 9 ? 10.403  9.794   8.750   1.00 0.00 ? 18 DT B "H2'"  1 
ATOM 564  H "H2''" . DT B 2 9 ? 8.964   10.681  9.030   1.00 0.00 ? 18 DT B "H2''" 1 
ATOM 565  H "H1'"  . DT B 2 9 ? 7.840   9.710   7.446   1.00 0.00 ? 18 DT B "H1'"  1 
ATOM 566  H H3     . DT B 2 9 ? 8.038   5.385   8.534   1.00 0.00 ? 18 DT B H3     1 
ATOM 567  H H71    . DT B 2 9 ? 11.961  5.546   5.466   1.00 0.00 ? 18 DT B H71    1 
ATOM 568  H H72    . DT B 2 9 ? 12.649  6.588   6.177   1.00 0.00 ? 18 DT B H72    1 
ATOM 569  H H73    . DT B 2 9 ? 12.381  5.284   6.835   1.00 0.00 ? 18 DT B H73    1 
ATOM 570  H H6     . DT B 2 9 ? 10.938  8.417   6.263   1.00 0.00 ? 18 DT B H6     1 
ATOM 571  O "O5'"  . DA A 1 1 ? 12.063  -0.063  9.931   1.00 0.00 ? 1  DA A "O5'"  2 
ATOM 572  C "C5'"  . DA A 1 1 ? 13.123  0.805   9.846   1.00 0.00 ? 1  DA A "C5'"  2 
ATOM 573  C "C4'"  . DA A 1 1 ? 13.015  1.799   8.684   1.00 0.00 ? 1  DA A "C4'"  2 
ATOM 574  O "O4'"  . DA A 1 1 ? 13.180  1.070   7.471   1.00 0.00 ? 1  DA A "O4'"  2 
ATOM 575  C "C3'"  . DA A 1 1 ? 11.680  2.553   8.624   1.00 0.00 ? 1  DA A "C3'"  2 
ATOM 576  O "O3'"  . DA A 1 1 ? 11.986  3.928   8.367   1.00 0.00 ? 1  DA A "O3'"  2 
ATOM 577  C "C2'"  . DA A 1 1 ? 10.956  1.837   7.476   1.00 0.00 ? 1  DA A "C2'"  2 
ATOM 578  C "C1'"  . DA A 1 1 ? 12.146  1.405   6.578   1.00 0.00 ? 1  DA A "C1'"  2 
ATOM 579  N N9     . DA A 1 1 ? 11.851  0.179   5.792   1.00 0.00 ? 1  DA A N9     2 
ATOM 580  C C8     . DA A 1 1 ? 11.456  -1.073  6.250   1.00 0.00 ? 1  DA A C8     2 
ATOM 581  N N7     . DA A 1 1 ? 11.339  -2.001  5.333   1.00 0.00 ? 1  DA A N7     2 
ATOM 582  C C5     . DA A 1 1 ? 11.716  -1.330  4.152   1.00 0.00 ? 1  DA A C5     2 
ATOM 583  C C6     . DA A 1 1 ? 11.921  -1.658  2.792   1.00 0.00 ? 1  DA A C6     2 
ATOM 584  N N6     . DA A 1 1 ? 11.766  -2.841  2.238   1.00 0.00 ? 1  DA A N6     2 
ATOM 585  N N1     . DA A 1 1 ? 12.308  -0.745  1.930   1.00 0.00 ? 1  DA A N1     2 
ATOM 586  C C2     . DA A 1 1 ? 12.613  0.455   2.366   1.00 0.00 ? 1  DA A C2     2 
ATOM 587  N N3     . DA A 1 1 ? 12.550  0.918   3.604   1.00 0.00 ? 1  DA A N3     2 
ATOM 588  C C4     . DA A 1 1 ? 12.060  -0.023  4.452   1.00 0.00 ? 1  DA A C4     2 
ATOM 589  H "H5'"  . DA A 1 1 ? 14.073  0.329   9.703   1.00 0.00 ? 1  DA A "H5'"  2 
ATOM 590  H "H5''" . DA A 1 1 ? 13.140  1.394   10.723  1.00 0.00 ? 1  DA A "H5''" 2 
ATOM 591  H "H4'"  . DA A 1 1 ? 13.816  2.512   8.796   1.00 0.00 ? 1  DA A "H4'"  2 
ATOM 592  H "H3'"  . DA A 1 1 ? 11.077  2.456   9.518   1.00 0.00 ? 1  DA A "H3'"  2 
ATOM 593  H "H2'"  . DA A 1 1 ? 10.406  0.983   7.829   1.00 0.00 ? 1  DA A "H2'"  2 
ATOM 594  H "H2''" . DA A 1 1 ? 10.315  2.532   6.956   1.00 0.00 ? 1  DA A "H2''" 2 
ATOM 595  H "H1'"  . DA A 1 1 ? 12.479  2.214   5.960   1.00 0.00 ? 1  DA A "H1'"  2 
ATOM 596  H H8     . DA A 1 1 ? 11.177  -1.263  7.268   1.00 0.00 ? 1  DA A H8     2 
ATOM 597  H H61    . DA A 1 1 ? 11.990  -2.948  1.274   1.00 0.00 ? 1  DA A H61    2 
ATOM 598  H H62    . DA A 1 1 ? 11.551  -3.615  2.833   1.00 0.00 ? 1  DA A H62    2 
ATOM 599  H H2     . DA A 1 1 ? 12.926  1.144   1.605   1.00 0.00 ? 1  DA A H2     2 
ATOM 600  H H5T    . DA A 1 1 ? 11.381  0.325   10.456  1.00 0.00 ? 1  DA A H5T    2 
ATOM 601  P P      . DT A 1 2 ? 10.901  5.097   8.221   1.00 0.00 ? 2  DT A P      2 
ATOM 602  O OP1    . DT A 1 2 ? 11.591  6.337   8.637   1.00 0.00 ? 2  DT A OP1    2 
ATOM 603  O OP2    . DT A 1 2 ? 9.681   4.700   8.919   1.00 0.00 ? 2  DT A OP2    2 
ATOM 604  O "O5'"  . DT A 1 2 ? 10.566  5.138   6.642   1.00 0.00 ? 2  DT A "O5'"  2 
ATOM 605  C "C5'"  . DT A 1 2 ? 11.591  5.553   5.757   1.00 0.00 ? 2  DT A "C5'"  2 
ATOM 606  C "C4'"  . DT A 1 2 ? 11.232  5.451   4.260   1.00 0.00 ? 2  DT A "C4'"  2 
ATOM 607  O "O4'"  . DT A 1 2 ? 11.168  4.119   3.828   1.00 0.00 ? 2  DT A "O4'"  2 
ATOM 608  C "C3'"  . DT A 1 2 ? 9.916   6.146   3.906   1.00 0.00 ? 2  DT A "C3'"  2 
ATOM 609  O "O3'"  . DT A 1 2 ? 10.128  7.356   3.268   1.00 0.00 ? 2  DT A "O3'"  2 
ATOM 610  C "C2'"  . DT A 1 2 ? 9.221   5.087   3.076   1.00 0.00 ? 2  DT A "C2'"  2 
ATOM 611  C "C1'"  . DT A 1 2 ? 10.260  4.035   2.775   1.00 0.00 ? 2  DT A "C1'"  2 
ATOM 612  N N1     . DT A 1 2 ? 9.656   2.695   2.715   1.00 0.00 ? 2  DT A N1     2 
ATOM 613  C C2     . DT A 1 2 ? 9.734   2.001   1.496   1.00 0.00 ? 2  DT A C2     2 
ATOM 614  O O2     . DT A 1 2 ? 10.156  2.525   0.463   1.00 0.00 ? 2  DT A O2     2 
ATOM 615  N N3     . DT A 1 2 ? 9.298   0.732   1.496   1.00 0.00 ? 2  DT A N3     2 
ATOM 616  C C4     . DT A 1 2 ? 8.790   0.048   2.571   1.00 0.00 ? 2  DT A C4     2 
ATOM 617  O O4     . DT A 1 2 ? 8.526   -1.120  2.395   1.00 0.00 ? 2  DT A O4     2 
ATOM 618  C C5     . DT A 1 2 ? 8.652   0.832   3.780   1.00 0.00 ? 2  DT A C5     2 
ATOM 619  C C7     . DT A 1 2 ? 8.021   0.230   5.014   1.00 0.00 ? 2  DT A C7     2 
ATOM 620  C C6     . DT A 1 2 ? 9.072   2.092   3.808   1.00 0.00 ? 2  DT A C6     2 
ATOM 621  H "H5'"  . DT A 1 2 ? 12.473  4.978   5.979   1.00 0.00 ? 2  DT A "H5'"  2 
ATOM 622  H "H5''" . DT A 1 2 ? 11.827  6.588   5.926   1.00 0.00 ? 2  DT A "H5''" 2 
ATOM 623  H "H4'"  . DT A 1 2 ? 12.048  5.949   3.741   1.00 0.00 ? 2  DT A "H4'"  2 
ATOM 624  H "H3'"  . DT A 1 2 ? 9.379   6.347   4.789   1.00 0.00 ? 2  DT A "H3'"  2 
ATOM 625  H "H2'"  . DT A 1 2 ? 8.424   4.672   3.574   1.00 0.00 ? 2  DT A "H2'"  2 
ATOM 626  H "H2''" . DT A 1 2 ? 8.896   5.480   2.208   1.00 0.00 ? 2  DT A "H2''" 2 
ATOM 627  H "H1'"  . DT A 1 2 ? 10.778  4.219   1.861   1.00 0.00 ? 2  DT A "H1'"  2 
ATOM 628  H H3     . DT A 1 2 ? 9.408   0.258   0.623   1.00 0.00 ? 2  DT A H3     2 
ATOM 629  H H71    . DT A 1 2 ? 8.136   0.837   5.856   1.00 0.00 ? 2  DT A H71    2 
ATOM 630  H H72    . DT A 1 2 ? 6.999   0.032   4.863   1.00 0.00 ? 2  DT A H72    2 
ATOM 631  H H73    . DT A 1 2 ? 8.476   -0.698  5.264   1.00 0.00 ? 2  DT A H73    2 
ATOM 632  H H6     . DT A 1 2 ? 8.898   2.677   4.685   1.00 0.00 ? 2  DT A H6     2 
ATOM 633  P P      . DG A 1 3 ? 8.946   8.314   2.840   1.00 0.00 ? 3  DG A P      2 
ATOM 634  O OP1    . DG A 1 3 ? 9.578   9.596   2.517   1.00 0.00 ? 3  DG A OP1    2 
ATOM 635  O OP2    . DG A 1 3 ? 7.863   8.237   3.826   1.00 0.00 ? 3  DG A OP2    2 
ATOM 636  O "O5'"  . DG A 1 3 ? 8.419   7.679   1.514   1.00 0.00 ? 3  DG A "O5'"  2 
ATOM 637  C "C5'"  . DG A 1 3 ? 9.254   7.670   0.354   1.00 0.00 ? 3  DG A "C5'"  2 
ATOM 638  C "C4'"  . DG A 1 3 ? 8.595   6.978   -0.840  1.00 0.00 ? 3  DG A "C4'"  2 
ATOM 639  O "O4'"  . DG A 1 3 ? 8.514   5.573   -0.602  1.00 0.00 ? 3  DG A "O4'"  2 
ATOM 640  C "C3'"  . DG A 1 3 ? 7.195   7.439   -1.192  1.00 0.00 ? 3  DG A "C3'"  2 
ATOM 641  O "O3'"  . DG A 1 3 ? 7.241   8.080   -2.440  1.00 0.00 ? 3  DG A "O3'"  2 
ATOM 642  C "C2'"  . DG A 1 3 ? 6.380   6.167   -1.168  1.00 0.00 ? 3  DG A "C2'"  2 
ATOM 643  C "C1'"  . DG A 1 3 ? 7.418   5.089   -1.315  1.00 0.00 ? 3  DG A "C1'"  2 
ATOM 644  N N9     . DG A 1 3 ? 7.064   3.787   -0.770  1.00 0.00 ? 3  DG A N9     2 
ATOM 645  C C8     . DG A 1 3 ? 6.613   3.402   0.466   1.00 0.00 ? 3  DG A C8     2 
ATOM 646  N N7     . DG A 1 3 ? 6.296   2.142   0.594   1.00 0.00 ? 3  DG A N7     2 
ATOM 647  C C5     . DG A 1 3 ? 6.481   1.649   -0.691  1.00 0.00 ? 3  DG A C5     2 
ATOM 648  C C6     . DG A 1 3 ? 6.276   0.312   -1.229  1.00 0.00 ? 3  DG A C6     2 
ATOM 649  O O6     . DG A 1 3 ? 5.858   -0.726  -0.684  1.00 0.00 ? 3  DG A O6     2 
ATOM 650  N N1     . DG A 1 3 ? 6.605   0.216   -2.565  1.00 0.00 ? 3  DG A N1     2 
ATOM 651  C C2     . DG A 1 3 ? 7.045   1.242   -3.307  1.00 0.00 ? 3  DG A C2     2 
ATOM 652  N N2     . DG A 1 3 ? 7.264   1.025   -4.537  1.00 0.00 ? 3  DG A N2     2 
ATOM 653  N N3     . DG A 1 3 ? 7.284   2.472   -2.859  1.00 0.00 ? 3  DG A N3     2 
ATOM 654  C C4     . DG A 1 3 ? 6.969   2.636   -1.550  1.00 0.00 ? 3  DG A C4     2 
ATOM 655  H "H5'"  . DG A 1 3 ? 10.171  7.195   0.552   1.00 0.00 ? 3  DG A "H5'"  2 
ATOM 656  H "H5''" . DG A 1 3 ? 9.465   8.669   0.091   1.00 0.00 ? 3  DG A "H5''" 2 
ATOM 657  H "H4'"  . DG A 1 3 ? 9.187   7.164   -1.733  1.00 0.00 ? 3  DG A "H4'"  2 
ATOM 658  H "H3'"  . DG A 1 3 ? 6.830   8.149   -0.474  1.00 0.00 ? 3  DG A "H3'"  2 
ATOM 659  H "H2'"  . DG A 1 3 ? 5.937   6.000   -0.221  1.00 0.00 ? 3  DG A "H2'"  2 
ATOM 660  H "H2''" . DG A 1 3 ? 5.664   6.153   -1.937  1.00 0.00 ? 3  DG A "H2''" 2 
ATOM 661  H "H1'"  . DG A 1 3 ? 7.651   5.034   -2.347  1.00 0.00 ? 3  DG A "H1'"  2 
ATOM 662  H H8     . DG A 1 3 ? 6.530   4.118   1.260   1.00 0.00 ? 3  DG A H8     2 
ATOM 663  H H1     . DG A 1 3 ? 6.482   -0.689  -2.992  1.00 0.00 ? 3  DG A H1     2 
ATOM 664  H H21    . DG A 1 3 ? 7.098   0.132   -4.949  1.00 0.00 ? 3  DG A H21    2 
ATOM 665  H H22    . DG A 1 3 ? 7.534   1.795   -5.060  1.00 0.00 ? 3  DG A H22    2 
ATOM 666  P P      . DG A 1 4 ? 5.996   8.892   -3.046  1.00 0.00 ? 4  DG A P      2 
ATOM 667  O OP1    . DG A 1 4 ? 6.536   9.893   -3.980  1.00 0.00 ? 4  DG A OP1    2 
ATOM 668  O OP2    . DG A 1 4 ? 5.135   9.303   -1.943  1.00 0.00 ? 4  DG A OP2    2 
ATOM 669  O "O5'"  . DG A 1 4 ? 5.273   7.773   -3.868  1.00 0.00 ? 4  DG A "O5'"  2 
ATOM 670  C "C5'"  . DG A 1 4 ? 5.913   7.172   -5.001  1.00 0.00 ? 4  DG A "C5'"  2 
ATOM 671  C "C4'"  . DG A 1 4 ? 5.099   6.054   -5.623  1.00 0.00 ? 4  DG A "C4'"  2 
ATOM 672  O "O4'"  . DG A 1 4 ? 4.989   4.937   -4.730  1.00 0.00 ? 4  DG A "O4'"  2 
ATOM 673  C "C3'"  . DG A 1 4 ? 3.664   6.439   -5.995  1.00 0.00 ? 4  DG A "C3'"  2 
ATOM 674  O "O3'"  . DG A 1 4 ? 3.465   6.045   -7.350  1.00 0.00 ? 4  DG A "O3'"  2 
ATOM 675  C "C2'"  . DG A 1 4 ? 2.830   5.651   -4.997  1.00 0.00 ? 4  DG A "C2'"  2 
ATOM 676  C "C1'"  . DG A 1 4 ? 3.682   4.422   -4.761  1.00 0.00 ? 4  DG A "C1'"  2 
ATOM 677  N N9     . DG A 1 4 ? 3.369   3.685   -3.514  1.00 0.00 ? 4  DG A N9     2 
ATOM 678  C C8     . DG A 1 4 ? 3.026   4.191   -2.283  1.00 0.00 ? 4  DG A C8     2 
ATOM 679  N N7     . DG A 1 4 ? 2.927   3.292   -1.348  1.00 0.00 ? 4  DG A N7     2 
ATOM 680  C C5     . DG A 1 4 ? 3.078   2.087   -2.025  1.00 0.00 ? 4  DG A C5     2 
ATOM 681  C C6     . DG A 1 4 ? 2.957   0.726   -1.579  1.00 0.00 ? 4  DG A C6     2 
ATOM 682  O O6     . DG A 1 4 ? 2.698   0.327   -0.475  1.00 0.00 ? 4  DG A O6     2 
ATOM 683  N N1     . DG A 1 4 ? 3.120   -0.197  -2.598  1.00 0.00 ? 4  DG A N1     2 
ATOM 684  C C2     . DG A 1 4 ? 3.390   0.141   -3.877  1.00 0.00 ? 4  DG A C2     2 
ATOM 685  N N2     . DG A 1 4 ? 3.386   -0.803  -4.767  1.00 0.00 ? 4  DG A N2     2 
ATOM 686  N N3     . DG A 1 4 ? 3.513   1.391   -4.349  1.00 0.00 ? 4  DG A N3     2 
ATOM 687  C C4     . DG A 1 4 ? 3.382   2.332   -3.359  1.00 0.00 ? 4  DG A C4     2 
ATOM 688  H "H5'"  . DG A 1 4 ? 6.870   6.796   -4.659  1.00 0.00 ? 4  DG A "H5'"  2 
ATOM 689  H "H5''" . DG A 1 4 ? 6.081   7.894   -5.783  1.00 0.00 ? 4  DG A "H5''" 2 
ATOM 690  H "H4'"  . DG A 1 4 ? 5.627   5.684   -6.494  1.00 0.00 ? 4  DG A "H4'"  2 
ATOM 691  H "H3'"  . DG A 1 4 ? 3.518   7.505   -5.870  1.00 0.00 ? 4  DG A "H3'"  2 
ATOM 692  H "H2'"  . DG A 1 4 ? 2.809   6.222   -4.088  1.00 0.00 ? 4  DG A "H2'"  2 
ATOM 693  H "H2''" . DG A 1 4 ? 1.837   5.398   -5.333  1.00 0.00 ? 4  DG A "H2''" 2 
ATOM 694  H "H1'"  . DG A 1 4 ? 3.613   3.731   -5.587  1.00 0.00 ? 4  DG A "H1'"  2 
ATOM 695  H H8     . DG A 1 4 ? 2.853   5.225   -2.114  1.00 0.00 ? 4  DG A H8     2 
ATOM 696  H H1     . DG A 1 4 ? 3.008   -1.167  -2.367  1.00 0.00 ? 4  DG A H1     2 
ATOM 697  H H21    . DG A 1 4 ? 3.181   -1.727  -4.486  1.00 0.00 ? 4  DG A H21    2 
ATOM 698  H H22    . DG A 1 4 ? 3.455   -0.566  -5.727  1.00 0.00 ? 4  DG A H22    2 
ATOM 699  P P      . DA A 1 5 ? 2.104   6.335   -8.164  1.00 0.00 ? 5  DA A P      2 
ATOM 700  O OP1    . DA A 1 5 ? 2.543   6.538   -9.560  1.00 0.00 ? 5  DA A OP1    2 
ATOM 701  O OP2    . DA A 1 5 ? 1.325   7.384   -7.473  1.00 0.00 ? 5  DA A OP2    2 
ATOM 702  O "O5'"  . DA A 1 5 ? 1.335   4.943   -8.033  1.00 0.00 ? 5  DA A "O5'"  2 
ATOM 703  C "C5'"  . DA A 1 5 ? 1.931   3.757   -8.552  1.00 0.00 ? 5  DA A "C5'"  2 
ATOM 704  C "C4'"  . DA A 1 5 ? 1.018   2.546   -8.527  1.00 0.00 ? 5  DA A "C4'"  2 
ATOM 705  O "O4'"  . DA A 1 5 ? 1.010   1.789   -7.350  1.00 0.00 ? 5  DA A "O4'"  2 
ATOM 706  C "C3'"  . DA A 1 5 ? -0.467  2.784   -8.913  1.00 0.00 ? 5  DA A "C3'"  2 
ATOM 707  O "O3'"  . DA A 1 5 ? -0.796  1.741   -9.837  1.00 0.00 ? 5  DA A "O3'"  2 
ATOM 708  C "C2'"  . DA A 1 5 ? -1.145  2.679   -7.564  1.00 0.00 ? 5  DA A "C2'"  2 
ATOM 709  C "C1'"  . DA A 1 5 ? -0.292  1.565   -6.941  1.00 0.00 ? 5  DA A "C1'"  2 
ATOM 710  N N9     . DA A 1 5 ? -0.212  1.595   -5.467  1.00 0.00 ? 5  DA A N9     2 
ATOM 711  C C8     . DA A 1 5 ? 0.043   2.676   -4.663  1.00 0.00 ? 5  DA A C8     2 
ATOM 712  N N7     . DA A 1 5 ? -0.033  2.426   -3.404  1.00 0.00 ? 5  DA A N7     2 
ATOM 713  C C5     . DA A 1 5 ? -0.266  1.058   -3.358  1.00 0.00 ? 5  DA A C5     2 
ATOM 714  C C6     . DA A 1 5 ? -0.381  0.116   -2.309  1.00 0.00 ? 5  DA A C6     2 
ATOM 715  N N6     . DA A 1 5 ? -0.350  0.385   -1.010  1.00 0.00 ? 5  DA A N6     2 
ATOM 716  N N1     . DA A 1 5 ? -0.564  -1.167  -2.574  1.00 0.00 ? 5  DA A N1     2 
ATOM 717  C C2     . DA A 1 5 ? -0.685  -1.510  -3.878  1.00 0.00 ? 5  DA A C2     2 
ATOM 718  N N3     . DA A 1 5 ? -0.612  -0.768  -4.952  1.00 0.00 ? 5  DA A N3     2 
ATOM 719  C C4     . DA A 1 5 ? -0.389  0.532   -4.630  1.00 0.00 ? 5  DA A C4     2 
ATOM 720  H "H5'"  . DA A 1 5 ? 2.837   3.515   -8.015  1.00 0.00 ? 5  DA A "H5'"  2 
ATOM 721  H "H5''" . DA A 1 5 ? 2.196   3.931   -9.579  1.00 0.00 ? 5  DA A "H5''" 2 
ATOM 722  H "H4'"  . DA A 1 5 ? 1.443   1.852   -9.234  1.00 0.00 ? 5  DA A "H4'"  2 
ATOM 723  H "H3'"  . DA A 1 5 ? -0.633  3.774   -9.322  1.00 0.00 ? 5  DA A "H3'"  2 
ATOM 724  H "H2'"  . DA A 1 5 ? -1.062  3.597   -7.034  1.00 0.00 ? 5  DA A "H2'"  2 
ATOM 725  H "H2''" . DA A 1 5 ? -2.171  2.358   -7.653  1.00 0.00 ? 5  DA A "H2''" 2 
ATOM 726  H "H1'"  . DA A 1 5 ? -0.736  0.653   -7.324  1.00 0.00 ? 5  DA A "H1'"  2 
ATOM 727  H H8     . DA A 1 5 ? 0.349   3.619   -5.075  1.00 0.00 ? 5  DA A H8     2 
ATOM 728  H H61    . DA A 1 5 ? -0.444  -0.373  -0.361  1.00 0.00 ? 5  DA A H61    2 
ATOM 729  H H62    . DA A 1 5 ? -0.251  1.312   -0.681  1.00 0.00 ? 5  DA A H62    2 
ATOM 730  H H2     . DA A 1 5 ? -0.831  -2.552  -4.056  1.00 0.00 ? 5  DA A H2     2 
ATOM 731  P P      . G  A 1 6 ? -2.099  1.711   -10.666 1.00 0.00 ? 6  G  A P      2 
ATOM 732  O OP1    . G  A 1 6 ? -1.965  0.692   -11.722 1.00 0.00 ? 6  G  A OP1    2 
ATOM 733  O OP2    . G  A 1 6 ? -2.453  3.081   -11.031 1.00 0.00 ? 6  G  A OP2    2 
ATOM 734  O "O5'"  . G  A 1 6 ? -3.147  1.221   -9.648  1.00 0.00 ? 6  G  A "O5'"  2 
ATOM 735  C "C5'"  . G  A 1 6 ? -3.321  -0.169  -9.389  1.00 0.00 ? 6  G  A "C5'"  2 
ATOM 736  C "C4'"  . G  A 1 6 ? -4.314  -0.464  -8.282  1.00 0.00 ? 6  G  A "C4'"  2 
ATOM 737  O "O4'"  . G  A 1 6 ? -3.711  -0.338  -7.006  1.00 0.00 ? 6  G  A "O4'"  2 
ATOM 738  C "C3'"  . G  A 1 6 ? -5.586  0.418   -8.241  1.00 0.00 ? 6  G  A "C3'"  2 
ATOM 739  O "O3'"  . G  A 1 6 ? -6.692  -0.427  -8.059  1.00 0.00 ? 6  G  A "O3'"  2 
ATOM 740  C "C2'"  . G  A 1 6 ? -5.301  1.265   -7.043  1.00 0.00 ? 6  G  A "C2'"  2 
ATOM 741  O "O2'"  . G  A 1 6 ? -6.397  1.840   -6.360  1.00 0.00 ? 6  G  A "O2'"  2 
ATOM 742  C "C1'"  . G  A 1 6 ? -4.639  0.261   -6.134  1.00 0.00 ? 6  G  A "C1'"  2 
ATOM 743  N N9     . G  A 1 6 ? -4.016  0.832   -4.896  1.00 0.00 ? 6  G  A N9     2 
ATOM 744  C C8     . G  A 1 6 ? -3.510  2.068   -4.665  1.00 0.00 ? 6  G  A C8     2 
ATOM 745  N N7     . G  A 1 6 ? -3.271  2.341   -3.400  1.00 0.00 ? 6  G  A N7     2 
ATOM 746  C C5     . G  A 1 6 ? -3.623  1.148   -2.744  1.00 0.00 ? 6  G  A C5     2 
ATOM 747  C C6     . G  A 1 6 ? -3.605  0.781   -1.335  1.00 0.00 ? 6  G  A C6     2 
ATOM 748  O O6     . G  A 1 6 ? -3.325  1.484   -0.361  1.00 0.00 ? 6  G  A O6     2 
ATOM 749  N N1     . G  A 1 6 ? -4.007  -0.510  -1.115  1.00 0.00 ? 6  G  A N1     2 
ATOM 750  C C2     . G  A 1 6 ? -4.379  -1.345  -2.069  1.00 0.00 ? 6  G  A C2     2 
ATOM 751  N N2     . G  A 1 6 ? -4.657  -2.559  -1.713  1.00 0.00 ? 6  G  A N2     2 
ATOM 752  N N3     . G  A 1 6 ? -4.444  -1.058  -3.369  1.00 0.00 ? 6  G  A N3     2 
ATOM 753  C C4     . G  A 1 6 ? -4.032  0.210   -3.658  1.00 0.00 ? 6  G  A C4     2 
ATOM 754  H "H5'"  . G  A 1 6 ? -2.390  -0.623  -9.065  1.00 0.00 ? 6  G  A "H5'"  2 
ATOM 755  H "H5''" . G  A 1 6 ? -3.649  -0.630  -10.312 1.00 0.00 ? 6  G  A "H5''" 2 
ATOM 756  H "H4'"  . G  A 1 6 ? -4.642  -1.484  -8.409  1.00 0.00 ? 6  G  A "H4'"  2 
ATOM 757  H "H3'"  . G  A 1 6 ? -5.624  1.054   -9.104  1.00 0.00 ? 6  G  A "H3'"  2 
ATOM 758  H "H2'"  . G  A 1 6 ? -4.598  2.031   -7.324  1.00 0.00 ? 6  G  A "H2'"  2 
ATOM 759  H "HO2'" . G  A 1 6 ? -7.142  1.780   -6.932  1.00 0.00 ? 6  G  A "HO2'" 2 
ATOM 760  H "H1'"  . G  A 1 6 ? -5.378  -0.453  -5.824  1.00 0.00 ? 6  G  A "H1'"  2 
ATOM 761  H H8     . G  A 1 6 ? -3.334  2.730   -5.490  1.00 0.00 ? 6  G  A H8     2 
ATOM 762  H H1     . G  A 1 6 ? -4.048  -0.802  -0.156  1.00 0.00 ? 6  G  A H1     2 
ATOM 763  H H21    . G  A 1 6 ? -4.751  -2.775  -0.741  1.00 0.00 ? 6  G  A H21    2 
ATOM 764  H H22    . G  A 1 6 ? -4.832  -3.251  -2.393  1.00 0.00 ? 6  G  A H22    2 
ATOM 765  P P      . DC A 1 7 ? -8.208  -0.017  -8.345  1.00 0.00 ? 7  DC A P      2 
ATOM 766  O OP1    . DC A 1 7 ? -8.609  -0.667  -9.563  1.00 0.00 ? 7  DC A OP1    2 
ATOM 767  O OP2    . DC A 1 7 ? -8.353  1.428   -8.201  1.00 0.00 ? 7  DC A OP2    2 
ATOM 768  O "O5'"  . DC A 1 7 ? -8.940  -0.684  -7.127  1.00 0.00 ? 7  DC A "O5'"  2 
ATOM 769  C "C5'"  . DC A 1 7 ? -9.054  -2.098  -7.065  1.00 0.00 ? 7  DC A "C5'"  2 
ATOM 770  C "C4'"  . DC A 1 7 ? -9.022  -2.685  -5.672  1.00 0.00 ? 7  DC A "C4'"  2 
ATOM 771  O "O4'"  . DC A 1 7 ? -7.858  -2.239  -4.992  1.00 0.00 ? 7  DC A "O4'"  2 
ATOM 772  C "C3'"  . DC A 1 7 ? -10.211 -2.376  -4.733  1.00 0.00 ? 7  DC A "C3'"  2 
ATOM 773  O "O3'"  . DC A 1 7 ? -11.352 -3.154  -5.042  1.00 0.00 ? 7  DC A "O3'"  2 
ATOM 774  C "C2'"  . DC A 1 7 ? -9.536  -2.711  -3.402  1.00 0.00 ? 7  DC A "C2'"  2 
ATOM 775  C "C1'"  . DC A 1 7 ? -8.079  -2.246  -3.590  1.00 0.00 ? 7  DC A "C1'"  2 
ATOM 776  N N1     . DC A 1 7 ? -7.840  -0.939  -2.949  1.00 0.00 ? 7  DC A N1     2 
ATOM 777  C C2     . DC A 1 7 ? -7.684  -0.861  -1.551  1.00 0.00 ? 7  DC A C2     2 
ATOM 778  O O2     . DC A 1 7 ? -7.936  -1.803  -0.812  1.00 0.00 ? 7  DC A O2     2 
ATOM 779  N N3     . DC A 1 7 ? -7.314  0.322   -0.988  1.00 0.00 ? 7  DC A N3     2 
ATOM 780  C C4     . DC A 1 7 ? -7.083  1.379   -1.734  1.00 0.00 ? 7  DC A C4     2 
ATOM 781  N N4     . DC A 1 7 ? -6.688  2.439   -1.133  1.00 0.00 ? 7  DC A N4     2 
ATOM 782  C C5     . DC A 1 7 ? -7.270  1.355   -3.149  1.00 0.00 ? 7  DC A C5     2 
ATOM 783  C C6     . DC A 1 7 ? -7.645  0.170   -3.681  1.00 0.00 ? 7  DC A C6     2 
ATOM 784  H "H5'"  . DC A 1 7 ? -8.228  -2.583  -7.572  1.00 0.00 ? 7  DC A "H5'"  2 
ATOM 785  H "H5''" . DC A 1 7 ? -9.956  -2.438  -7.545  1.00 0.00 ? 7  DC A "H5''" 2 
ATOM 786  H "H4'"  . DC A 1 7 ? -9.001  -3.760  -5.749  1.00 0.00 ? 7  DC A "H4'"  2 
ATOM 787  H "H3'"  . DC A 1 7 ? -10.402 -1.312  -4.747  1.00 0.00 ? 7  DC A "H3'"  2 
ATOM 788  H "H2'"  . DC A 1 7 ? -10.008 -2.279  -2.535  1.00 0.00 ? 7  DC A "H2'"  2 
ATOM 789  H "H2''" . DC A 1 7 ? -9.505  -3.781  -3.266  1.00 0.00 ? 7  DC A "H2''" 2 
ATOM 790  H "H1'"  . DC A 1 7 ? -7.428  -2.993  -3.163  1.00 0.00 ? 7  DC A "H1'"  2 
ATOM 791  H H41    . DC A 1 7 ? -6.411  2.373   -0.174  1.00 0.00 ? 7  DC A H41    2 
ATOM 792  H H42    . DC A 1 7 ? -6.436  3.214   -1.694  1.00 0.00 ? 7  DC A H42    2 
ATOM 793  H H5     . DC A 1 7 ? -7.077  2.213   -3.753  1.00 0.00 ? 7  DC A H5     2 
ATOM 794  H H6     . DC A 1 7 ? -7.733  0.088   -4.731  1.00 0.00 ? 7  DC A H6     2 
ATOM 795  P P      . DT A 1 8 ? -12.829 -2.757  -4.675  1.00 0.00 ? 8  DT A P      2 
ATOM 796  O OP1    . DT A 1 8 ? -13.706 -3.757  -5.248  1.00 0.00 ? 8  DT A OP1    2 
ATOM 797  O OP2    . DT A 1 8 ? -12.996 -1.347  -5.037  1.00 0.00 ? 8  DT A OP2    2 
ATOM 798  O "O5'"  . DT A 1 8 ? -12.883 -2.898  -3.078  1.00 0.00 ? 8  DT A "O5'"  2 
ATOM 799  C "C5'"  . DT A 1 8 ? -12.808 -4.165  -2.420  1.00 0.00 ? 8  DT A "C5'"  2 
ATOM 800  C "C4'"  . DT A 1 8 ? -12.544 -4.057  -0.934  1.00 0.00 ? 8  DT A "C4'"  2 
ATOM 801  O "O4'"  . DT A 1 8 ? -11.376 -3.384  -0.647  1.00 0.00 ? 8  DT A "O4'"  2 
ATOM 802  C "C3'"  . DT A 1 8 ? -13.614 -3.346  -0.104  1.00 0.00 ? 8  DT A "C3'"  2 
ATOM 803  O "O3'"  . DT A 1 8 ? -14.683 -4.237  0.138   1.00 0.00 ? 8  DT A "O3'"  2 
ATOM 804  C "C2'"  . DT A 1 8 ? -12.849 -3.026  1.161   1.00 0.00 ? 8  DT A "C2'"  2 
ATOM 805  C "C1'"  . DT A 1 8 ? -11.458 -2.705  0.588   1.00 0.00 ? 8  DT A "C1'"  2 
ATOM 806  N N1     . DT A 1 8 ? -11.251 -1.239  0.519   1.00 0.00 ? 8  DT A N1     2 
ATOM 807  C C2     . DT A 1 8 ? -10.865 -0.549  1.650   1.00 0.00 ? 8  DT A C2     2 
ATOM 808  O O2     . DT A 1 8 ? -10.885 -0.999  2.777   1.00 0.00 ? 8  DT A O2     2 
ATOM 809  N N3     . DT A 1 8 ? -10.467 0.741   1.516   1.00 0.00 ? 8  DT A N3     2 
ATOM 810  C C4     . DT A 1 8 ? -10.438 1.433   0.344   1.00 0.00 ? 8  DT A C4     2 
ATOM 811  O O4     . DT A 1 8 ? -10.107 2.591   0.372   1.00 0.00 ? 8  DT A O4     2 
ATOM 812  C C5     . DT A 1 8 ? -10.871 0.691   -0.842  1.00 0.00 ? 8  DT A C5     2 
ATOM 813  C C7     . DT A 1 8 ? -10.780 1.282   -2.234  1.00 0.00 ? 8  DT A C7     2 
ATOM 814  C C6     . DT A 1 8 ? -11.249 -0.619  -0.714  1.00 0.00 ? 8  DT A C6     2 
ATOM 815  H "H5'"  . DT A 1 8 ? -11.987 -4.712  -2.862  1.00 0.00 ? 8  DT A "H5'"  2 
ATOM 816  H "H5''" . DT A 1 8 ? -13.669 -4.772  -2.641  1.00 0.00 ? 8  DT A "H5''" 2 
ATOM 817  H "H4'"  . DT A 1 8 ? -12.474 -5.054  -0.516  1.00 0.00 ? 8  DT A "H4'"  2 
ATOM 818  H "H3'"  . DT A 1 8 ? -13.911 -2.422  -0.591  1.00 0.00 ? 8  DT A "H3'"  2 
ATOM 819  H "H2'"  . DT A 1 8 ? -13.249 -2.165  1.667   1.00 0.00 ? 8  DT A "H2'"  2 
ATOM 820  H "H2''" . DT A 1 8 ? -12.796 -3.863  1.836   1.00 0.00 ? 8  DT A "H2''" 2 
ATOM 821  H "H1'"  . DT A 1 8 ? -10.680 -3.101  1.233   1.00 0.00 ? 8  DT A "H1'"  2 
ATOM 822  H H3     . DT A 1 8 ? -10.181 1.224   2.349   1.00 0.00 ? 8  DT A H3     2 
ATOM 823  H H71    . DT A 1 8 ? -9.850  1.768   -2.354  1.00 0.00 ? 8  DT A H71    2 
ATOM 824  H H72    . DT A 1 8 ? -10.900 0.514   -2.928  1.00 0.00 ? 8  DT A H72    2 
ATOM 825  H H73    . DT A 1 8 ? -11.576 1.955   -2.369  1.00 0.00 ? 8  DT A H73    2 
ATOM 826  H H6     . DT A 1 8 ? -11.541 -1.172  -1.586  1.00 0.00 ? 8  DT A H6     2 
ATOM 827  P P      . DC A 1 9 ? -16.127 -3.718  0.574   1.00 0.00 ? 9  DC A P      2 
ATOM 828  O OP1    . DC A 1 9 ? -16.981 -4.890  0.797   1.00 0.00 ? 9  DC A OP1    2 
ATOM 829  O OP2    . DC A 1 9 ? -16.560 -2.717  -0.397  1.00 0.00 ? 9  DC A OP2    2 
ATOM 830  O "O5'"  . DC A 1 9 ? -16.042 -3.004  1.974   1.00 0.00 ? 9  DC A "O5'"  2 
ATOM 831  C "C5'"  . DC A 1 9 ? -15.822 -3.723  3.174   1.00 0.00 ? 9  DC A "C5'"  2 
ATOM 832  C "C4'"  . DC A 1 9 ? -15.669 -2.799  4.337   1.00 0.00 ? 9  DC A "C4'"  2 
ATOM 833  O "O4'"  . DC A 1 9 ? -14.475 -2.071  4.224   1.00 0.00 ? 9  DC A "O4'"  2 
ATOM 834  C "C3'"  . DC A 1 9 ? -16.742 -1.760  4.439   1.00 0.00 ? 9  DC A "C3'"  2 
ATOM 835  O "O3'"  . DC A 1 9 ? -17.823 -2.283  5.166   1.00 0.00 ? 9  DC A "O3'"  2 
ATOM 836  C "C2'"  . DC A 1 9 ? -16.057 -0.717  5.226   1.00 0.00 ? 9  DC A "C2'"  2 
ATOM 837  C "C1'"  . DC A 1 9 ? -14.604 -0.866  4.896   1.00 0.00 ? 9  DC A "C1'"  2 
ATOM 838  N N1     . DC A 1 9 ? -14.125 0.300   4.131   1.00 0.00 ? 9  DC A N1     2 
ATOM 839  C C2     . DC A 1 9 ? -13.463 1.379   4.710   1.00 0.00 ? 9  DC A C2     2 
ATOM 840  O O2     . DC A 1 9 ? -13.163 1.360   5.905   1.00 0.00 ? 9  DC A O2     2 
ATOM 841  N N3     . DC A 1 9 ? -13.110 2.448   3.997   1.00 0.00 ? 9  DC A N3     2 
ATOM 842  C C4     . DC A 1 9 ? -13.369 2.447   2.709   1.00 0.00 ? 9  DC A C4     2 
ATOM 843  N N4     . DC A 1 9 ? -13.061 3.501   2.056   1.00 0.00 ? 9  DC A N4     2 
ATOM 844  C C5     . DC A 1 9 ? -14.006 1.355   2.045   1.00 0.00 ? 9  DC A C5     2 
ATOM 845  C C6     . DC A 1 9 ? -14.365 0.313   2.773   1.00 0.00 ? 9  DC A C6     2 
ATOM 846  H "H5'"  . DC A 1 9 ? -14.971 -4.331  3.116   1.00 0.00 ? 9  DC A "H5'"  2 
ATOM 847  H "H5''" . DC A 1 9 ? -16.648 -4.345  3.372   1.00 0.00 ? 9  DC A "H5''" 2 
ATOM 848  H "H4'"  . DC A 1 9 ? -15.675 -3.408  5.227   1.00 0.00 ? 9  DC A "H4'"  2 
ATOM 849  H "H3'"  . DC A 1 9 ? -17.015 -1.376  3.501   1.00 0.00 ? 9  DC A "H3'"  2 
ATOM 850  H "HO3'" . DC A 1 9 ? -18.514 -1.781  5.213   1.00 0.00 ? 9  DC A "HO3'" 2 
ATOM 851  H "H2'"  . DC A 1 9 ? -16.391 0.231   5.002   1.00 0.00 ? 9  DC A "H2'"  2 
ATOM 852  H "H2''" . DC A 1 9 ? -16.233 -0.912  6.216   1.00 0.00 ? 9  DC A "H2''" 2 
ATOM 853  H "H1'"  . DC A 1 9 ? -14.080 -0.946  5.803   1.00 0.00 ? 9  DC A "H1'"  2 
ATOM 854  H H41    . DC A 1 9 ? -12.563 4.243   2.506   1.00 0.00 ? 9  DC A H41    2 
ATOM 855  H H42    . DC A 1 9 ? -13.266 3.526   1.077   1.00 0.00 ? 9  DC A H42    2 
ATOM 856  H H5     . DC A 1 9 ? -14.166 1.320   0.984   1.00 0.00 ? 9  DC A H5     2 
ATOM 857  H H6     . DC A 1 9 ? -14.803 -0.581  2.375   1.00 0.00 ? 9  DC A H6     2 
ATOM 858  O "O5'"  . DG B 2 1 ? -9.826  11.978  9.157   1.00 0.00 ? 10 DG B "O5'"  2 
ATOM 859  C "C5'"  . DG B 2 1 ? -10.292 11.455  10.362  1.00 0.00 ? 10 DG B "C5'"  2 
ATOM 860  C "C4'"  . DG B 2 1 ? -10.367 9.909   10.344  1.00 0.00 ? 10 DG B "C4'"  2 
ATOM 861  O "O4'"  . DG B 2 1 ? -11.129 9.418   9.250   1.00 0.00 ? 10 DG B "O4'"  2 
ATOM 862  C "C3'"  . DG B 2 1 ? -8.985  9.214   10.362  1.00 0.00 ? 10 DG B "C3'"  2 
ATOM 863  O "O3'"  . DG B 2 1 ? -8.906  8.300   11.425  1.00 0.00 ? 10 DG B "O3'"  2 
ATOM 864  C "C2'"  . DG B 2 1 ? -9.013  8.473   9.063   1.00 0.00 ? 10 DG B "C2'"  2 
ATOM 865  C "C1'"  . DG B 2 1 ? -10.489 8.280   8.776   1.00 0.00 ? 10 DG B "C1'"  2 
ATOM 866  N N9     . DG B 2 1 ? -10.735 8.040   7.356   1.00 0.00 ? 10 DG B N9     2 
ATOM 867  C C8     . DG B 2 1 ? -10.543 8.832   6.259   1.00 0.00 ? 10 DG B C8     2 
ATOM 868  N N7     . DG B 2 1 ? -10.824 8.241   5.128   1.00 0.00 ? 10 DG B N7     2 
ATOM 869  C C5     . DG B 2 1 ? -11.252 6.962   5.483   1.00 0.00 ? 10 DG B C5     2 
ATOM 870  C C6     . DG B 2 1 ? -11.623 5.801   4.708   1.00 0.00 ? 10 DG B C6     2 
ATOM 871  O O6     . DG B 2 1 ? -11.752 5.659   3.521   1.00 0.00 ? 10 DG B O6     2 
ATOM 872  N N1     . DG B 2 1 ? -11.907 4.703   5.466   1.00 0.00 ? 10 DG B N1     2 
ATOM 873  C C2     . DG B 2 1 ? -11.854 4.693   6.811   1.00 0.00 ? 10 DG B C2     2 
ATOM 874  N N2     . DG B 2 1 ? -12.115 3.589   7.398   1.00 0.00 ? 10 DG B N2     2 
ATOM 875  N N3     . DG B 2 1 ? -11.583 5.767   7.579   1.00 0.00 ? 10 DG B N3     2 
ATOM 876  C C4     . DG B 2 1 ? -11.240 6.867   6.863   1.00 0.00 ? 10 DG B C4     2 
ATOM 877  H "H5'"  . DG B 2 1 ? -11.296 11.830  10.529  1.00 0.00 ? 10 DG B "H5'"  2 
ATOM 878  H "H5''" . DG B 2 1 ? -9.698  11.806  11.168  1.00 0.00 ? 10 DG B "H5''" 2 
ATOM 879  H "H4'"  . DG B 2 1 ? -10.883 9.626   11.255  1.00 0.00 ? 10 DG B "H4'"  2 
ATOM 880  H "H3'"  . DG B 2 1 ? -8.189  9.930   10.408  1.00 0.00 ? 10 DG B "H3'"  2 
ATOM 881  H "H2'"  . DG B 2 1 ? -8.574  9.088   8.316   1.00 0.00 ? 10 DG B "H2'"  2 
ATOM 882  H "H2''" . DG B 2 1 ? -8.474  7.560   9.088   1.00 0.00 ? 10 DG B "H2''" 2 
ATOM 883  H "H1'"  . DG B 2 1 ? -10.801 7.451   9.375   1.00 0.00 ? 10 DG B "H1'"  2 
ATOM 884  H H8     . DG B 2 1 ? -10.119 9.814   6.350   1.00 0.00 ? 10 DG B H8     2 
ATOM 885  H H1     . DG B 2 1 ? -12.227 3.886   4.980   1.00 0.00 ? 10 DG B H1     2 
ATOM 886  H H21    . DG B 2 1 ? -12.434 2.803   6.863   1.00 0.00 ? 10 DG B H21    2 
ATOM 887  H H22    . DG B 2 1 ? -11.957 3.533   8.388   1.00 0.00 ? 10 DG B H22    2 
ATOM 888  H H5T    . DG B 2 1 ? -10.275 12.249  8.797   1.00 0.00 ? 10 DG B H5T    2 
ATOM 889  P P      . DA B 2 2 ? -7.552  7.543   11.813  1.00 0.00 ? 11 DA B P      2 
ATOM 890  O OP1    . DA B 2 2 ? -7.581  7.370   13.259  1.00 0.00 ? 11 DA B OP1    2 
ATOM 891  O OP2    . DA B 2 2 ? -6.415  8.221   11.177  1.00 0.00 ? 11 DA B OP2    2 
ATOM 892  O "O5'"  . DA B 2 2 ? -7.662  6.128   11.140  1.00 0.00 ? 11 DA B "O5'"  2 
ATOM 893  C "C5'"  . DA B 2 2 ? -8.717  5.267   11.533  1.00 0.00 ? 11 DA B "C5'"  2 
ATOM 894  C "C4'"  . DA B 2 2 ? -8.680  3.905   10.860  1.00 0.00 ? 11 DA B "C4'"  2 
ATOM 895  O "O4'"  . DA B 2 2 ? -9.163  3.939   9.534   1.00 0.00 ? 11 DA B "O4'"  2 
ATOM 896  C "C3'"  . DA B 2 2 ? -7.319  3.237   10.829  1.00 0.00 ? 11 DA B "C3'"  2 
ATOM 897  O "O3'"  . DA B 2 2 ? -7.409  1.976   11.384  1.00 0.00 ? 11 DA B "O3'"  2 
ATOM 898  C "C2'"  . DA B 2 2 ? -6.938  3.285   9.358   1.00 0.00 ? 11 DA B "C2'"  2 
ATOM 899  C "C1'"  . DA B 2 2 ? -8.315  3.227   8.696   1.00 0.00 ? 11 DA B "C1'"  2 
ATOM 900  N N9     . DA B 2 2 ? -8.358  3.770   7.336   1.00 0.00 ? 11 DA B N9     2 
ATOM 901  C C8     . DA B 2 2 ? -7.964  4.985   6.836   1.00 0.00 ? 11 DA B C8     2 
ATOM 902  N N7     . DA B 2 2 ? -8.073  5.083   5.547   1.00 0.00 ? 11 DA B N7     2 
ATOM 903  C C5     . DA B 2 2 ? -8.602  3.871   5.148   1.00 0.00 ? 11 DA B C5     2 
ATOM 904  C C6     . DA B 2 2 ? -9.008  3.264   3.911   1.00 0.00 ? 11 DA B C6     2 
ATOM 905  N N6     . DA B 2 2 ? -9.018  3.861   2.731   1.00 0.00 ? 11 DA B N6     2 
ATOM 906  N N1     . DA B 2 2 ? -9.557  2.059   3.887   1.00 0.00 ? 11 DA B N1     2 
ATOM 907  C C2     . DA B 2 2 ? -9.616  1.409   5.030   1.00 0.00 ? 11 DA B C2     2 
ATOM 908  N N3     . DA B 2 2 ? -9.245  1.798   6.238   1.00 0.00 ? 11 DA B N3     2 
ATOM 909  C C4     . DA B 2 2 ? -8.738  3.066   6.245   1.00 0.00 ? 11 DA B C4     2 
ATOM 910  H "H5'"  . DA B 2 2 ? -9.648  5.683   11.358  1.00 0.00 ? 11 DA B "H5'"  2 
ATOM 911  H "H5''" . DA B 2 2 ? -8.616  5.125   12.565  1.00 0.00 ? 11 DA B "H5''" 2 
ATOM 912  H "H4'"  . DA B 2 2 ? -9.304  3.263   11.469  1.00 0.00 ? 11 DA B "H4'"  2 
ATOM 913  H "H3'"  . DA B 2 2 ? -6.606  3.828   11.370  1.00 0.00 ? 11 DA B "H3'"  2 
ATOM 914  H "H2'"  . DA B 2 2 ? -6.416  4.186   9.139   1.00 0.00 ? 11 DA B "H2'"  2 
ATOM 915  H "H2''" . DA B 2 2 ? -6.393  2.397   9.112   1.00 0.00 ? 11 DA B "H2''" 2 
ATOM 916  H "H1'"  . DA B 2 2 ? -8.650  2.220   8.726   1.00 0.00 ? 11 DA B "H1'"  2 
ATOM 917  H H8     . DA B 2 2 ? -7.585  5.740   7.480   1.00 0.00 ? 11 DA B H8     2 
ATOM 918  H H61    . DA B 2 2 ? -9.372  3.377   1.942   1.00 0.00 ? 11 DA B H61    2 
ATOM 919  H H62    . DA B 2 2 ? -8.640  4.778   2.624   1.00 0.00 ? 11 DA B H62    2 
ATOM 920  H H2     . DA B 2 2 ? -9.982  0.400   5.013   1.00 0.00 ? 11 DA B H2     2 
ATOM 921  P P      . DG B 2 3 ? -6.135  1.180   11.849  1.00 0.00 ? 12 DG B P      2 
ATOM 922  O OP1    . DG B 2 3 ? -6.579  0.304   12.948  1.00 0.00 ? 12 DG B OP1    2 
ATOM 923  O OP2    . DG B 2 3 ? -5.001  2.076   12.082  1.00 0.00 ? 12 DG B OP2    2 
ATOM 924  O "O5'"  . DG B 2 3 ? -5.797  0.262   10.629  1.00 0.00 ? 12 DG B "O5'"  2 
ATOM 925  C "C5'"  . DG B 2 3 ? -6.607  -0.860  10.303  1.00 0.00 ? 12 DG B "C5'"  2 
ATOM 926  C "C4'"  . DG B 2 3 ? -6.267  -1.502  8.967   1.00 0.00 ? 12 DG B "C4'"  2 
ATOM 927  O "O4'"  . DG B 2 3 ? -6.721  -0.755  7.867   1.00 0.00 ? 12 DG B "O4'"  2 
ATOM 928  C "C3'"  . DG B 2 3 ? -4.849  -1.905  8.664   1.00 0.00 ? 12 DG B "C3'"  2 
ATOM 929  O "O3'"  . DG B 2 3 ? -4.721  -3.237  8.401   1.00 0.00 ? 12 DG B "O3'"  2 
ATOM 930  C "C2'"  . DG B 2 3 ? -4.641  -1.189  7.470   1.00 0.00 ? 12 DG B "C2'"  2 
ATOM 931  C "C1'"  . DG B 2 3 ? -5.913  -0.932  6.820   1.00 0.00 ? 12 DG B "C1'"  2 
ATOM 932  N N9     . DG B 2 3 ? -5.972  0.183   5.921   1.00 0.00 ? 12 DG B N9     2 
ATOM 933  C C8     . DG B 2 3 ? -5.549  1.449   6.112   1.00 0.00 ? 12 DG B C8     2 
ATOM 934  N N7     . DG B 2 3 ? -5.551  2.222   5.040   1.00 0.00 ? 12 DG B N7     2 
ATOM 935  C C5     . DG B 2 3 ? -6.034  1.369   4.050   1.00 0.00 ? 12 DG B C5     2 
ATOM 936  C C6     . DG B 2 3 ? -6.282  1.584   2.622   1.00 0.00 ? 12 DG B C6     2 
ATOM 937  O O6     . DG B 2 3 ? -6.095  2.544   1.916   1.00 0.00 ? 12 DG B O6     2 
ATOM 938  N N1     . DG B 2 3 ? -6.810  0.453   2.034   1.00 0.00 ? 12 DG B N1     2 
ATOM 939  C C2     . DG B 2 3 ? -7.073  -0.709  2.682   1.00 0.00 ? 12 DG B C2     2 
ATOM 940  N N2     . DG B 2 3 ? -7.535  -1.670  1.981   1.00 0.00 ? 12 DG B N2     2 
ATOM 941  N N3     . DG B 2 3 ? -6.834  -0.929  3.944   1.00 0.00 ? 12 DG B N3     2 
ATOM 942  C C4     . DG B 2 3 ? -6.296  0.148   4.585   1.00 0.00 ? 12 DG B C4     2 
ATOM 943  H "H5'"  . DG B 2 3 ? -7.650  -0.589  10.237  1.00 0.00 ? 12 DG B "H5'"  2 
ATOM 944  H "H5''" . DG B 2 3 ? -6.466  -1.578  11.083  1.00 0.00 ? 12 DG B "H5''" 2 
ATOM 945  H "H4'"  . DG B 2 3 ? -6.848  -2.421  8.961   1.00 0.00 ? 12 DG B "H4'"  2 
ATOM 946  H "H3'"  . DG B 2 3 ? -4.250  -1.662  9.463   1.00 0.00 ? 12 DG B "H3'"  2 
ATOM 947  H "H2'"  . DG B 2 3 ? -4.197  -0.394  7.699   1.00 0.00 ? 12 DG B "H2'"  2 
ATOM 948  H "H2''" . DG B 2 3 ? -4.095  -1.723  6.916   1.00 0.00 ? 12 DG B "H2''" 2 
ATOM 949  H "H1'"  . DG B 2 3 ? -6.205  -1.789  6.351   1.00 0.00 ? 12 DG B "H1'"  2 
ATOM 950  H H8     . DG B 2 3 ? -5.259  1.760   7.099   1.00 0.00 ? 12 DG B H8     2 
ATOM 951  H H1     . DG B 2 3 ? -7.028  0.482   1.056   1.00 0.00 ? 12 DG B H1     2 
ATOM 952  H H21    . DG B 2 3 ? -7.716  -1.545  1.001   1.00 0.00 ? 12 DG B H21    2 
ATOM 953  H H22    . DG B 2 3 ? -7.660  -2.528  2.491   1.00 0.00 ? 12 DG B H22    2 
ATOM 954  P P      . DC B 2 4 ? -3.346  -4.020  8.434   1.00 0.00 ? 13 DC B P      2 
ATOM 955  O OP1    . DC B 2 4 ? -3.482  -5.011  9.511   1.00 0.00 ? 13 DC B OP1    2 
ATOM 956  O OP2    . DC B 2 4 ? -2.217  -3.068  8.481   1.00 0.00 ? 13 DC B OP2    2 
ATOM 957  O "O5'"  . DC B 2 4 ? -3.343  -4.712  7.020   1.00 0.00 ? 13 DC B "O5'"  2 
ATOM 958  C "C5'"  . DC B 2 4 ? -4.219  -5.787  6.684   1.00 0.00 ? 13 DC B "C5'"  2 
ATOM 959  C "C4'"  . DC B 2 4 ? -4.268  -6.119  5.178   1.00 0.00 ? 13 DC B "C4'"  2 
ATOM 960  O "O4'"  . DC B 2 4 ? -4.915  -5.102  4.483   1.00 0.00 ? 13 DC B "O4'"  2 
ATOM 961  C "C3'"  . DC B 2 4 ? -2.886  -6.295  4.552   1.00 0.00 ? 13 DC B "C3'"  2 
ATOM 962  O "O3'"  . DC B 2 4 ? -2.723  -7.646  4.202   1.00 0.00 ? 13 DC B "O3'"  2 
ATOM 963  C "C2'"  . DC B 2 4 ? -2.945  -5.425  3.294   1.00 0.00 ? 13 DC B "C2'"  2 
ATOM 964  C "C1'"  . DC B 2 4 ? -4.300  -4.784  3.285   1.00 0.00 ? 13 DC B "C1'"  2 
ATOM 965  N N1     . DC B 2 4 ? -4.132  -3.314  3.197   1.00 0.00 ? 13 DC B N1     2 
ATOM 966  C C2     . DC B 2 4 ? -4.350  -2.716  1.971   1.00 0.00 ? 13 DC B C2     2 
ATOM 967  O O2     . DC B 2 4 ? -4.974  -3.318  1.106   1.00 0.00 ? 13 DC B O2     2 
ATOM 968  N N3     . DC B 2 4 ? -3.884  -1.476  1.669   1.00 0.00 ? 13 DC B N3     2 
ATOM 969  C C4     . DC B 2 4 ? -3.148  -0.896  2.589   1.00 0.00 ? 13 DC B C4     2 
ATOM 970  N N4     . DC B 2 4 ? -2.710  0.267   2.305   1.00 0.00 ? 13 DC B N4     2 
ATOM 971  C C5     . DC B 2 4 ? -2.848  -1.491  3.837   1.00 0.00 ? 13 DC B C5     2 
ATOM 972  C C6     . DC B 2 4 ? -3.397  -2.661  4.128   1.00 0.00 ? 13 DC B C6     2 
ATOM 973  H "H5'"  . DC B 2 4 ? -5.213  -5.517  6.965   1.00 0.00 ? 13 DC B "H5'"  2 
ATOM 974  H "H5''" . DC B 2 4 ? -3.900  -6.636  7.251   1.00 0.00 ? 13 DC B "H5''" 2 
ATOM 975  H "H4'"  . DC B 2 4 ? -4.811  -7.046  5.053   1.00 0.00 ? 13 DC B "H4'"  2 
ATOM 976  H "H3'"  . DC B 2 4 ? -2.117  -5.980  5.237   1.00 0.00 ? 13 DC B "H3'"  2 
ATOM 977  H "H2'"  . DC B 2 4 ? -2.204  -4.677  3.397   1.00 0.00 ? 13 DC B "H2'"  2 
ATOM 978  H "H2''" . DC B 2 4 ? -2.828  -5.975  2.430   1.00 0.00 ? 13 DC B "H2''" 2 
ATOM 979  H "H1'"  . DC B 2 4 ? -4.823  -5.194  2.454   1.00 0.00 ? 13 DC B "H1'"  2 
ATOM 980  H H41    . DC B 2 4 ? -2.926  0.703   1.434   1.00 0.00 ? 13 DC B H41    2 
ATOM 981  H H42    . DC B 2 4 ? -2.152  0.757   2.955   1.00 0.00 ? 13 DC B H42    2 
ATOM 982  H H5     . DC B 2 4 ? -2.173  -1.040  4.538   1.00 0.00 ? 13 DC B H5     2 
ATOM 983  H H6     . DC B 2 4 ? -3.198  -3.174  5.050   1.00 0.00 ? 13 DC B H6     2 
ATOM 984  P P      . DT B 2 5 ? -1.342  -8.255  3.801   1.00 0.00 ? 14 DT B P      2 
ATOM 985  O OP1    . DT B 2 5 ? -1.349  -9.665  4.218   1.00 0.00 ? 14 DT B OP1    2 
ATOM 986  O OP2    . DT B 2 5 ? -0.280  -7.394  4.304   1.00 0.00 ? 14 DT B OP2    2 
ATOM 987  O "O5'"  . DT B 2 5 ? -1.236  -8.214  2.209   1.00 0.00 ? 14 DT B "O5'"  2 
ATOM 988  C "C5'"  . DT B 2 5 ? -2.114  -8.957  1.404   1.00 0.00 ? 14 DT B "C5'"  2 
ATOM 989  C "C4'"  . DT B 2 5 ? -1.761  -8.795  -0.090  1.00 0.00 ? 14 DT B "C4'"  2 
ATOM 990  O "O4'"  . DT B 2 5 ? -1.861  -7.436  -0.468  1.00 0.00 ? 14 DT B "O4'"  2 
ATOM 991  C "C3'"  . DT B 2 5 ? -0.360  -9.285  -0.488  1.00 0.00 ? 14 DT B "C3'"  2 
ATOM 992  O "O3'"  . DT B 2 5 ? -0.430  -9.758  -1.837  1.00 0.00 ? 14 DT B "O3'"  2 
ATOM 993  C "C2'"  . DT B 2 5 ? 0.462   -8.006  -0.415  1.00 0.00 ? 14 DT B "C2'"  2 
ATOM 994  C "C1'"  . DT B 2 5 ? -0.617  -6.966  -0.829  1.00 0.00 ? 14 DT B "C1'"  2 
ATOM 995  N N1     . DT B 2 5 ? -0.488  -5.594  -0.311  1.00 0.00 ? 14 DT B N1     2 
ATOM 996  C C2     . DT B 2 5 ? -0.716  -4.559  -1.188  1.00 0.00 ? 14 DT B C2     2 
ATOM 997  O O2     . DT B 2 5 ? -0.986  -4.742  -2.371  1.00 0.00 ? 14 DT B O2     2 
ATOM 998  N N3     . DT B 2 5 ? -0.683  -3.286  -0.691  1.00 0.00 ? 14 DT B N3     2 
ATOM 999  C C4     . DT B 2 5 ? -0.357  -2.954  0.608   1.00 0.00 ? 14 DT B C4     2 
ATOM 1000 O O4     . DT B 2 5 ? -0.334  -1.778  0.914   1.00 0.00 ? 14 DT B O4     2 
ATOM 1001 C C5     . DT B 2 5 ? 0.012   -4.079  1.466   1.00 0.00 ? 14 DT B C5     2 
ATOM 1002 C C7     . DT B 2 5 ? 0.516   -3.840  2.874   1.00 0.00 ? 14 DT B C7     2 
ATOM 1003 C C6     . DT B 2 5 ? -0.092  -5.348  0.991   1.00 0.00 ? 14 DT B C6     2 
ATOM 1004 H "H5'"  . DT B 2 5 ? -3.144  -8.661  1.484   1.00 0.00 ? 14 DT B "H5'"  2 
ATOM 1005 H "H5''" . DT B 2 5 ? -2.093  -10.012 1.646   1.00 0.00 ? 14 DT B "H5''" 2 
ATOM 1006 H "H4'"  . DT B 2 5 ? -2.474  -9.396  -0.637  1.00 0.00 ? 14 DT B "H4'"  2 
ATOM 1007 H "H3'"  . DT B 2 5 ? 0.053   -10.042 0.170   1.00 0.00 ? 14 DT B "H3'"  2 
ATOM 1008 H "H2'"  . DT B 2 5 ? 0.816   -7.878  0.601   1.00 0.00 ? 14 DT B "H2'"  2 
ATOM 1009 H "H2''" . DT B 2 5 ? 1.306   -7.981  -1.089  1.00 0.00 ? 14 DT B "H2''" 2 
ATOM 1010 H "H1'"  . DT B 2 5 ? -0.590  -6.902  -1.906  1.00 0.00 ? 14 DT B "H1'"  2 
ATOM 1011 H H3     . DT B 2 5 ? -0.720  -2.564  -1.382  1.00 0.00 ? 14 DT B H3     2 
ATOM 1012 H H71    . DT B 2 5 ? -0.010  -3.144  3.361   1.00 0.00 ? 14 DT B H71    2 
ATOM 1013 H H72    . DT B 2 5 ? 0.444   -4.641  3.413   1.00 0.00 ? 14 DT B H72    2 
ATOM 1014 H H73    . DT B 2 5 ? 1.452   -3.560  2.901   1.00 0.00 ? 14 DT B H73    2 
ATOM 1015 H H6     . DT B 2 5 ? 0.162   -6.162  1.643   1.00 0.00 ? 14 DT B H6     2 
ATOM 1016 P P      . DC B 2 6 ? 0.752   -10.552 -2.517  1.00 0.00 ? 15 DC B P      2 
ATOM 1017 O OP1    . DC B 2 6 ? 0.108   -11.473 -3.447  1.00 0.00 ? 15 DC B OP1    2 
ATOM 1018 O OP2    . DC B 2 6 ? 1.694   -11.094 -1.518  1.00 0.00 ? 15 DC B OP2    2 
ATOM 1019 O "O5'"  . DC B 2 6 ? 1.537   -9.463  -3.369  1.00 0.00 ? 15 DC B "O5'"  2 
ATOM 1020 C "C5'"  . DC B 2 6 ? 0.926   -8.919  -4.522  1.00 0.00 ? 15 DC B "C5'"  2 
ATOM 1021 C "C4'"  . DC B 2 6 ? 1.770   -7.757  -5.098  1.00 0.00 ? 15 DC B "C4'"  2 
ATOM 1022 O "O4'"  . DC B 2 6 ? 1.645   -6.627  -4.243  1.00 0.00 ? 15 DC B "O4'"  2 
ATOM 1023 C "C3'"  . DC B 2 6 ? 3.263   -8.119  -5.266  1.00 0.00 ? 15 DC B "C3'"  2 
ATOM 1024 O "O3'"  . DC B 2 6 ? 3.768   -7.609  -6.500  1.00 0.00 ? 15 DC B "O3'"  2 
ATOM 1025 C "C2'"  . DC B 2 6 ? 3.842   -7.327  -4.105  1.00 0.00 ? 15 DC B "C2'"  2 
ATOM 1026 C "C1'"  . DC B 2 6 ? 2.934   -6.127  -4.030  1.00 0.00 ? 15 DC B "C1'"  2 
ATOM 1027 N N1     . DC B 2 6 ? 3.020   -5.258  -2.855  1.00 0.00 ? 15 DC B N1     2 
ATOM 1028 C C2     . DC B 2 6 ? 2.796   -3.882  -3.050  1.00 0.00 ? 15 DC B C2     2 
ATOM 1029 O O2     . DC B 2 6 ? 2.607   -3.394  -4.158  1.00 0.00 ? 15 DC B O2     2 
ATOM 1030 N N3     . DC B 2 6 ? 2.802   -3.039  -2.009  1.00 0.00 ? 15 DC B N3     2 
ATOM 1031 C C4     . DC B 2 6 ? 3.104   -3.506  -0.838  1.00 0.00 ? 15 DC B C4     2 
ATOM 1032 N N4     . DC B 2 6 ? 3.103   -2.650  0.133   1.00 0.00 ? 15 DC B N4     2 
ATOM 1033 C C5     . DC B 2 6 ? 3.386   -4.873  -0.568  1.00 0.00 ? 15 DC B C5     2 
ATOM 1034 C C6     . DC B 2 6 ? 3.377   -5.716  -1.622  1.00 0.00 ? 15 DC B C6     2 
ATOM 1035 H "H5'"  . DC B 2 6 ? -0.047  -8.545  -4.244  1.00 0.00 ? 15 DC B "H5'"  2 
ATOM 1036 H "H5''" . DC B 2 6 ? 0.848   -9.718  -5.252  1.00 0.00 ? 15 DC B "H5''" 2 
ATOM 1037 H "H4'"  . DC B 2 6 ? 1.359   -7.531  -6.077  1.00 0.00 ? 15 DC B "H4'"  2 
ATOM 1038 H "H3'"  . DC B 2 6 ? 3.393   -9.189  -5.145  1.00 0.00 ? 15 DC B "H3'"  2 
ATOM 1039 H "H2'"  . DC B 2 6 ? 3.752   -7.958  -3.228  1.00 0.00 ? 15 DC B "H2'"  2 
ATOM 1040 H "H2''" . DC B 2 6 ? 4.886   -7.078  -4.264  1.00 0.00 ? 15 DC B "H2''" 2 
ATOM 1041 H "H1'"  . DC B 2 6 ? 3.236   -5.490  -4.844  1.00 0.00 ? 15 DC B "H1'"  2 
ATOM 1042 H H41    . DC B 2 6 ? 2.904   -1.705  -0.141  1.00 0.00 ? 15 DC B H41    2 
ATOM 1043 H H42    . DC B 2 6 ? 3.433   -2.893  1.041   1.00 0.00 ? 15 DC B H42    2 
ATOM 1044 H H5     . DC B 2 6 ? 3.582   -5.244  0.422   1.00 0.00 ? 15 DC B H5     2 
ATOM 1045 H H6     . DC B 2 6 ? 3.572   -6.762  -1.461  1.00 0.00 ? 15 DC B H6     2 
ATOM 1046 P P      . DC B 2 7 ? 5.160   -8.136  -7.124  1.00 0.00 ? 16 DC B P      2 
ATOM 1047 O OP1    . DC B 2 7 ? 4.825   -9.073  -8.194  1.00 0.00 ? 16 DC B OP1    2 
ATOM 1048 O OP2    . DC B 2 7 ? 6.058   -8.664  -6.086  1.00 0.00 ? 16 DC B OP2    2 
ATOM 1049 O "O5'"  . DC B 2 7 ? 5.906   -6.874  -7.750  1.00 0.00 ? 16 DC B "O5'"  2 
ATOM 1050 C "C5'"  . DC B 2 7 ? 5.543   -6.280  -8.946  1.00 0.00 ? 16 DC B "C5'"  2 
ATOM 1051 C "C4'"  . DC B 2 7 ? 6.122   -4.882  -9.077  1.00 0.00 ? 16 DC B "C4'"  2 
ATOM 1052 O "O4'"  . DC B 2 7 ? 5.676   -4.041  -8.008  1.00 0.00 ? 16 DC B "O4'"  2 
ATOM 1053 C "C3'"  . DC B 2 7 ? 7.656   -4.834  -9.083  1.00 0.00 ? 16 DC B "C3'"  2 
ATOM 1054 O "O3'"  . DC B 2 7 ? 8.105   -3.855  -10.019 1.00 0.00 ? 16 DC B "O3'"  2 
ATOM 1055 C "C2'"  . DC B 2 7 ? 7.959   -4.439  -7.658  1.00 0.00 ? 16 DC B "C2'"  2 
ATOM 1056 C "C1'"  . DC B 2 7 ? 6.774   -3.546  -7.295  1.00 0.00 ? 16 DC B "C1'"  2 
ATOM 1057 N N1     . DC B 2 7 ? 6.495   -3.550  -5.824  1.00 0.00 ? 16 DC B N1     2 
ATOM 1058 C C2     . DC B 2 7 ? 6.436   -2.359  -5.142  1.00 0.00 ? 16 DC B C2     2 
ATOM 1059 O O2     . DC B 2 7 ? 6.514   -1.304  -5.753  1.00 0.00 ? 16 DC B O2     2 
ATOM 1060 N N3     . DC B 2 7 ? 6.331   -2.344  -3.796  1.00 0.00 ? 16 DC B N3     2 
ATOM 1061 C C4     . DC B 2 7 ? 6.356   -3.494  -3.177  1.00 0.00 ? 16 DC B C4     2 
ATOM 1062 N N4     . DC B 2 7 ? 6.245   -3.453  -1.880  1.00 0.00 ? 16 DC B N4     2 
ATOM 1063 C C5     . DC B 2 7 ? 6.411   -4.753  -3.831  1.00 0.00 ? 16 DC B C5     2 
ATOM 1064 C C6     . DC B 2 7 ? 6.449   -4.714  -5.156  1.00 0.00 ? 16 DC B C6     2 
ATOM 1065 H "H5'"  . DC B 2 7 ? 4.475   -6.175  -9.022  1.00 0.00 ? 16 DC B "H5'"  2 
ATOM 1066 H "H5''" . DC B 2 7 ? 5.891   -6.893  -9.761  1.00 0.00 ? 16 DC B "H5''" 2 
ATOM 1067 H "H4'"  . DC B 2 7 ? 5.765   -4.458  -9.997  1.00 0.00 ? 16 DC B "H4'"  2 
ATOM 1068 H "H3'"  . DC B 2 7 ? 8.104   -5.789  -9.310  1.00 0.00 ? 16 DC B "H3'"  2 
ATOM 1069 H "H2'"  . DC B 2 7 ? 7.977   -5.286  -7.020  1.00 0.00 ? 16 DC B "H2'"  2 
ATOM 1070 H "H2''" . DC B 2 7 ? 8.905   -3.946  -7.637  1.00 0.00 ? 16 DC B "H2''" 2 
ATOM 1071 H "H1'"  . DC B 2 7 ? 6.978   -2.571  -7.682  1.00 0.00 ? 16 DC B "H1'"  2 
ATOM 1072 H H41    . DC B 2 7 ? 6.174   -2.523  -1.504  1.00 0.00 ? 16 DC B H41    2 
ATOM 1073 H H42    . DC B 2 7 ? 6.288   -4.260  -1.336  1.00 0.00 ? 16 DC B H42    2 
ATOM 1074 H H5     . DC B 2 7 ? 6.454   -5.714  -3.362  1.00 0.00 ? 16 DC B H5     2 
ATOM 1075 H H6     . DC B 2 7 ? 6.503   -5.627  -5.684  1.00 0.00 ? 16 DC B H6     2 
ATOM 1076 P P      . DA B 2 8 ? 9.591   -3.801  -10.532 1.00 0.00 ? 17 DA B P      2 
ATOM 1077 O OP1    . DA B 2 8 ? 9.667   -2.925  -11.703 1.00 0.00 ? 17 DA B OP1    2 
ATOM 1078 O OP2    . DA B 2 8 ? 10.052  -5.179  -10.706 1.00 0.00 ? 17 DA B OP2    2 
ATOM 1079 O "O5'"  . DA B 2 8 ? 10.470  -3.158  -9.389  1.00 0.00 ? 17 DA B "O5'"  2 
ATOM 1080 C "C5'"  . DA B 2 8 ? 10.542  -1.751  -9.155  1.00 0.00 ? 17 DA B "C5'"  2 
ATOM 1081 C "C4'"  . DA B 2 8 ? 11.251  -1.337  -7.872  1.00 0.00 ? 17 DA B "C4'"  2 
ATOM 1082 O "O4'"  . DA B 2 8 ? 10.437  -1.450  -6.709  1.00 0.00 ? 17 DA B "O4'"  2 
ATOM 1083 C "C3'"  . DA B 2 8 ? 12.483  -2.218  -7.602  1.00 0.00 ? 17 DA B "C3'"  2 
ATOM 1084 O "O3'"  . DA B 2 8 ? 13.578  -1.409  -7.244  1.00 0.00 ? 17 DA B "O3'"  2 
ATOM 1085 C "C2'"  . DA B 2 8 ? 12.078  -3.015  -6.370  1.00 0.00 ? 17 DA B "C2'"  2 
ATOM 1086 C "C1'"  . DA B 2 8 ? 11.275  -1.947  -5.664  1.00 0.00 ? 17 DA B "C1'"  2 
ATOM 1087 N N9     . DA B 2 8 ? 10.555  -2.434  -4.469  1.00 0.00 ? 17 DA B N9     2 
ATOM 1088 C C8     . DA B 2 8 ? 10.182  -3.735  -4.150  1.00 0.00 ? 17 DA B C8     2 
ATOM 1089 N N7     . DA B 2 8 ? 9.720   -3.880  -2.932  1.00 0.00 ? 17 DA B N7     2 
ATOM 1090 C C5     . DA B 2 8 ? 9.729   -2.559  -2.421  1.00 0.00 ? 17 DA B C5     2 
ATOM 1091 C C6     . DA B 2 8 ? 9.407   -1.952  -1.181  1.00 0.00 ? 17 DA B C6     2 
ATOM 1092 N N6     . DA B 2 8 ? 8.970   -2.563  -0.127  1.00 0.00 ? 17 DA B N6     2 
ATOM 1093 N N1     . DA B 2 8 ? 9.569   -0.648  -0.976  1.00 0.00 ? 17 DA B N1     2 
ATOM 1094 C C2     . DA B 2 8 ? 10.060  0.068   -1.965  1.00 0.00 ? 17 DA B C2     2 
ATOM 1095 N N3     . DA B 2 8 ? 10.456  -0.361  -3.166  1.00 0.00 ? 17 DA B N3     2 
ATOM 1096 C C4     . DA B 2 8 ? 10.269  -1.696  -3.341  1.00 0.00 ? 17 DA B C4     2 
ATOM 1097 H "H5'"  . DA B 2 8 ? 9.549   -1.334  -9.212  1.00 0.00 ? 17 DA B "H5'"  2 
ATOM 1098 H "H5''" . DA B 2 8 ? 11.097  -1.303  -9.976  1.00 0.00 ? 17 DA B "H5''" 2 
ATOM 1099 H "H4'"  . DA B 2 8 ? 11.590  -0.321  -7.978  1.00 0.00 ? 17 DA B "H4'"  2 
ATOM 1100 H "H3'"  . DA B 2 8 ? 12.767  -2.894  -8.397  1.00 0.00 ? 17 DA B "H3'"  2 
ATOM 1101 H "H2'"  . DA B 2 8 ? 11.462  -3.846  -6.654  1.00 0.00 ? 17 DA B "H2'"  2 
ATOM 1102 H "H2''" . DA B 2 8 ? 12.931  -3.350  -5.811  1.00 0.00 ? 17 DA B "H2''" 2 
ATOM 1103 H "H1'"  . DA B 2 8 ? 11.959  -1.189  -5.342  1.00 0.00 ? 17 DA B "H1'"  2 
ATOM 1104 H H8     . DA B 2 8 ? 10.405  -4.556  -4.804  1.00 0.00 ? 17 DA B H8     2 
ATOM 1105 H H61    . DA B 2 8 ? 8.773   -2.031  0.682   1.00 0.00 ? 17 DA B H61    2 
ATOM 1106 H H62    . DA B 2 8 ? 8.847   -3.554  -0.136  1.00 0.00 ? 17 DA B H62    2 
ATOM 1107 H H2     . DA B 2 8 ? 10.152  1.120   -1.809  1.00 0.00 ? 17 DA B H2     2 
ATOM 1108 P P      . DT B 2 9 ? 14.809  -1.109  -8.108  1.00 0.00 ? 18 DT B P      2 
ATOM 1109 O OP1    . DT B 2 9 ? 14.432  -0.377  -9.299  1.00 0.00 ? 18 DT B OP1    2 
ATOM 1110 O OP2    . DT B 2 9 ? 15.630  -2.266  -8.250  1.00 0.00 ? 18 DT B OP2    2 
ATOM 1111 O "O5'"  . DT B 2 9 ? 15.570  -0.109  -7.130  1.00 0.00 ? 18 DT B "O5'"  2 
ATOM 1112 C "C5'"  . DT B 2 9 ? 15.205  1.230   -7.023  1.00 0.00 ? 18 DT B "C5'"  2 
ATOM 1113 C "C4'"  . DT B 2 9 ? 15.359  1.752   -5.613  1.00 0.00 ? 18 DT B "C4'"  2 
ATOM 1114 O "O4'"  . DT B 2 9 ? 14.382  1.178   -4.789  1.00 0.00 ? 18 DT B "O4'"  2 
ATOM 1115 C "C3'"  . DT B 2 9 ? 16.699  1.458   -4.940  1.00 0.00 ? 18 DT B "C3'"  2 
ATOM 1116 O "O3'"  . DT B 2 9 ? 17.543  2.509   -4.817  1.00 0.00 ? 18 DT B "O3'"  2 
ATOM 1117 C "C2'"  . DT B 2 9 ? 16.326  1.042   -3.617  1.00 0.00 ? 18 DT B "C2'"  2 
ATOM 1118 C "C1'"  . DT B 2 9 ? 14.850  1.043   -3.475  1.00 0.00 ? 18 DT B "C1'"  2 
ATOM 1119 N N1     . DT B 2 9 ? 14.231  -0.074  -2.817  1.00 0.00 ? 18 DT B N1     2 
ATOM 1120 C C2     . DT B 2 9 ? 13.680  0.111   -1.553  1.00 0.00 ? 18 DT B C2     2 
ATOM 1121 O O2     . DT B 2 9 ? 13.620  1.169   -0.988  1.00 0.00 ? 18 DT B O2     2 
ATOM 1122 N N3     . DT B 2 9 ? 13.241  -0.989  -0.918  1.00 0.00 ? 18 DT B N3     2 
ATOM 1123 C C4     . DT B 2 9 ? 13.327  -2.274  -1.364  1.00 0.00 ? 18 DT B C4     2 
ATOM 1124 O O4     . DT B 2 9 ? 12.878  -3.196  -0.684  1.00 0.00 ? 18 DT B O4     2 
ATOM 1125 C C5     . DT B 2 9 ? 13.917  -2.405  -2.693  1.00 0.00 ? 18 DT B C5     2 
ATOM 1126 C C7     . DT B 2 9 ? 14.228  -3.802  -3.228  1.00 0.00 ? 18 DT B C7     2 
ATOM 1127 C C6     . DT B 2 9 ? 14.355  -1.307  -3.371  1.00 0.00 ? 18 DT B C6     2 
ATOM 1128 H "H5'"  . DT B 2 9 ? 14.187  1.348   -7.263  1.00 0.00 ? 18 DT B "H5'"  2 
ATOM 1129 H "H5''" . DT B 2 9 ? 15.796  1.809   -7.671  1.00 0.00 ? 18 DT B "H5''" 2 
ATOM 1130 H "H4'"  . DT B 2 9 ? 15.202  2.816   -5.669  1.00 0.00 ? 18 DT B "H4'"  2 
ATOM 1131 H "H3'"  . DT B 2 9 ? 17.222  0.704   -5.417  1.00 0.00 ? 18 DT B "H3'"  2 
ATOM 1132 H "HO3'" . DT B 2 9 ? 18.363  2.344   -4.545  1.00 0.00 ? 18 DT B "HO3'" 2 
ATOM 1133 H "H2'"  . DT B 2 9 ? 16.667  0.151   -3.448  1.00 0.00 ? 18 DT B "H2'"  2 
ATOM 1134 H "H2''" . DT B 2 9 ? 16.743  1.607   -2.944  1.00 0.00 ? 18 DT B "H2''" 2 
ATOM 1135 H "H1'"  . DT B 2 9 ? 14.590  1.935   -2.959  1.00 0.00 ? 18 DT B "H1'"  2 
ATOM 1136 H H3     . DT B 2 9 ? 12.852  -0.861  -0.007  1.00 0.00 ? 18 DT B H3     2 
ATOM 1137 H H71    . DT B 2 9 ? 14.677  -3.716  -4.202  1.00 0.00 ? 18 DT B H71    2 
ATOM 1138 H H72    . DT B 2 9 ? 14.960  -4.239  -2.569  1.00 0.00 ? 18 DT B H72    2 
ATOM 1139 H H73    . DT B 2 9 ? 13.322  -4.376  -3.291  1.00 0.00 ? 18 DT B H73    2 
ATOM 1140 H H6     . DT B 2 9 ? 14.760  -1.323  -4.360  1.00 0.00 ? 18 DT B H6     2 
ATOM 1141 O "O5'"  . DA A 1 1 ? 10.257  1.670   9.998   1.00 0.00 ? 1  DA A "O5'"  3 
ATOM 1142 C "C5'"  . DA A 1 1 ? 10.957  2.688   10.677  1.00 0.00 ? 1  DA A "C5'"  3 
ATOM 1143 C "C4'"  . DA A 1 1 ? 11.080  3.976   9.902   1.00 0.00 ? 1  DA A "C4'"  3 
ATOM 1144 O "O4'"  . DA A 1 1 ? 11.983  3.850   8.825   1.00 0.00 ? 1  DA A "O4'"  3 
ATOM 1145 C "C3'"  . DA A 1 1 ? 9.751   4.555   9.339   1.00 0.00 ? 1  DA A "C3'"  3 
ATOM 1146 O "O3'"  . DA A 1 1 ? 9.125   5.449   10.199  1.00 0.00 ? 1  DA A "O3'"  3 
ATOM 1147 C "C2'"  . DA A 1 1 ? 10.228  5.239   8.174   1.00 0.00 ? 1  DA A "C2'"  3 
ATOM 1148 C "C1'"  . DA A 1 1 ? 11.516  4.628   7.759   1.00 0.00 ? 1  DA A "C1'"  3 
ATOM 1149 N N9     . DA A 1 1 ? 11.391  3.849   6.527   1.00 0.00 ? 1  DA A N9     3 
ATOM 1150 C C8     . DA A 1 1 ? 11.294  2.491   6.396   1.00 0.00 ? 1  DA A C8     3 
ATOM 1151 N N7     . DA A 1 1 ? 11.277  2.074   5.172   1.00 0.00 ? 1  DA A N7     3 
ATOM 1152 C C5     . DA A 1 1 ? 11.414  3.247   4.441   1.00 0.00 ? 1  DA A C5     3 
ATOM 1153 C C6     . DA A 1 1 ? 11.559  3.563   3.102   1.00 0.00 ? 1  DA A C6     3 
ATOM 1154 N N6     . DA A 1 1 ? 11.735  2.736   2.159   1.00 0.00 ? 1  DA A N6     3 
ATOM 1155 N N1     . DA A 1 1 ? 11.707  4.829   2.688   1.00 0.00 ? 1  DA A N1     3 
ATOM 1156 C C2     . DA A 1 1 ? 11.738  5.777   3.603   1.00 0.00 ? 1  DA A C2     3 
ATOM 1157 N N3     . DA A 1 1 ? 11.641  5.618   4.897   1.00 0.00 ? 1  DA A N3     3 
ATOM 1158 C C4     . DA A 1 1 ? 11.517  4.314   5.281   1.00 0.00 ? 1  DA A C4     3 
ATOM 1159 H "H5'"  . DA A 1 1 ? 11.956  2.360   10.859  1.00 0.00 ? 1  DA A "H5'"  3 
ATOM 1160 H "H5''" . DA A 1 1 ? 10.488  2.911   11.618  1.00 0.00 ? 1  DA A "H5''" 3 
ATOM 1161 H "H4'"  . DA A 1 1 ? 11.462  4.728   10.584  1.00 0.00 ? 1  DA A "H4'"  3 
ATOM 1162 H "H3'"  . DA A 1 1 ? 9.146   3.762   9.118   1.00 0.00 ? 1  DA A "H3'"  3 
ATOM 1163 H "H2'"  . DA A 1 1 ? 9.586   5.176   7.486   1.00 0.00 ? 1  DA A "H2'"  3 
ATOM 1164 H "H2''" . DA A 1 1 ? 10.418  6.148   8.422   1.00 0.00 ? 1  DA A "H2''" 3 
ATOM 1165 H "H1'"  . DA A 1 1 ? 12.162  5.452   7.593   1.00 0.00 ? 1  DA A "H1'"  3 
ATOM 1166 H H8     . DA A 1 1 ? 11.111  1.811   7.197   1.00 0.00 ? 1  DA A H8     3 
ATOM 1167 H H61    . DA A 1 1 ? 11.906  3.074   1.245   1.00 0.00 ? 1  DA A H61    3 
ATOM 1168 H H62    . DA A 1 1 ? 11.800  1.791   2.365   1.00 0.00 ? 1  DA A H62    3 
ATOM 1169 H H2     . DA A 1 1 ? 11.842  6.769   3.225   1.00 0.00 ? 1  DA A H2     3 
ATOM 1170 H H5T    . DA A 1 1 ? 10.534  0.860   10.310  1.00 0.00 ? 1  DA A H5T    3 
ATOM 1171 P P      . DT A 1 2 ? 7.581   5.750   10.068  1.00 0.00 ? 2  DT A P      3 
ATOM 1172 O OP1    . DT A 1 2 ? 7.192   6.552   11.235  1.00 0.00 ? 2  DT A OP1    3 
ATOM 1173 O OP2    . DT A 1 2 ? 6.907   4.468   9.822   1.00 0.00 ? 2  DT A OP2    3 
ATOM 1174 O "O5'"  . DT A 1 2 ? 7.479   6.617   8.763   1.00 0.00 ? 2  DT A "O5'"  3 
ATOM 1175 C "C5'"  . DT A 1 2 ? 7.807   7.965   8.765   1.00 0.00 ? 2  DT A "C5'"  3 
ATOM 1176 C "C4'"  . DT A 1 2 ? 7.689   8.559   7.370   1.00 0.00 ? 2  DT A "C4'"  3 
ATOM 1177 O "O4'"  . DT A 1 2 ? 8.674   8.078   6.482   1.00 0.00 ? 2  DT A "O4'"  3 
ATOM 1178 C "C3'"  . DT A 1 2 ? 6.339   8.320   6.707   1.00 0.00 ? 2  DT A "C3'"  3 
ATOM 1179 O "O3'"  . DT A 1 2 ? 5.302   9.191   7.125   1.00 0.00 ? 2  DT A "O3'"  3 
ATOM 1180 C "C2'"  . DT A 1 2 ? 6.669   8.479   5.286   1.00 0.00 ? 2  DT A "C2'"  3 
ATOM 1181 C "C1'"  . DT A 1 2 ? 8.105   7.957   5.185   1.00 0.00 ? 2  DT A "C1'"  3 
ATOM 1182 N N1     . DT A 1 2 ? 8.117   6.586   4.592   1.00 0.00 ? 2  DT A N1     3 
ATOM 1183 C C2     . DT A 1 2 ? 8.389   6.468   3.229   1.00 0.00 ? 2  DT A C2     3 
ATOM 1184 O O2     . DT A 1 2 ? 8.666   7.411   2.488   1.00 0.00 ? 2  DT A O2     3 
ATOM 1185 N N3     . DT A 1 2 ? 8.380   5.192   2.717   1.00 0.00 ? 2  DT A N3     3 
ATOM 1186 C C4     . DT A 1 2 ? 8.072   4.048   3.456   1.00 0.00 ? 2  DT A C4     3 
ATOM 1187 O O4     . DT A 1 2 ? 8.111   2.969   2.906   1.00 0.00 ? 2  DT A O4     3 
ATOM 1188 C C5     . DT A 1 2 ? 7.770   4.273   4.837   1.00 0.00 ? 2  DT A C5     3 
ATOM 1189 C C7     . DT A 1 2 ? 7.411   3.092   5.709   1.00 0.00 ? 2  DT A C7     3 
ATOM 1190 C C6     . DT A 1 2 ? 7.841   5.502   5.374   1.00 0.00 ? 2  DT A C6     3 
ATOM 1191 H "H5'"  . DT A 1 2 ? 8.818   8.090   9.113   1.00 0.00 ? 2  DT A "H5'"  3 
ATOM 1192 H "H5''" . DT A 1 2 ? 7.154   8.498   9.421   1.00 0.00 ? 2  DT A "H5''" 3 
ATOM 1193 H "H4'"  . DT A 1 2 ? 7.796   9.626   7.487   1.00 0.00 ? 2  DT A "H4'"  3 
ATOM 1194 H "H3'"  . DT A 1 2 ? 6.008   7.334   6.910   1.00 0.00 ? 2  DT A "H3'"  3 
ATOM 1195 H "H2'"  . DT A 1 2 ? 5.975   7.919   4.724   1.00 0.00 ? 2  DT A "H2'"  3 
ATOM 1196 H "H2''" . DT A 1 2 ? 6.627   9.512   5.055   1.00 0.00 ? 2  DT A "H2''" 3 
ATOM 1197 H "H1'"  . DT A 1 2 ? 8.644   8.634   4.534   1.00 0.00 ? 2  DT A "H1'"  3 
ATOM 1198 H H3     . DT A 1 2 ? 8.461   5.084   1.749   1.00 0.00 ? 2  DT A H3     3 
ATOM 1199 H H71    . DT A 1 2 ? 8.102   2.310   5.639   1.00 0.00 ? 2  DT A H71    3 
ATOM 1200 H H72    . DT A 1 2 ? 7.331   3.402   6.706   1.00 0.00 ? 2  DT A H72    3 
ATOM 1201 H H73    . DT A 1 2 ? 6.520   2.693   5.360   1.00 0.00 ? 2  DT A H73    3 
ATOM 1202 H H6     . DT A 1 2 ? 7.671   5.624   6.428   1.00 0.00 ? 2  DT A H6     3 
ATOM 1203 P P      . DG A 1 3 ? 3.781   8.846   6.956   1.00 0.00 ? 3  DG A P      3 
ATOM 1204 O OP1    . DG A 1 3 ? 2.967   9.906   7.573   1.00 0.00 ? 3  DG A OP1    3 
ATOM 1205 O OP2    . DG A 1 3 ? 3.563   7.467   7.344   1.00 0.00 ? 3  DG A OP2    3 
ATOM 1206 O "O5'"  . DG A 1 3 ? 3.542   8.909   5.382   1.00 0.00 ? 3  DG A "O5'"  3 
ATOM 1207 C "C5'"  . DG A 1 3 ? 3.715   10.084  4.654   1.00 0.00 ? 3  DG A "C5'"  3 
ATOM 1208 C "C4'"  . DG A 1 3 ? 3.531   9.915   3.147   1.00 0.00 ? 3  DG A "C4'"  3 
ATOM 1209 O "O4'"  . DG A 1 3 ? 4.400   8.947   2.622   1.00 0.00 ? 3  DG A "O4'"  3 
ATOM 1210 C "C3'"  . DG A 1 3 ? 2.080   9.551   2.827   1.00 0.00 ? 3  DG A "C3'"  3 
ATOM 1211 O "O3'"  . DG A 1 3 ? 1.534   10.503  1.936   1.00 0.00 ? 3  DG A "O3'"  3 
ATOM 1212 C "C2'"  . DG A 1 3 ? 2.289   8.162   2.236   1.00 0.00 ? 3  DG A "C2'"  3 
ATOM 1213 C "C1'"  . DG A 1 3 ? 3.695   8.152   1.727   1.00 0.00 ? 3  DG A "C1'"  3 
ATOM 1214 N N9     . DG A 1 3 ? 4.217   6.743   1.642   1.00 0.00 ? 3  DG A N9     3 
ATOM 1215 C C8     . DG A 1 3 ? 4.414   5.899   2.671   1.00 0.00 ? 3  DG A C8     3 
ATOM 1216 N N7     . DG A 1 3 ? 4.834   4.719   2.343   1.00 0.00 ? 3  DG A N7     3 
ATOM 1217 C C5     . DG A 1 3 ? 4.999   4.797   0.974   1.00 0.00 ? 3  DG A C5     3 
ATOM 1218 C C6     . DG A 1 3 ? 5.464   3.872   -0.047  1.00 0.00 ? 3  DG A C6     3 
ATOM 1219 O O6     . DG A 1 3 ? 5.845   2.729   0.108   1.00 0.00 ? 3  DG A O6     3 
ATOM 1220 N N1     . DG A 1 3 ? 5.427   4.362   -1.307  1.00 0.00 ? 3  DG A N1     3 
ATOM 1221 C C2     . DG A 1 3 ? 5.054   5.621   -1.620  1.00 0.00 ? 3  DG A C2     3 
ATOM 1222 N N2     . DG A 1 3 ? 5.058   5.902   -2.888  1.00 0.00 ? 3  DG A N2     3 
ATOM 1223 N N3     . DG A 1 3 ? 4.691   6.527   -0.739  1.00 0.00 ? 3  DG A N3     3 
ATOM 1224 C C4     . DG A 1 3 ? 4.623   6.050   0.536   1.00 0.00 ? 3  DG A C4     3 
ATOM 1225 H "H5'"  . DG A 1 3 ? 4.704   10.497  4.830   1.00 0.00 ? 3  DG A "H5'"  3 
ATOM 1226 H "H5''" . DG A 1 3 ? 3.021   10.824  5.024   1.00 0.00 ? 3  DG A "H5''" 3 
ATOM 1227 H "H4'"  . DG A 1 3 ? 3.734   10.850  2.645   1.00 0.00 ? 3  DG A "H4'"  3 
ATOM 1228 H "H3'"  . DG A 1 3 ? 1.502   9.466   3.739   1.00 0.00 ? 3  DG A "H3'"  3 
ATOM 1229 H "H2'"  . DG A 1 3 ? 2.186   7.408   2.989   1.00 0.00 ? 3  DG A "H2'"  3 
ATOM 1230 H "H2''" . DG A 1 3 ? 1.557   8.000   1.495   1.00 0.00 ? 3  DG A "H2''" 3 
ATOM 1231 H "H1'"  . DG A 1 3 ? 3.720   8.557   0.731   1.00 0.00 ? 3  DG A "H1'"  3 
ATOM 1232 H H8     . DG A 1 3 ? 4.200   6.212   3.666   1.00 0.00 ? 3  DG A H8     3 
ATOM 1233 H H1     . DG A 1 3 ? 5.713   3.738   -2.045  1.00 0.00 ? 3  DG A H1     3 
ATOM 1234 H H21    . DG A 1 3 ? 5.314   5.187   -3.543  1.00 0.00 ? 3  DG A H21    3 
ATOM 1235 H H22    . DG A 1 3 ? 4.706   6.798   -3.189  1.00 0.00 ? 3  DG A H22    3 
ATOM 1236 P P      . DG A 1 4 ? 0.075   10.453  1.423   1.00 0.00 ? 4  DG A P      3 
ATOM 1237 O OP1    . DG A 1 4 ? -0.346  11.836  1.101   1.00 0.00 ? 4  DG A OP1    3 
ATOM 1238 O OP2    . DG A 1 4 ? -0.745  9.645   2.332   1.00 0.00 ? 4  DG A OP2    3 
ATOM 1239 O "O5'"  . DG A 1 4 ? 0.209   9.659   0.071   1.00 0.00 ? 4  DG A "O5'"  3 
ATOM 1240 C "C5'"  . DG A 1 4 ? 1.012   10.140  -0.998  1.00 0.00 ? 4  DG A "C5'"  3 
ATOM 1241 C "C4'"  . DG A 1 4 ? 1.016   9.246   -2.230  1.00 0.00 ? 4  DG A "C4'"  3 
ATOM 1242 O "O4'"  . DG A 1 4 ? 1.778   8.077   -2.041  1.00 0.00 ? 4  DG A "O4'"  3 
ATOM 1243 C "C3'"  . DG A 1 4 ? -0.381  8.840   -2.663  1.00 0.00 ? 4  DG A "C3'"  3 
ATOM 1244 O "O3'"  . DG A 1 4 ? -0.585  9.114   -4.027  1.00 0.00 ? 4  DG A "O3'"  3 
ATOM 1245 C "C2'"  . DG A 1 4 ? -0.380  7.378   -2.406  1.00 0.00 ? 4  DG A "C2'"  3 
ATOM 1246 C "C1'"  . DG A 1 4 ? 1.041   6.928   -2.387  1.00 0.00 ? 4  DG A "C1'"  3 
ATOM 1247 N N9     . DG A 1 4 ? 1.302   5.844   -1.435  1.00 0.00 ? 4  DG A N9     3 
ATOM 1248 C C8     . DG A 1 4 ? 1.039   5.800   -0.119  1.00 0.00 ? 4  DG A C8     3 
ATOM 1249 N N7     . DG A 1 4 ? 1.393   4.719   0.482   1.00 0.00 ? 4  DG A N7     3 
ATOM 1250 C C5     . DG A 1 4 ? 1.879   3.960   -0.566  1.00 0.00 ? 4  DG A C5     3 
ATOM 1251 C C6     . DG A 1 4 ? 2.409   2.622   -0.596  1.00 0.00 ? 4  DG A C6     3 
ATOM 1252 O O6     . DG A 1 4 ? 2.573   1.844   0.337   1.00 0.00 ? 4  DG A O6     3 
ATOM 1253 N N1     . DG A 1 4 ? 2.725   2.194   -1.871  1.00 0.00 ? 4  DG A N1     3 
ATOM 1254 C C2     . DG A 1 4 ? 2.515   2.934   -3.000  1.00 0.00 ? 4  DG A C2     3 
ATOM 1255 N N2     . DG A 1 4 ? 2.728   2.302   -4.113  1.00 0.00 ? 4  DG A N2     3 
ATOM 1256 N N3     . DG A 1 4 ? 2.137   4.206   -2.998  1.00 0.00 ? 4  DG A N3     3 
ATOM 1257 C C4     . DG A 1 4 ? 1.793   4.632   -1.763  1.00 0.00 ? 4  DG A C4     3 
ATOM 1258 H "H5'"  . DG A 1 4 ? 2.034   10.221  -0.639  1.00 0.00 ? 4  DG A "H5'"  3 
ATOM 1259 H "H5''" . DG A 1 4 ? 0.737   11.136  -1.312  1.00 0.00 ? 4  DG A "H5''" 3 
ATOM 1260 H "H4'"  . DG A 1 4 ? 1.450   9.780   -3.050  1.00 0.00 ? 4  DG A "H4'"  3 
ATOM 1261 H "H3'"  . DG A 1 4 ? -1.048  9.332   -2.039  1.00 0.00 ? 4  DG A "H3'"  3 
ATOM 1262 H "H2'"  . DG A 1 4 ? -0.795  7.213   -1.532  1.00 0.00 ? 4  DG A "H2'"  3 
ATOM 1263 H "H2''" . DG A 1 4 ? -0.856  6.868   -3.096  1.00 0.00 ? 4  DG A "H2''" 3 
ATOM 1264 H "H1'"  . DG A 1 4 ? 1.297   6.638   -3.374  1.00 0.00 ? 4  DG A "H1'"  3 
ATOM 1265 H H8     . DG A 1 4 ? 0.569   6.598   0.391   1.00 0.00 ? 4  DG A H8     3 
ATOM 1266 H H1     . DG A 1 4 ? 2.983   1.228   -1.901  1.00 0.00 ? 4  DG A H1     3 
ATOM 1267 H H21    . DG A 1 4 ? 2.993   1.339   -4.077  1.00 0.00 ? 4  DG A H21    3 
ATOM 1268 H H22    . DG A 1 4 ? 2.502   2.731   -4.970  1.00 0.00 ? 4  DG A H22    3 
ATOM 1269 P P      . DA A 1 5 ? -1.993  8.843   -4.762  1.00 0.00 ? 5  DA A P      3 
ATOM 1270 O OP1    . DA A 1 5 ? -2.038  9.739   -5.925  1.00 0.00 ? 5  DA A OP1    3 
ATOM 1271 O OP2    . DA A 1 5 ? -3.080  8.930   -3.788  1.00 0.00 ? 5  DA A OP2    3 
ATOM 1272 O "O5'"  . DA A 1 5 ? -1.919  7.333   -5.245  1.00 0.00 ? 5  DA A "O5'"  3 
ATOM 1273 C "C5'"  . DA A 1 5 ? -1.062  6.959   -6.292  1.00 0.00 ? 5  DA A "C5'"  3 
ATOM 1274 C "C4'"  . DA A 1 5 ? -1.352  5.595   -6.812  1.00 0.00 ? 5  DA A "C4'"  3 
ATOM 1275 O "O4'"  . DA A 1 5 ? -0.725  4.607   -6.025  1.00 0.00 ? 5  DA A "O4'"  3 
ATOM 1276 C "C3'"  . DA A 1 5 ? -2.833  5.244   -6.954  1.00 0.00 ? 5  DA A "C3'"  3 
ATOM 1277 O "O3'"  . DA A 1 5 ? -3.053  4.664   -8.234  1.00 0.00 ? 5  DA A "O3'"  3 
ATOM 1278 C "C2'"  . DA A 1 5 ? -3.034  4.347   -5.754  1.00 0.00 ? 5  DA A "C2'"  3 
ATOM 1279 C "C1'"  . DA A 1 5 ? -1.697  3.657   -5.677  1.00 0.00 ? 5  DA A "C1'"  3 
ATOM 1280 N N9     . DA A 1 5 ? -1.400  3.228   -4.282  1.00 0.00 ? 5  DA A N9     3 
ATOM 1281 C C8     . DA A 1 5 ? -1.540  3.991   -3.188  1.00 0.00 ? 5  DA A C8     3 
ATOM 1282 N N7     . DA A 1 5 ? -1.267  3.411   -2.055  1.00 0.00 ? 5  DA A N7     3 
ATOM 1283 C C5     . DA A 1 5 ? -0.828  2.135   -2.482  1.00 0.00 ? 5  DA A C5     3 
ATOM 1284 C C6     . DA A 1 5 ? -0.353  0.969   -1.855  1.00 0.00 ? 5  DA A C6     3 
ATOM 1285 N N6     . DA A 1 5 ? -0.250  0.808   -0.559  1.00 0.00 ? 5  DA A N6     3 
ATOM 1286 N N1     . DA A 1 5 ? 0.013   -0.112  -2.548  1.00 0.00 ? 5  DA A N1     3 
ATOM 1287 C C2     . DA A 1 5 ? -0.147  -0.044  -3.856  1.00 0.00 ? 5  DA A C2     3 
ATOM 1288 N N3     . DA A 1 5 ? -0.572  0.958   -4.601  1.00 0.00 ? 5  DA A N3     3 
ATOM 1289 C C4     . DA A 1 5 ? -0.875  2.049   -3.846  1.00 0.00 ? 5  DA A C4     3 
ATOM 1290 H "H5'"  . DA A 1 5 ? -0.043  7.084   -5.980  1.00 0.00 ? 5  DA A "H5'"  3 
ATOM 1291 H "H5''" . DA A 1 5 ? -1.170  7.654   -7.099  1.00 0.00 ? 5  DA A "H5''" 3 
ATOM 1292 H "H4'"  . DA A 1 5 ? -0.915  5.490   -7.795  1.00 0.00 ? 5  DA A "H4'"  3 
ATOM 1293 H "H3'"  . DA A 1 5 ? -3.492  6.102   -6.845  1.00 0.00 ? 5  DA A "H3'"  3 
ATOM 1294 H "H2'"  . DA A 1 5 ? -3.267  5.002   -4.920  1.00 0.00 ? 5  DA A "H2'"  3 
ATOM 1295 H "H2''" . DA A 1 5 ? -3.835  3.625   -5.857  1.00 0.00 ? 5  DA A "H2''" 3 
ATOM 1296 H "H1'"  . DA A 1 5 ? -1.738  2.843   -6.394  1.00 0.00 ? 5  DA A "H1'"  3 
ATOM 1297 H H8     . DA A 1 5 ? -1.837  5.021   -3.274  1.00 0.00 ? 5  DA A H8     3 
ATOM 1298 H H61    . DA A 1 5 ? 0.094   -0.083  -0.241  1.00 0.00 ? 5  DA A H61    3 
ATOM 1299 H H62    . DA A 1 5 ? -0.545  1.559   0.039   1.00 0.00 ? 5  DA A H62    3 
ATOM 1300 H H2     . DA A 1 5 ? 0.113   -0.962  -4.354  1.00 0.00 ? 5  DA A H2     3 
ATOM 1301 P P      . G  A 1 6 ? -4.443  4.083   -8.675  1.00 0.00 ? 6  G  A P      3 
ATOM 1302 O OP1    . G  A 1 6 ? -4.530  4.012   -10.156 1.00 0.00 ? 6  G  A OP1    3 
ATOM 1303 O OP2    . G  A 1 6 ? -5.519  4.767   -7.932  1.00 0.00 ? 6  G  A OP2    3 
ATOM 1304 O "O5'"  . G  A 1 6 ? -4.365  2.587   -8.105  1.00 0.00 ? 6  G  A "O5'"  3 
ATOM 1305 C "C5'"  . G  A 1 6 ? -3.408  1.667   -8.495  1.00 0.00 ? 6  G  A "C5'"  3 
ATOM 1306 C "C4'"  . G  A 1 6 ? -3.613  0.313   -7.817  1.00 0.00 ? 6  G  A "C4'"  3 
ATOM 1307 O "O4'"  . G  A 1 6 ? -3.142  0.350   -6.464  1.00 0.00 ? 6  G  A "O4'"  3 
ATOM 1308 C "C3'"  . G  A 1 6 ? -5.107  -0.016  -7.764  1.00 0.00 ? 6  G  A "C3'"  3 
ATOM 1309 O "O3'"  . G  A 1 6 ? -5.237  -1.354  -8.213  1.00 0.00 ? 6  G  A "O3'"  3 
ATOM 1310 C "C2'"  . G  A 1 6 ? -5.408  0.203   -6.264  1.00 0.00 ? 6  G  A "C2'"  3 
ATOM 1311 O "O2'"  . G  A 1 6 ? -6.557  -0.477  -5.753  1.00 0.00 ? 6  G  A "O2'"  3 
ATOM 1312 C "C1'"  . G  A 1 6 ? -4.102  -0.310  -5.692  1.00 0.00 ? 6  G  A "C1'"  3 
ATOM 1313 N N9     . G  A 1 6 ? -3.886  -0.026  -4.253  1.00 0.00 ? 6  G  A N9     3 
ATOM 1314 C C8     . G  A 1 6 ? -4.250  1.099   -3.573  1.00 0.00 ? 6  G  A C8     3 
ATOM 1315 N N7     . G  A 1 6 ? -4.103  1.016   -2.288  1.00 0.00 ? 6  G  A N7     3 
ATOM 1316 C C5     . G  A 1 6 ? -3.572  -0.233  -2.074  1.00 0.00 ? 6  G  A C5     3 
ATOM 1317 C C6     . G  A 1 6 ? -3.207  -0.917  -0.859  1.00 0.00 ? 6  G  A C6     3 
ATOM 1318 O O6     . G  A 1 6 ? -3.245  -0.511  0.298   1.00 0.00 ? 6  G  A O6     3 
ATOM 1319 N N1     . G  A 1 6 ? -2.790  -2.194  -1.073  1.00 0.00 ? 6  G  A N1     3 
ATOM 1320 C C2     . G  A 1 6 ? -2.645  -2.734  -2.311  1.00 0.00 ? 6  G  A C2     3 
ATOM 1321 N N2     . G  A 1 6 ? -2.224  -3.939  -2.350  1.00 0.00 ? 6  G  A N2     3 
ATOM 1322 N N3     . G  A 1 6 ? -2.891  -2.128  -3.456  1.00 0.00 ? 6  G  A N3     3 
ATOM 1323 C C4     . G  A 1 6 ? -3.415  -0.879  -3.269  1.00 0.00 ? 6  G  A C4     3 
ATOM 1324 H "H5'"  . G  A 1 6 ? -2.424  2.067   -8.292  1.00 0.00 ? 6  G  A "H5'"  3 
ATOM 1325 H "H5''" . G  A 1 6 ? -3.459  1.491   -9.560  1.00 0.00 ? 6  G  A "H5''" 3 
ATOM 1326 H "H4'"  . G  A 1 6 ? -3.087  -0.465  -8.342  1.00 0.00 ? 6  G  A "H4'"  3 
ATOM 1327 H "H3'"  . G  A 1 6 ? -5.640  0.691   -8.392  1.00 0.00 ? 6  G  A "H3'"  3 
ATOM 1328 H "H2'"  . G  A 1 6 ? -5.488  1.266   -6.104  1.00 0.00 ? 6  G  A "H2'"  3 
ATOM 1329 H "HO2'" . G  A 1 6 ? -7.049  -0.811  -6.489  1.00 0.00 ? 6  G  A "HO2'" 3 
ATOM 1330 H "H1'"  . G  A 1 6 ? -4.036  -1.389  -5.762  1.00 0.00 ? 6  G  A "H1'"  3 
ATOM 1331 H H8     . G  A 1 6 ? -4.587  2.004   -4.039  1.00 0.00 ? 6  G  A H8     3 
ATOM 1332 H H1     . G  A 1 6 ? -2.594  -2.737  -0.260  1.00 0.00 ? 6  G  A H1     3 
ATOM 1333 H H21    . G  A 1 6 ? -2.107  -4.495  -1.520  1.00 0.00 ? 6  G  A H21    3 
ATOM 1334 H H22    . G  A 1 6 ? -2.035  -4.337  -3.241  1.00 0.00 ? 6  G  A H22    3 
ATOM 1335 P P      . DC A 1 7 ? -6.588  -1.981  -8.624  1.00 0.00 ? 7  DC A P      3 
ATOM 1336 O OP1    . DC A 1 7 ? -6.403  -2.422  -10.013 1.00 0.00 ? 7  DC A OP1    3 
ATOM 1337 O OP2    . DC A 1 7 ? -7.688  -1.072  -8.257  1.00 0.00 ? 7  DC A OP2    3 
ATOM 1338 O "O5'"  . DC A 1 7 ? -6.677  -3.259  -7.679  1.00 0.00 ? 7  DC A "O5'"  3 
ATOM 1339 C "C5'"  . DC A 1 7 ? -5.766  -4.332  -7.787  1.00 0.00 ? 7  DC A "C5'"  3 
ATOM 1340 C "C4'"  . DC A 1 7 ? -5.684  -5.177  -6.515  1.00 0.00 ? 7  DC A "C4'"  3 
ATOM 1341 O "O4'"  . DC A 1 7 ? -5.047  -4.477  -5.457  1.00 0.00 ? 7  DC A "O4'"  3 
ATOM 1342 C "C3'"  . DC A 1 7 ? -7.004  -5.645  -5.939  1.00 0.00 ? 7  DC A "C3'"  3 
ATOM 1343 O "O3'"  . DC A 1 7 ? -7.541  -6.739  -6.699  1.00 0.00 ? 7  DC A "O3'"  3 
ATOM 1344 C "C2'"  . DC A 1 7 ? -6.576  -6.021  -4.544  1.00 0.00 ? 7  DC A "C2'"  3 
ATOM 1345 C "C1'"  . DC A 1 7 ? -5.399  -5.098  -4.207  1.00 0.00 ? 7  DC A "C1'"  3 
ATOM 1346 N N1     . DC A 1 7 ? -5.744  -4.075  -3.196  1.00 0.00 ? 7  DC A N1     3 
ATOM 1347 C C2     . DC A 1 7 ? -5.797  -4.447  -1.833  1.00 0.00 ? 7  DC A C2     3 
ATOM 1348 O O2     . DC A 1 7 ? -5.573  -5.600  -1.503  1.00 0.00 ? 7  DC A O2     3 
ATOM 1349 N N3     . DC A 1 7 ? -6.099  -3.520  -0.912  1.00 0.00 ? 7  DC A N3     3 
ATOM 1350 C C4     . DC A 1 7 ? -6.412  -2.302  -1.298  1.00 0.00 ? 7  DC A C4     3 
ATOM 1351 N N4     . DC A 1 7 ? -6.546  -1.392  -0.391  1.00 0.00 ? 7  DC A N4     3 
ATOM 1352 C C5     . DC A 1 7 ? -6.453  -1.940  -2.648  1.00 0.00 ? 7  DC A C5     3 
ATOM 1353 C C6     . DC A 1 7 ? -6.112  -2.836  -3.573  1.00 0.00 ? 7  DC A C6     3 
ATOM 1354 H "H5'"  . DC A 1 7 ? -4.783  -3.892  -7.904  1.00 0.00 ? 7  DC A "H5'"  3 
ATOM 1355 H "H5''" . DC A 1 7 ? -6.029  -4.977  -8.608  1.00 0.00 ? 7  DC A "H5''" 3 
ATOM 1356 H "H4'"  . DC A 1 7 ? -5.089  -6.046  -6.735  1.00 0.00 ? 7  DC A "H4'"  3 
ATOM 1357 H "H3'"  . DC A 1 7 ? -7.707  -4.822  -5.887  1.00 0.00 ? 7  DC A "H3'"  3 
ATOM 1358 H "H2'"  . DC A 1 7 ? -7.391  -5.839  -3.871  1.00 0.00 ? 7  DC A "H2'"  3 
ATOM 1359 H "H2''" . DC A 1 7 ? -6.323  -7.062  -4.514  1.00 0.00 ? 7  DC A "H2''" 3 
ATOM 1360 H "H1'"  . DC A 1 7 ? -4.563  -5.663  -3.823  1.00 0.00 ? 7  DC A "H1'"  3 
ATOM 1361 H H41    . DC A 1 7 ? -6.421  -1.688  0.557   1.00 0.00 ? 7  DC A H41    3 
ATOM 1362 H H42    . DC A 1 7 ? -6.649  -0.449  -0.689  1.00 0.00 ? 7  DC A H42    3 
ATOM 1363 H H5     . DC A 1 7 ? -6.751  -0.959  -2.956  1.00 0.00 ? 7  DC A H5     3 
ATOM 1364 H H6     . DC A 1 7 ? -6.174  -2.641  -4.615  1.00 0.00 ? 7  DC A H6     3 
ATOM 1365 P P      . DT A 1 8 ? -9.067  -7.188  -6.571  1.00 0.00 ? 8  DT A P      3 
ATOM 1366 O OP1    . DT A 1 8 ? -9.232  -8.249  -7.560  1.00 0.00 ? 8  DT A OP1    3 
ATOM 1367 O OP2    . DT A 1 8 ? -9.896  -6.005  -6.700  1.00 0.00 ? 8  DT A OP2    3 
ATOM 1368 O "O5'"  . DT A 1 8 ? -9.269  -7.841  -5.125  1.00 0.00 ? 8  DT A "O5'"  3 
ATOM 1369 C "C5'"  . DT A 1 8 ? -8.618  -9.058  -4.710  1.00 0.00 ? 8  DT A "C5'"  3 
ATOM 1370 C "C4'"  . DT A 1 8 ? -8.771  -9.284  -3.192  1.00 0.00 ? 8  DT A "C4'"  3 
ATOM 1371 O "O4'"  . DT A 1 8 ? -8.161  -8.205  -2.530  1.00 0.00 ? 8  DT A "O4'"  3 
ATOM 1372 C "C3'"  . DT A 1 8 ? -10.176 -9.409  -2.674  1.00 0.00 ? 8  DT A "C3'"  3 
ATOM 1373 O "O3'"  . DT A 1 8 ? -10.606 -10.774 -2.581  1.00 0.00 ? 8  DT A "O3'"  3 
ATOM 1374 C "C2'"  . DT A 1 8 ? -10.037 -8.830  -1.257  1.00 0.00 ? 8  DT A "C2'"  3 
ATOM 1375 C "C1'"  . DT A 1 8 ? -8.838  -7.922  -1.305  1.00 0.00 ? 8  DT A "C1'"  3 
ATOM 1376 N N1     . DT A 1 8 ? -9.236  -6.529  -1.148  1.00 0.00 ? 8  DT A N1     3 
ATOM 1377 C C2     . DT A 1 8 ? -9.336  -6.011  0.151   1.00 0.00 ? 8  DT A C2     3 
ATOM 1378 O O2     . DT A 1 8 ? -9.318  -6.720  1.143   1.00 0.00 ? 8  DT A O2     3 
ATOM 1379 N N3     . DT A 1 8 ? -9.422  -4.650  0.296   1.00 0.00 ? 8  DT A N3     3 
ATOM 1380 C C4     . DT A 1 8 ? -9.551  -3.768  -0.735  1.00 0.00 ? 8  DT A C4     3 
ATOM 1381 O O4     . DT A 1 8 ? -9.625  -2.581  -0.446  1.00 0.00 ? 8  DT A O4     3 
ATOM 1382 C C5     . DT A 1 8 ? -9.644  -4.415  -2.064  1.00 0.00 ? 8  DT A C5     3 
ATOM 1383 C C7     . DT A 1 8 ? -9.851  -3.626  -3.297  1.00 0.00 ? 8  DT A C7     3 
ATOM 1384 C C6     . DT A 1 8 ? -9.454  -5.750  -2.239  1.00 0.00 ? 8  DT A C6     3 
ATOM 1385 H "H5'"  . DT A 1 8 ? -7.579  -8.963  -4.983  1.00 0.00 ? 8  DT A "H5'"  3 
ATOM 1386 H "H5''" . DT A 1 8 ? -9.044  -9.869  -5.266  1.00 0.00 ? 8  DT A "H5''" 3 
ATOM 1387 H "H4'"  . DT A 1 8 ? -8.200  -10.165 -2.934  1.00 0.00 ? 8  DT A "H4'"  3 
ATOM 1388 H "H3'"  . DT A 1 8 ? -10.848 -8.809  -3.280  1.00 0.00 ? 8  DT A "H3'"  3 
ATOM 1389 H "H2'"  . DT A 1 8 ? -10.970 -8.321  -1.059  1.00 0.00 ? 8  DT A "H2'"  3 
ATOM 1390 H "H2''" . DT A 1 8 ? -9.867  -9.607  -0.519  1.00 0.00 ? 8  DT A "H2''" 3 
ATOM 1391 H "H1'"  . DT A 1 8 ? -8.186  -8.131  -0.461  1.00 0.00 ? 8  DT A "H1'"  3 
ATOM 1392 H H3     . DT A 1 8 ? -9.408  -4.285  1.224   1.00 0.00 ? 8  DT A H3     3 
ATOM 1393 H H71    . DT A 1 8 ? -9.304  -3.546  -3.769  1.00 0.00 ? 8  DT A H71    3 
ATOM 1394 H H72    . DT A 1 8 ? -10.358 -3.820  -3.768  1.00 0.00 ? 8  DT A H72    3 
ATOM 1395 H H73    . DT A 1 8 ? -10.069 -2.941  -3.211  1.00 0.00 ? 8  DT A H73    3 
ATOM 1396 H H6     . DT A 1 8 ? -9.450  -6.232  -3.200  1.00 0.00 ? 8  DT A H6     3 
ATOM 1397 P P      . DC A 1 9 ? -12.132 -11.180 -2.600  1.00 0.00 ? 9  DC A P      3 
ATOM 1398 O OP1    . DC A 1 9 ? -12.210 -12.643 -2.478  1.00 0.00 ? 9  DC A OP1    3 
ATOM 1399 O OP2    . DC A 1 9 ? -12.734 -10.558 -3.798  1.00 0.00 ? 9  DC A OP2    3 
ATOM 1400 O "O5'"  . DC A 1 9 ? -12.817 -10.506 -1.302  1.00 0.00 ? 9  DC A "O5'"  3 
ATOM 1401 C "C5'"  . DC A 1 9 ? -12.632 -11.041 -0.031  1.00 0.00 ? 9  DC A "C5'"  3 
ATOM 1402 C "C4'"  . DC A 1 9 ? -13.079 -10.074 1.109   1.00 0.00 ? 9  DC A "C4'"  3 
ATOM 1403 O "O4'"  . DC A 1 9 ? -12.345 -8.901  1.208   1.00 0.00 ? 9  DC A "O4'"  3 
ATOM 1404 C "C3'"  . DC A 1 9 ? -14.540 -9.669  1.054   1.00 0.00 ? 9  DC A "C3'"  3 
ATOM 1405 O "O3'"  . DC A 1 9 ? -15.331 -10.643 1.615   1.00 0.00 ? 9  DC A "O3'"  3 
ATOM 1406 C "C2'"  . DC A 1 9 ? -14.526 -8.470  1.971   1.00 0.00 ? 9  DC A "C2'"  3 
ATOM 1407 C "C1'"  . DC A 1 9 ? -13.068 -7.999  1.964   1.00 0.00 ? 9  DC A "C1'"  3 
ATOM 1408 N N1     . DC A 1 9 ? -12.925 -6.633  1.457   1.00 0.00 ? 9  DC A N1     3 
ATOM 1409 C C2     . DC A 1 9 ? -12.785 -5.572  2.301   1.00 0.00 ? 9  DC A C2     3 
ATOM 1410 O O2     . DC A 1 9 ? -12.728 -5.785  3.501   1.00 0.00 ? 9  DC A O2     3 
ATOM 1411 N N3     . DC A 1 9 ? -12.739 -4.330  1.791   1.00 0.00 ? 9  DC A N3     3 
ATOM 1412 C C4     . DC A 1 9 ? -12.825 -4.160  0.476   1.00 0.00 ? 9  DC A C4     3 
ATOM 1413 N N4     . DC A 1 9 ? -12.791 -2.948  0.046   1.00 0.00 ? 9  DC A N4     3 
ATOM 1414 C C5     . DC A 1 9 ? -12.871 -5.225  -0.434  1.00 0.00 ? 9  DC A C5     3 
ATOM 1415 C C6     . DC A 1 9 ? -12.945 -6.444  0.112   1.00 0.00 ? 9  DC A C6     3 
ATOM 1416 H "H5'"  . DC A 1 9 ? -11.588 -11.235 0.058   1.00 0.00 ? 9  DC A "H5'"  3 
ATOM 1417 H "H5''" . DC A 1 9 ? -13.124 -11.982 0.079   1.00 0.00 ? 9  DC A "H5''" 3 
ATOM 1418 H "H4'"  . DC A 1 9 ? -12.910 -10.632 2.025   1.00 0.00 ? 9  DC A "H4'"  3 
ATOM 1419 H "H3'"  . DC A 1 9 ? -14.867 -9.388  0.083   1.00 0.00 ? 9  DC A "H3'"  3 
ATOM 1420 H "HO3'" . DC A 1 9 ? -15.323 -11.403 1.155   1.00 0.00 ? 9  DC A "HO3'" 3 
ATOM 1421 H "H2'"  . DC A 1 9 ? -15.116 -7.667  1.599   1.00 0.00 ? 9  DC A "H2'"  3 
ATOM 1422 H "H2''" . DC A 1 9 ? -14.812 -8.697  2.975   1.00 0.00 ? 9  DC A "H2''" 3 
ATOM 1423 H "H1'"  . DC A 1 9 ? -12.726 -8.044  2.985   1.00 0.00 ? 9  DC A "H1'"  3 
ATOM 1424 H H41    . DC A 1 9 ? -12.679 -2.164  0.662   1.00 0.00 ? 9  DC A H41    3 
ATOM 1425 H H42    . DC A 1 9 ? -12.963 -2.843  -0.921  1.00 0.00 ? 9  DC A H42    3 
ATOM 1426 H H5     . DC A 1 9 ? -12.903 -5.101  -1.496  1.00 0.00 ? 9  DC A H5     3 
ATOM 1427 H H6     . DC A 1 9 ? -13.073 -7.311  -0.473  1.00 0.00 ? 9  DC A H6     3 
ATOM 1428 O "O5'"  . DG B 2 1 ? -11.552 4.476   8.570   1.00 0.00 ? 10 DG B "O5'"  3 
ATOM 1429 C "C5'"  . DG B 2 1 ? -12.190 3.606   9.479   1.00 0.00 ? 10 DG B "C5'"  3 
ATOM 1430 C "C4'"  . DG B 2 1 ? -11.850 2.190   9.375   1.00 0.00 ? 10 DG B "C4'"  3 
ATOM 1431 O "O4'"  . DG B 2 1 ? -12.241 1.674   8.192   1.00 0.00 ? 10 DG B "O4'"  3 
ATOM 1432 C "C3'"  . DG B 2 1 ? -10.401 1.901   9.549   1.00 0.00 ? 10 DG B "C3'"  3 
ATOM 1433 O "O3'"  . DG B 2 1 ? -10.242 0.920   10.521  1.00 0.00 ? 10 DG B "O3'"  3 
ATOM 1434 C "C2'"  . DG B 2 1 ? -10.017 1.431   8.245   1.00 0.00 ? 10 DG B "C2'"  3 
ATOM 1435 C "C1'"  . DG B 2 1 ? -11.273 0.896   7.639   1.00 0.00 ? 10 DG B "C1'"  3 
ATOM 1436 N N9     . DG B 2 1 ? -11.388 0.879   6.178   1.00 0.00 ? 10 DG B N9     3 
ATOM 1437 C C8     . DG B 2 1 ? -11.080 1.815   5.227   1.00 0.00 ? 10 DG B C8     3 
ATOM 1438 N N7     . DG B 2 1 ? -11.294 1.423   4.004   1.00 0.00 ? 10 DG B N7     3 
ATOM 1439 C C5     . DG B 2 1 ? -11.700 0.103   4.128   1.00 0.00 ? 10 DG B C5     3 
ATOM 1440 C C6     . DG B 2 1 ? -12.114 -0.864  3.170   1.00 0.00 ? 10 DG B C6     3 
ATOM 1441 O O6     . DG B 2 1 ? -12.265 -0.752  1.956   1.00 0.00 ? 10 DG B O6     3 
ATOM 1442 N N1     . DG B 2 1 ? -12.451 -2.060  3.691   1.00 0.00 ? 10 DG B N1     3 
ATOM 1443 C C2     . DG B 2 1 ? -12.394 -2.338  4.996   1.00 0.00 ? 10 DG B C2     3 
ATOM 1444 N N2     . DG B 2 1 ? -12.586 -3.555  5.387   1.00 0.00 ? 10 DG B N2     3 
ATOM 1445 N N3     . DG B 2 1 ? -12.121 -1.452  5.955   1.00 0.00 ? 10 DG B N3     3 
ATOM 1446 C C4     . DG B 2 1 ? -11.768 -0.235  5.464   1.00 0.00 ? 10 DG B C4     3 
ATOM 1447 H "H5'"  . DG B 2 1 ? -13.243 3.740   9.329   1.00 0.00 ? 10 DG B "H5'"  3 
ATOM 1448 H "H5''" . DG B 2 1 ? -11.956 3.929   10.440  1.00 0.00 ? 10 DG B "H5''" 3 
ATOM 1449 H "H4'"  . DG B 2 1 ? -12.391 1.650   10.086  1.00 0.00 ? 10 DG B "H4'"  3 
ATOM 1450 H "H3'"  . DG B 2 1 ? -9.928  2.786   9.810   1.00 0.00 ? 10 DG B "H3'"  3 
ATOM 1451 H "H2'"  . DG B 2 1 ? -9.681  2.187   7.682   1.00 0.00 ? 10 DG B "H2'"  3 
ATOM 1452 H "H2''" . DG B 2 1 ? -9.329  0.692   8.382   1.00 0.00 ? 10 DG B "H2''" 3 
ATOM 1453 H "H1'"  . DG B 2 1 ? -11.385 -0.065  8.033   1.00 0.00 ? 10 DG B "H1'"  3 
ATOM 1454 H H8     . DG B 2 1 ? -10.743 2.808   5.442   1.00 0.00 ? 10 DG B H8     3 
ATOM 1455 H H1     . DG B 2 1 ? -12.583 -2.862  3.095   1.00 0.00 ? 10 DG B H1     3 
ATOM 1456 H H21    . DG B 2 1 ? -12.672 -4.323  4.745   1.00 0.00 ? 10 DG B H21    3 
ATOM 1457 H H22    . DG B 2 1 ? -12.558 -3.704  6.378   1.00 0.00 ? 10 DG B H22    3 
ATOM 1458 H H5T    . DG B 2 1 ? -11.503 5.206   8.907   1.00 0.00 ? 10 DG B H5T    3 
ATOM 1459 P P      . DA B 2 2 ? -8.840  0.557   11.149  1.00 0.00 ? 11 DA B P      3 
ATOM 1460 O OP1    . DA B 2 2 ? -9.021  0.358   12.567  1.00 0.00 ? 11 DA B OP1    3 
ATOM 1461 O OP2    . DA B 2 2 ? -7.846  1.501   10.702  1.00 0.00 ? 11 DA B OP2    3 
ATOM 1462 O "O5'"  . DA B 2 2 ? -8.464  -0.820  10.507  1.00 0.00 ? 11 DA B "O5'"  3 
ATOM 1463 C "C5'"  . DA B 2 2 ? -9.083  -1.997  10.849  1.00 0.00 ? 11 DA B "C5'"  3 
ATOM 1464 C "C4'"  . DA B 2 2 ? -8.749  -3.128  10.001  1.00 0.00 ? 11 DA B "C4'"  3 
ATOM 1465 O "O4'"  . DA B 2 2 ? -9.294  -3.036  8.736   1.00 0.00 ? 11 DA B "O4'"  3 
ATOM 1466 C "C3'"  . DA B 2 2 ? -7.358  -3.453  9.849   1.00 0.00 ? 11 DA B "C3'"  3 
ATOM 1467 O "O3'"  . DA B 2 2 ? -6.846  -4.611  10.304  1.00 0.00 ? 11 DA B "O3'"  3 
ATOM 1468 C "C2'"  . DA B 2 2 ? -7.350  -3.435  8.557   1.00 0.00 ? 11 DA B "C2'"  3 
ATOM 1469 C "C1'"  . DA B 2 2 ? -8.436  -3.326  7.814   1.00 0.00 ? 11 DA B "C1'"  3 
ATOM 1470 N N9     . DA B 2 2 ? -8.457  -2.518  6.657   1.00 0.00 ? 11 DA B N9     3 
ATOM 1471 C C8     . DA B 2 2 ? -8.260  -1.174  6.488   1.00 0.00 ? 11 DA B C8     3 
ATOM 1472 N N7     . DA B 2 2 ? -8.411  -0.767  5.270   1.00 0.00 ? 11 DA B N7     3 
ATOM 1473 C C5     . DA B 2 2 ? -8.737  -1.953  4.594   1.00 0.00 ? 11 DA B C5     3 
ATOM 1474 C C6     . DA B 2 2 ? -9.011  -2.256  3.268   1.00 0.00 ? 11 DA B C6     3 
ATOM 1475 N N6     . DA B 2 2 ? -9.083  -1.399  2.281   1.00 0.00 ? 11 DA B N6     3 
ATOM 1476 N N1     . DA B 2 2 ? -9.273  -3.484  2.887   1.00 0.00 ? 11 DA B N1     3 
ATOM 1477 C C2     . DA B 2 2 ? -9.229  -4.446  3.798   1.00 0.00 ? 11 DA B C2     3 
ATOM 1478 N N3     . DA B 2 2 ? -9.004  -4.291  5.074   1.00 0.00 ? 11 DA B N3     3 
ATOM 1479 C C4     . DA B 2 2 ? -8.750  -3.012  5.439   1.00 0.00 ? 11 DA B C4     3 
ATOM 1480 H "H5'"  . DA B 2 2 ? -10.092 -1.827  10.781  1.00 0.00 ? 11 DA B "H5'"  3 
ATOM 1481 H "H5''" . DA B 2 2 ? -8.864  -2.291  11.819  1.00 0.00 ? 11 DA B "H5''" 3 
ATOM 1482 H "H4'"  . DA B 2 2 ? -9.128  -4.005  10.497  1.00 0.00 ? 11 DA B "H4'"  3 
ATOM 1483 H "H3'"  . DA B 2 2 ? -6.907  -2.811  10.173  1.00 0.00 ? 11 DA B "H3'"  3 
ATOM 1484 H "H2'"  . DA B 2 2 ? -7.031  -2.833  8.291   1.00 0.00 ? 11 DA B "H2'"  3 
ATOM 1485 H "H2''" . DA B 2 2 ? -6.914  -4.040  8.567   1.00 0.00 ? 11 DA B "H2''" 3 
ATOM 1486 H "H1'"  . DA B 2 2 ? -8.642  -4.134  7.489   1.00 0.00 ? 11 DA B "H1'"  3 
ATOM 1487 H H8     . DA B 2 2 ? -8.067  -0.495  7.272   1.00 0.00 ? 11 DA B H8     3 
ATOM 1488 H H61    . DA B 2 2 ? -9.288  -1.783  1.383   1.00 0.00 ? 11 DA B H61    3 
ATOM 1489 H H62    . DA B 2 2 ? -8.779  -0.492  2.434   1.00 0.00 ? 11 DA B H62    3 
ATOM 1490 H H2     . DA B 2 2 ? -9.402  -5.433  3.437   1.00 0.00 ? 11 DA B H2     3 
ATOM 1491 P P      . DG B 2 3 ? -5.323  -4.857  10.651  1.00 0.00 ? 12 DG B P      3 
ATOM 1492 O OP1    . DG B 2 3 ? -5.298  -5.668  11.818  1.00 0.00 ? 12 DG B OP1    3 
ATOM 1493 O OP2    . DG B 2 3 ? -4.610  -3.582  10.628  1.00 0.00 ? 12 DG B OP2    3 
ATOM 1494 O "O5'"  . DG B 2 3 ? -4.766  -5.728  9.519   1.00 0.00 ? 12 DG B "O5'"  3 
ATOM 1495 C "C5'"  . DG B 2 3 ? -4.951  -7.087  9.434   1.00 0.00 ? 12 DG B "C5'"  3 
ATOM 1496 C "C4'"  . DG B 2 3 ? -4.517  -7.608  8.091   1.00 0.00 ? 12 DG B "C4'"  3 
ATOM 1497 O "O4'"  . DG B 2 3 ? -5.382  -7.023  7.148   1.00 0.00 ? 12 DG B "O4'"  3 
ATOM 1498 C "C3'"  . DG B 2 3 ? -3.107  -7.415  7.669   1.00 0.00 ? 12 DG B "C3'"  3 
ATOM 1499 O "O3'"  . DG B 2 3 ? -2.387  -8.418  7.292   1.00 0.00 ? 12 DG B "O3'"  3 
ATOM 1500 C "C2'"  . DG B 2 3 ? -3.335  -6.706  6.703   1.00 0.00 ? 12 DG B "C2'"  3 
ATOM 1501 C "C1'"  . DG B 2 3 ? -4.601  -6.620  6.182   1.00 0.00 ? 12 DG B "C1'"  3 
ATOM 1502 N N9     . DG B 2 3 ? -4.917  -5.339  5.547   1.00 0.00 ? 12 DG B N9     3 
ATOM 1503 C C8     . DG B 2 3 ? -4.800  -4.078  6.028   1.00 0.00 ? 12 DG B C8     3 
ATOM 1504 N N7     . DG B 2 3 ? -5.061  -3.130  5.198   1.00 0.00 ? 12 DG B N7     3 
ATOM 1505 C C5     . DG B 2 3 ? -5.383  -3.816  4.060   1.00 0.00 ? 12 DG B C5     3 
ATOM 1506 C C6     . DG B 2 3 ? -5.699  -3.368  2.747   1.00 0.00 ? 12 DG B C6     3 
ATOM 1507 O O6     . DG B 2 3 ? -5.777  -2.223  2.312   1.00 0.00 ? 12 DG B O6     3 
ATOM 1508 N N1     . DG B 2 3 ? -5.874  -4.384  1.850   1.00 0.00 ? 12 DG B N1     3 
ATOM 1509 C C2     . DG B 2 3 ? -5.792  -5.694  2.173   1.00 0.00 ? 12 DG B C2     3 
ATOM 1510 N N2     . DG B 2 3 ? -5.860  -6.552  1.188   1.00 0.00 ? 12 DG B N2     3 
ATOM 1511 N N3     . DG B 2 3 ? -5.537  -6.153  3.377   1.00 0.00 ? 12 DG B N3     3 
ATOM 1512 C C4     . DG B 2 3 ? -5.333  -5.168  4.266   1.00 0.00 ? 12 DG B C4     3 
ATOM 1513 H "H5'"  . DG B 2 3 ? -5.990  -7.211  9.509   1.00 0.00 ? 12 DG B "H5'"  3 
ATOM 1514 H "H5''" . DG B 2 3 ? -4.451  -7.605  10.209  1.00 0.00 ? 12 DG B "H5''" 3 
ATOM 1515 H "H4'"  . DG B 2 3 ? -4.639  -8.666  8.093   1.00 0.00 ? 12 DG B "H4'"  3 
ATOM 1516 H "H3'"  . DG B 2 3 ? -2.670  -6.990  8.277   1.00 0.00 ? 12 DG B "H3'"  3 
ATOM 1517 H "H2'"  . DG B 2 3 ? -3.201  -6.060  6.821   1.00 0.00 ? 12 DG B "H2'"  3 
ATOM 1518 H "H2''" . DG B 2 3 ? -2.801  -7.033  6.280   1.00 0.00 ? 12 DG B "H2''" 3 
ATOM 1519 H "H1'"  . DG B 2 3 ? -4.679  -7.322  5.489   1.00 0.00 ? 12 DG B "H1'"  3 
ATOM 1520 H H8     . DG B 2 3 ? -4.549  -3.958  7.034   1.00 0.00 ? 12 DG B H8     3 
ATOM 1521 H H1     . DG B 2 3 ? -5.967  -4.109  0.887   1.00 0.00 ? 12 DG B H1     3 
ATOM 1522 H H21    . DG B 2 3 ? -5.833  -6.246  0.237   1.00 0.00 ? 12 DG B H21    3 
ATOM 1523 H H22    . DG B 2 3 ? -5.766  -7.499  1.359   1.00 0.00 ? 12 DG B H22    3 
ATOM 1524 P P      . DC B 2 4 ? -0.853  -8.423  7.040   1.00 0.00 ? 13 DC B P      3 
ATOM 1525 O OP1    . DC B 2 4 ? -0.282  -9.648  7.560   1.00 0.00 ? 13 DC B OP1    3 
ATOM 1526 O OP2    . DC B 2 4 ? -0.311  -7.175  7.569   1.00 0.00 ? 13 DC B OP2    3 
ATOM 1527 O "O5'"  . DC B 2 4 ? -0.669  -8.372  5.440   1.00 0.00 ? 13 DC B "O5'"  3 
ATOM 1528 C "C5'"  . DC B 2 4 ? -0.826  -9.521  4.648   1.00 0.00 ? 13 DC B "C5'"  3 
ATOM 1529 C "C4'"  . DC B 2 4 ? -0.710  -9.210  3.145   1.00 0.00 ? 13 DC B "C4'"  3 
ATOM 1530 O "O4'"  . DC B 2 4 ? -1.836  -8.447  2.733   1.00 0.00 ? 13 DC B "O4'"  3 
ATOM 1531 C "C3'"  . DC B 2 4 ? 0.544   -8.475  2.717   1.00 0.00 ? 13 DC B "C3'"  3 
ATOM 1532 O "O3'"  . DC B 2 4 ? 1.321   -9.311  1.871   1.00 0.00 ? 13 DC B "O3'"  3 
ATOM 1533 C "C2'"  . DC B 2 4 ? 0.042   -7.270  1.972   1.00 0.00 ? 13 DC B "C2'"  3 
ATOM 1534 C "C1'"  . DC B 2 4 ? -1.441  -7.456  1.796   1.00 0.00 ? 13 DC B "C1'"  3 
ATOM 1535 N N1     . DC B 2 4 ? -2.047  -6.154  2.116   1.00 0.00 ? 13 DC B N1     3 
ATOM 1536 C C2     . DC B 2 4 ? -2.225  -5.251  1.072   1.00 0.00 ? 13 DC B C2     3 
ATOM 1537 O O2     . DC B 2 4 ? -2.267  -5.584  -0.091  1.00 0.00 ? 13 DC B O2     3 
ATOM 1538 N N3     . DC B 2 4 ? -2.386  -3.942  1.355   1.00 0.00 ? 13 DC B N3     3 
ATOM 1539 C C4     . DC B 2 4 ? -2.270  -3.526  2.576   1.00 0.00 ? 13 DC B C4     3 
ATOM 1540 N N4     . DC B 2 4 ? -2.438  -2.253  2.771   1.00 0.00 ? 13 DC B N4     3 
ATOM 1541 C C5     . DC B 2 4 ? -2.015  -4.406  3.654   1.00 0.00 ? 13 DC B C5     3 
ATOM 1542 C C6     . DC B 2 4 ? -1.961  -5.728  3.376   1.00 0.00 ? 13 DC B C6     3 
ATOM 1543 H "H5'"  . DC B 2 4 ? -1.783  -9.979  4.863   1.00 0.00 ? 13 DC B "H5'"  3 
ATOM 1544 H "H5''" . DC B 2 4 ? -0.075  -10.255 4.894   1.00 0.00 ? 13 DC B "H5''" 3 
ATOM 1545 H "H4'"  . DC B 2 4 ? -0.724  -10.160 2.624   1.00 0.00 ? 13 DC B "H4'"  3 
ATOM 1546 H "H3'"  . DC B 2 4 ? 1.155   -8.205  3.550   1.00 0.00 ? 13 DC B "H3'"  3 
ATOM 1547 H "H2'"  . DC B 2 4 ? 0.223   -6.410  2.594   1.00 0.00 ? 13 DC B "H2'"  3 
ATOM 1548 H "H2''" . DC B 2 4 ? 0.537   -7.210  1.010   1.00 0.00 ? 13 DC B "H2''" 3 
ATOM 1549 H "H1'"  . DC B 2 4 ? -1.654  -7.746  0.781   1.00 0.00 ? 13 DC B "H1'"  3 
ATOM 1550 H H41    . DC B 2 4 ? -2.731  -1.718  1.975   1.00 0.00 ? 13 DC B H41    3 
ATOM 1551 H H42    . DC B 2 4 ? -2.397  -1.860  3.690   1.00 0.00 ? 13 DC B H42    3 
ATOM 1552 H H5     . DC B 2 4 ? -1.846  -4.100  4.665   1.00 0.00 ? 13 DC B H5     3 
ATOM 1553 H H6     . DC B 2 4 ? -1.640  -6.384  4.150   1.00 0.00 ? 13 DC B H6     3 
ATOM 1554 P P      . DT B 2 5 ? 2.741   -8.995  1.237   1.00 0.00 ? 14 DT B P      3 
ATOM 1555 O OP1    . DT B 2 5 ? 3.388   -10.305 1.077   1.00 0.00 ? 14 DT B OP1    3 
ATOM 1556 O OP2    . DT B 2 5 ? 3.394   -7.976  2.057   1.00 0.00 ? 14 DT B OP2    3 
ATOM 1557 O "O5'"  . DT B 2 5 ? 2.506   -8.333  -0.201  1.00 0.00 ? 14 DT B "O5'"  3 
ATOM 1558 C "C5'"  . DT B 2 5 ? 1.913   -9.015  -1.261  1.00 0.00 ? 14 DT B "C5'"  3 
ATOM 1559 C "C4'"  . DT B 2 5 ? 1.807   -8.179  -2.535  1.00 0.00 ? 14 DT B "C4'"  3 
ATOM 1560 O "O4'"  . DT B 2 5 ? 1.090   -6.992  -2.354  1.00 0.00 ? 14 DT B "O4'"  3 
ATOM 1561 C "C3'"  . DT B 2 5 ? 3.183   -7.835  -3.101  1.00 0.00 ? 14 DT B "C3'"  3 
ATOM 1562 O "O3'"  . DT B 2 5 ? 3.112   -8.041  -4.510  1.00 0.00 ? 14 DT B "O3'"  3 
ATOM 1563 C "C2'"  . DT B 2 5 ? 3.322   -6.404  -2.696  1.00 0.00 ? 14 DT B "C2'"  3 
ATOM 1564 C "C1'"  . DT B 2 5 ? 1.891   -5.907  -2.719  1.00 0.00 ? 14 DT B "C1'"  3 
ATOM 1565 N N1     . DT B 2 5 ? 1.624   -4.770  -1.795  1.00 0.00 ? 14 DT B N1     3 
ATOM 1566 C C2     . DT B 2 5 ? 1.132   -3.591  -2.325  1.00 0.00 ? 14 DT B C2     3 
ATOM 1567 O O2     . DT B 2 5 ? 0.958   -3.459  -3.525  1.00 0.00 ? 14 DT B O2     3 
ATOM 1568 N N3     . DT B 2 5 ? 0.812   -2.592  -1.435  1.00 0.00 ? 14 DT B N3     3 
ATOM 1569 C C4     . DT B 2 5 ? 0.901   -2.689  -0.067  1.00 0.00 ? 14 DT B C4     3 
ATOM 1570 O O4     . DT B 2 5 ? 0.472   -1.804  0.644   1.00 0.00 ? 14 DT B O4     3 
ATOM 1571 C C5     . DT B 2 5 ? 1.491   -3.920  0.406   1.00 0.00 ? 14 DT B C5     3 
ATOM 1572 C C7     . DT B 2 5 ? 1.711   -4.127  1.891   1.00 0.00 ? 14 DT B C7     3 
ATOM 1573 C C6     . DT B 2 5 ? 1.847   -4.919  -0.446  1.00 0.00 ? 14 DT B C6     3 
ATOM 1574 H "H5'"  . DT B 2 5 ? 0.934   -9.305  -0.970  1.00 0.00 ? 14 DT B "H5'"  3 
ATOM 1575 H "H5''" . DT B 2 5 ? 2.516   -9.857  -1.515  1.00 0.00 ? 14 DT B "H5''" 3 
ATOM 1576 H "H4'"  . DT B 2 5 ? 1.213   -8.717  -3.266  1.00 0.00 ? 14 DT B "H4'"  3 
ATOM 1577 H "H3'"  . DT B 2 5 ? 3.938   -8.463  -2.634  1.00 0.00 ? 14 DT B "H3'"  3 
ATOM 1578 H "H2'"  . DT B 2 5 ? 3.721   -6.333  -1.696  1.00 0.00 ? 14 DT B "H2'"  3 
ATOM 1579 H "H2''" . DT B 2 5 ? 3.895   -5.742  -3.329  1.00 0.00 ? 14 DT B "H2''" 3 
ATOM 1580 H "H1'"  . DT B 2 5 ? 1.675   -5.661  -3.751  1.00 0.00 ? 14 DT B "H1'"  3 
ATOM 1581 H H3     . DT B 2 5 ? 0.453   -1.760  -1.825  1.00 0.00 ? 14 DT B H3     3 
ATOM 1582 H H71    . DT B 2 5 ? 1.792   -3.785  2.358   1.00 0.00 ? 14 DT B H71    3 
ATOM 1583 H H72    . DT B 2 5 ? 1.377   -4.411  2.319   1.00 0.00 ? 14 DT B H72    3 
ATOM 1584 H H73    . DT B 2 5 ? 2.132   -4.344  2.158   1.00 0.00 ? 14 DT B H73    3 
ATOM 1585 H H6     . DT B 2 5 ? 2.233   -5.855  -0.082  1.00 0.00 ? 14 DT B H6     3 
ATOM 1586 P P      . DC B 2 6 ? 4.431   -8.006  -5.417  1.00 0.00 ? 15 DC B P      3 
ATOM 1587 O OP1    . DC B 2 6 ? 4.074   -8.740  -6.644  1.00 0.00 ? 15 DC B OP1    3 
ATOM 1588 O OP2    . DC B 2 6 ? 5.567   -8.461  -4.642  1.00 0.00 ? 15 DC B OP2    3 
ATOM 1589 O "O5'"  . DC B 2 6 ? 4.633   -6.495  -5.756  1.00 0.00 ? 15 DC B "O5'"  3 
ATOM 1590 C "C5'"  . DC B 2 6 ? 3.809   -5.852  -6.660  1.00 0.00 ? 15 DC B "C5'"  3 
ATOM 1591 C "C4'"  . DC B 2 6 ? 4.057   -4.325  -6.676  1.00 0.00 ? 15 DC B "C4'"  3 
ATOM 1592 O "O4'"  . DC B 2 6 ? 3.606   -3.686  -5.493  1.00 0.00 ? 15 DC B "O4'"  3 
ATOM 1593 C "C3'"  . DC B 2 6 ? 5.489   -3.826  -6.881  1.00 0.00 ? 15 DC B "C3'"  3 
ATOM 1594 O "O3'"  . DC B 2 6 ? 5.516   -2.880  -7.892  1.00 0.00 ? 15 DC B "O3'"  3 
ATOM 1595 C "C2'"  . DC B 2 6 ? 5.827   -3.164  -5.597  1.00 0.00 ? 15 DC B "C2'"  3 
ATOM 1596 C "C1'"  . DC B 2 6 ? 4.478   -2.672  -5.118  1.00 0.00 ? 15 DC B "C1'"  3 
ATOM 1597 N N1     . DC B 2 6 ? 4.346   -2.339  -3.678  1.00 0.00 ? 15 DC B N1     3 
ATOM 1598 C C2     . DC B 2 6 ? 3.748   -1.106  -3.377  1.00 0.00 ? 15 DC B C2     3 
ATOM 1599 O O2     . DC B 2 6 ? 3.347   -0.357  -4.256  1.00 0.00 ? 15 DC B O2     3 
ATOM 1600 N N3     . DC B 2 6 ? 3.609   -0.652  -2.133  1.00 0.00 ? 15 DC B N3     3 
ATOM 1601 C C4     . DC B 2 6 ? 4.094   -1.350  -1.168  1.00 0.00 ? 15 DC B C4     3 
ATOM 1602 N N4     . DC B 2 6 ? 3.923   -0.860  0.009   1.00 0.00 ? 15 DC B N4     3 
ATOM 1603 C C5     . DC B 2 6 ? 4.817   -2.538  -1.398  1.00 0.00 ? 15 DC B C5     3 
ATOM 1604 C C6     . DC B 2 6 ? 4.905   -2.995  -2.661  1.00 0.00 ? 15 DC B C6     3 
ATOM 1605 H "H5'"  . DC B 2 6 ? 2.786   -6.038  -6.482  1.00 0.00 ? 15 DC B "H5'"  3 
ATOM 1606 H "H5''" . DC B 2 6 ? 4.014   -6.261  -7.614  1.00 0.00 ? 15 DC B "H5''" 3 
ATOM 1607 H "H4'"  . DC B 2 6 ? 3.454   -3.951  -7.469  1.00 0.00 ? 15 DC B "H4'"  3 
ATOM 1608 H "H3'"  . DC B 2 6 ? 6.144   -4.635  -7.095  1.00 0.00 ? 15 DC B "H3'"  3 
ATOM 1609 H "H2'"  . DC B 2 6 ? 6.203   -3.850  -4.940  1.00 0.00 ? 15 DC B "H2'"  3 
ATOM 1610 H "H2''" . DC B 2 6 ? 6.477   -2.395  -5.752  1.00 0.00 ? 15 DC B "H2''" 3 
ATOM 1611 H "H1'"  . DC B 2 6 ? 4.233   -1.829  -5.680  1.00 0.00 ? 15 DC B "H1'"  3 
ATOM 1612 H H41    . DC B 2 6 ? 3.440   0.004   0.060   1.00 0.00 ? 15 DC B H41    3 
ATOM 1613 H H42    . DC B 2 6 ? 4.317   -1.327  0.757   1.00 0.00 ? 15 DC B H42    3 
ATOM 1614 H H5     . DC B 2 6 ? 5.226   -3.090  -0.592  1.00 0.00 ? 15 DC B H5     3 
ATOM 1615 H H6     . DC B 2 6 ? 5.420   -3.900  -2.865  1.00 0.00 ? 15 DC B H6     3 
ATOM 1616 P P      . DC B 2 7 ? 6.804   -2.488  -8.732  1.00 0.00 ? 16 DC B P      3 
ATOM 1617 O OP1    . DC B 2 7 ? 6.507   -2.853  -10.097 1.00 0.00 ? 16 DC B OP1    3 
ATOM 1618 O OP2    . DC B 2 7 ? 7.990   -3.007  -8.093  1.00 0.00 ? 16 DC B OP2    3 
ATOM 1619 O "O5'"  . DC B 2 7 ? 6.896   -0.916  -8.605  1.00 0.00 ? 16 DC B "O5'"  3 
ATOM 1620 C "C5'"  . DC B 2 7 ? 6.096   -0.045  -9.399  1.00 0.00 ? 16 DC B "C5'"  3 
ATOM 1621 C "C4'"  . DC B 2 7 ? 6.377   1.404   -9.098  1.00 0.00 ? 16 DC B "C4'"  3 
ATOM 1622 O "O4'"  . DC B 2 7 ? 5.751   1.722   -7.960  1.00 0.00 ? 16 DC B "O4'"  3 
ATOM 1623 C "C3'"  . DC B 2 7 ? 7.803   1.739   -8.895  1.00 0.00 ? 16 DC B "C3'"  3 
ATOM 1624 O "O3'"  . DC B 2 7 ? 8.351   2.702   -9.686  1.00 0.00 ? 16 DC B "O3'"  3 
ATOM 1625 C "C2'"  . DC B 2 7 ? 7.816   2.187   -7.643  1.00 0.00 ? 16 DC B "C2'"  3 
ATOM 1626 C "C1'"  . DC B 2 7 ? 6.542   2.407   -7.146  1.00 0.00 ? 16 DC B "C1'"  3 
ATOM 1627 N N1     . DC B 2 7 ? 6.453   1.989   -5.752  1.00 0.00 ? 16 DC B N1     3 
ATOM 1628 C C2     . DC B 2 7 ? 6.069   2.874   -4.774  1.00 0.00 ? 16 DC B C2     3 
ATOM 1629 O O2     . DC B 2 7 ? 5.650   3.986   -5.033  1.00 0.00 ? 16 DC B O2     3 
ATOM 1630 N N3     . DC B 2 7 ? 6.201   2.579   -3.502  1.00 0.00 ? 16 DC B N3     3 
ATOM 1631 C C4     . DC B 2 7 ? 6.741   1.439   -3.207  1.00 0.00 ? 16 DC B C4     3 
ATOM 1632 N N4     . DC B 2 7 ? 6.894   1.186   -1.980  1.00 0.00 ? 16 DC B N4     3 
ATOM 1633 C C5     . DC B 2 7 ? 7.201   0.553   -4.142  1.00 0.00 ? 16 DC B C5     3 
ATOM 1634 C C6     . DC B 2 7 ? 7.022   0.834   -5.372  1.00 0.00 ? 16 DC B C6     3 
ATOM 1635 H "H5'"  . DC B 2 7 ? 5.071   -0.220  -9.206  1.00 0.00 ? 16 DC B "H5'"  3 
ATOM 1636 H "H5''" . DC B 2 7 ? 6.325   -0.162  -10.415 1.00 0.00 ? 16 DC B "H5''" 3 
ATOM 1637 H "H4'"  . DC B 2 7 ? 5.994   2.014   -9.880  1.00 0.00 ? 16 DC B "H4'"  3 
ATOM 1638 H "H3'"  . DC B 2 7 ? 8.290   0.924   -8.972  1.00 0.00 ? 16 DC B "H3'"  3 
ATOM 1639 H "H2'"  . DC B 2 7 ? 8.121   1.584   -7.058  1.00 0.00 ? 16 DC B "H2'"  3 
ATOM 1640 H "H2''" . DC B 2 7 ? 8.320   2.929   -7.740  1.00 0.00 ? 16 DC B "H2''" 3 
ATOM 1641 H "H1'"  . DC B 2 7 ? 6.317   3.360   -7.270  1.00 0.00 ? 16 DC B "H1'"  3 
ATOM 1642 H H41    . DC B 2 7 ? 6.535   1.813   -1.292  1.00 0.00 ? 16 DC B H41    3 
ATOM 1643 H H42    . DC B 2 7 ? 7.203   0.265   -1.779  1.00 0.00 ? 16 DC B H42    3 
ATOM 1644 H H5     . DC B 2 7 ? 7.719   -0.345  -3.930  1.00 0.00 ? 16 DC B H5     3 
ATOM 1645 H H6     . DC B 2 7 ? 7.410   0.215   -6.095  1.00 0.00 ? 16 DC B H6     3 
ATOM 1646 P P      . DA B 2 8 ? 9.886   2.905   -9.876  1.00 0.00 ? 17 DA B P      3 
ATOM 1647 O OP1    . DA B 2 8 ? 10.035  3.718   -11.043 1.00 0.00 ? 17 DA B OP1    3 
ATOM 1648 O OP2    . DA B 2 8 ? 10.511  1.585   -9.851  1.00 0.00 ? 17 DA B OP2    3 
ATOM 1649 O "O5'"  . DA B 2 8 ? 10.341  3.773   -8.578  1.00 0.00 ? 17 DA B "O5'"  3 
ATOM 1650 C "C5'"  . DA B 2 8 ? 9.942   5.084   -8.432  1.00 0.00 ? 17 DA B "C5'"  3 
ATOM 1651 C "C4'"  . DA B 2 8 ? 10.292  5.717   -7.103  1.00 0.00 ? 17 DA B "C4'"  3 
ATOM 1652 O "O4'"  . DA B 2 8 ? 9.672   5.016   -6.022  1.00 0.00 ? 17 DA B "O4'"  3 
ATOM 1653 C "C3'"  . DA B 2 8 ? 11.765  5.686   -6.746  1.00 0.00 ? 17 DA B "C3'"  3 
ATOM 1654 O "O3'"  . DA B 2 8 ? 12.388  6.806   -6.983  1.00 0.00 ? 17 DA B "O3'"  3 
ATOM 1655 C "C2'"  . DA B 2 8 ? 11.657  5.446   -5.427  1.00 0.00 ? 17 DA B "C2'"  3 
ATOM 1656 C "C1'"  . DA B 2 8 ? 10.321  5.307   -4.935  1.00 0.00 ? 17 DA B "C1'"  3 
ATOM 1657 N N9     . DA B 2 8 ? 10.189  4.371   -3.813  1.00 0.00 ? 17 DA B N9     3 
ATOM 1658 C C8     . DA B 2 8 ? 10.556  3.098   -3.747  1.00 0.00 ? 17 DA B C8     3 
ATOM 1659 N N7     . DA B 2 8 ? 10.352  2.497   -2.633  1.00 0.00 ? 17 DA B N7     3 
ATOM 1660 C C5     . DA B 2 8 ? 9.790   3.486   -1.889  1.00 0.00 ? 17 DA B C5     3 
ATOM 1661 C C6     . DA B 2 8 ? 9.301   3.513   -0.566  1.00 0.00 ? 17 DA B C6     3 
ATOM 1662 N N6     . DA B 2 8 ? 9.323   2.515   0.281   1.00 0.00 ? 17 DA B N6     3 
ATOM 1663 N N1     . DA B 2 8 ? 8.831   4.616   -0.088  1.00 0.00 ? 17 DA B N1     3 
ATOM 1664 C C2     . DA B 2 8 ? 8.766   5.664   -0.888  1.00 0.00 ? 17 DA B C2     3 
ATOM 1665 N N3     . DA B 2 8 ? 9.175   5.783   -2.149  1.00 0.00 ? 17 DA B N3     3 
ATOM 1666 C C4     . DA B 2 8 ? 9.691   4.620   -2.575  1.00 0.00 ? 17 DA B C4     3 
ATOM 1667 H "H5'"  . DA B 2 8 ? 8.881   5.198   -8.529  1.00 0.00 ? 17 DA B "H5'"  3 
ATOM 1668 H "H5''" . DA B 2 8 ? 10.354  5.698   -9.211  1.00 0.00 ? 17 DA B "H5''" 3 
ATOM 1669 H "H4'"  . DA B 2 8 ? 10.009  6.756   -7.146  1.00 0.00 ? 17 DA B "H4'"  3 
ATOM 1670 H "H3'"  . DA B 2 8 ? 12.275  5.005   -7.188  1.00 0.00 ? 17 DA B "H3'"  3 
ATOM 1671 H "H2'"  . DA B 2 8 ? 12.040  4.753   -5.234  1.00 0.00 ? 17 DA B "H2'"  3 
ATOM 1672 H "H2''" . DA B 2 8 ? 11.997  6.065   -5.038  1.00 0.00 ? 17 DA B "H2''" 3 
ATOM 1673 H "H1'"  . DA B 2 8 ? 9.982   6.164   -4.646  1.00 0.00 ? 17 DA B "H1'"  3 
ATOM 1674 H H8     . DA B 2 8 ? 11.015  2.686   -4.587  1.00 0.00 ? 17 DA B H8     3 
ATOM 1675 H H61    . DA B 2 8 ? 8.790   2.632   1.101   1.00 0.00 ? 17 DA B H61    3 
ATOM 1676 H H62    . DA B 2 8 ? 9.581   1.621   -0.038  1.00 0.00 ? 17 DA B H62    3 
ATOM 1677 H H2     . DA B 2 8 ? 8.389   6.556   -0.494  1.00 0.00 ? 17 DA B H2     3 
ATOM 1678 P P      . DT B 2 9 ? 13.777  7.302   -6.980  1.00 0.00 ? 18 DT B P      3 
ATOM 1679 O OP1    . DT B 2 9 ? 13.989  8.110   -8.083  1.00 0.00 ? 18 DT B OP1    3 
ATOM 1680 O OP2    . DT B 2 9 ? 14.688  6.228   -6.774  1.00 0.00 ? 18 DT B OP2    3 
ATOM 1681 O "O5'"  . DT B 2 9 ? 13.671  8.210   -5.680  1.00 0.00 ? 18 DT B "O5'"  3 
ATOM 1682 C "C5'"  . DT B 2 9 ? 12.958  9.425   -5.644  1.00 0.00 ? 18 DT B "C5'"  3 
ATOM 1683 C "C4'"  . DT B 2 9 ? 12.708  9.918   -4.230  1.00 0.00 ? 18 DT B "C4'"  3 
ATOM 1684 O "O4'"  . DT B 2 9 ? 11.837  9.006   -3.561  1.00 0.00 ? 18 DT B "O4'"  3 
ATOM 1685 C "C3'"  . DT B 2 9 ? 13.943  10.160  -3.359  1.00 0.00 ? 18 DT B "C3'"  3 
ATOM 1686 O "O3'"  . DT B 2 9 ? 14.425  11.500  -3.335  1.00 0.00 ? 18 DT B "O3'"  3 
ATOM 1687 C "C2'"  . DT B 2 9 ? 13.401  9.789   -2.005  1.00 0.00 ? 18 DT B "C2'"  3 
ATOM 1688 C "C1'"  . DT B 2 9 ? 12.148  8.983   -2.208  1.00 0.00 ? 18 DT B "C1'"  3 
ATOM 1689 N N1     . DT B 2 9 ? 12.367  7.602   -1.750  1.00 0.00 ? 18 DT B N1     3 
ATOM 1690 C C2     . DT B 2 9 ? 11.908  7.226   -0.497  1.00 0.00 ? 18 DT B C2     3 
ATOM 1691 O O2     . DT B 2 9 ? 11.280  7.939   0.266   1.00 0.00 ? 18 DT B O2     3 
ATOM 1692 N N3     . DT B 2 9 ? 12.209  5.970   -0.085  1.00 0.00 ? 18 DT B N3     3 
ATOM 1693 C C4     . DT B 2 9 ? 12.928  5.078   -0.790  1.00 0.00 ? 18 DT B C4     3 
ATOM 1694 O O4     . DT B 2 9 ? 13.058  3.949   -0.319  1.00 0.00 ? 18 DT B O4     3 
ATOM 1695 C C5     . DT B 2 9 ? 13.392  5.558   -2.102  1.00 0.00 ? 18 DT B C5     3 
ATOM 1696 C C7     . DT B 2 9 ? 14.264  4.711   -2.993  1.00 0.00 ? 18 DT B C7     3 
ATOM 1697 C C6     . DT B 2 9 ? 13.118  6.778   -2.506  1.00 0.00 ? 18 DT B C6     3 
ATOM 1698 H "H5'"  . DT B 2 9 ? 12.002  9.246   -6.092  1.00 0.00 ? 18 DT B "H5'"  3 
ATOM 1699 H "H5''" . DT B 2 9 ? 13.444  10.188  -6.211  1.00 0.00 ? 18 DT B "H5''" 3 
ATOM 1700 H "H4'"  . DT B 2 9 ? 12.217  10.872  -4.314  1.00 0.00 ? 18 DT B "H4'"  3 
ATOM 1701 H "H3'"  . DT B 2 9 ? 14.696  9.450   -3.642  1.00 0.00 ? 18 DT B "H3'"  3 
ATOM 1702 H "HO3'" . DT B 2 9 ? 14.404  11.888  -2.788  1.00 0.00 ? 18 DT B "HO3'" 3 
ATOM 1703 H "H2'"  . DT B 2 9 ? 14.117  9.242   -1.498  1.00 0.00 ? 18 DT B "H2'"  3 
ATOM 1704 H "H2''" . DT B 2 9 ? 13.155  10.614  -1.413  1.00 0.00 ? 18 DT B "H2''" 3 
ATOM 1705 H "H1'"  . DT B 2 9 ? 11.379  9.425   -1.621  1.00 0.00 ? 18 DT B "H1'"  3 
ATOM 1706 H H3     . DT B 2 9 ? 11.821  5.671   0.785   1.00 0.00 ? 18 DT B H3     3 
ATOM 1707 H H71    . DT B 2 9 ? 13.720  3.860   -3.298  1.00 0.00 ? 18 DT B H71    3 
ATOM 1708 H H72    . DT B 2 9 ? 14.650  5.259   -3.837  1.00 0.00 ? 18 DT B H72    3 
ATOM 1709 H H73    . DT B 2 9 ? 15.110  4.416   -2.434  1.00 0.00 ? 18 DT B H73    3 
ATOM 1710 H H6     . DT B 2 9 ? 13.434  7.115   -3.476  1.00 0.00 ? 18 DT B H6     3 
# 
